data_3Q9H
# 
_entry.id   3Q9H 
# 
_audit_conform.dict_name       mmcif_pdbx.dic 
_audit_conform.dict_version    5.381 
_audit_conform.dict_location   http://mmcif.pdb.org/dictionaries/ascii/mmcif_pdbx.dic 
# 
loop_
_database_2.database_id 
_database_2.database_code 
_database_2.pdbx_database_accession 
_database_2.pdbx_DOI 
PDB   3Q9H         pdb_00003q9h 10.2210/pdb3q9h/pdb 
RCSB  RCSB063362   ?            ?                   
WWPDB D_1000063362 ?            ?                   
# 
loop_
_pdbx_database_related.db_name 
_pdbx_database_related.db_id 
_pdbx_database_related.details 
_pdbx_database_related.content_type 
PDB 3Q9G . unspecified 
PDB 3Q9I . unspecified 
PDB 3Q9J . unspecified 
# 
_pdbx_database_status.entry_id                        3Q9H 
_pdbx_database_status.status_code                     REL 
_pdbx_database_status.deposit_site                    RCSB 
_pdbx_database_status.process_site                    RCSB 
_pdbx_database_status.recvd_initial_deposition_date   2011-01-07 
_pdbx_database_status.status_code_sf                  REL 
_pdbx_database_status.status_code_mr                  ? 
_pdbx_database_status.SG_entry                        ? 
_pdbx_database_status.status_code_cs                  ? 
_pdbx_database_status.pdb_format_compatible           Y 
_pdbx_database_status.status_code_nmr_data            ? 
_pdbx_database_status.methods_development_category    ? 
# 
loop_
_audit_author.name 
_audit_author.pdbx_ordinal 
'Liu, C.'       1 
'Sawaya, M.R.'  2 
'Eisenberg, D.' 3 
'Nowick, J.S.'  4 
'Cheng, P.'     5 
'Zheng, J.'     6 
# 
_citation.id                        primary 
_citation.title                     
'Characteristics of Amyloid-Related Oligomers Revealed by Crystal Structures of Macrocyclic beta-Sheet Mimics.' 
_citation.journal_abbrev            J.Am.Chem.Soc. 
_citation.journal_volume            133 
_citation.page_first                6736 
_citation.page_last                 6744 
_citation.year                      2011 
_citation.journal_id_ASTM           JACSAT 
_citation.country                   US 
_citation.journal_id_ISSN           0002-7863 
_citation.journal_id_CSD            0004 
_citation.book_publisher            ? 
_citation.pdbx_database_id_PubMed   21473620 
_citation.pdbx_database_id_DOI      10.1021/ja200222n 
# 
loop_
_citation_author.citation_id 
_citation_author.name 
_citation_author.ordinal 
_citation_author.identifier_ORCID 
primary 'Liu, C.'       1 ? 
primary 'Sawaya, M.R.'  2 ? 
primary 'Cheng, P.N.'   3 ? 
primary 'Zheng, J.'     4 ? 
primary 'Nowick, J.S.'  5 ? 
primary 'Eisenberg, D.' 6 ? 
# 
_cell.length_a           57.860 
_cell.length_b           57.860 
_cell.length_c           129.738 
_cell.angle_alpha        90.000 
_cell.angle_beta         90.000 
_cell.angle_gamma        90.000 
_cell.entry_id           3Q9H 
_cell.pdbx_unique_axis   ? 
_cell.Z_PDB              64 
_cell.length_a_esd       ? 
_cell.length_b_esd       ? 
_cell.length_c_esd       ? 
_cell.angle_alpha_esd    ? 
_cell.angle_beta_esd     ? 
_cell.angle_gamma_esd    ? 
# 
_symmetry.space_group_name_H-M             'P 43 21 2' 
_symmetry.entry_id                         3Q9H 
_symmetry.Int_Tables_number                96 
_symmetry.pdbx_full_space_group_name_H-M   ? 
_symmetry.cell_setting                     ? 
_symmetry.space_group_name_Hall            ? 
# 
loop_
_entity.id 
_entity.type 
_entity.src_method 
_entity.pdbx_description 
_entity.formula_weight 
_entity.pdbx_number_of_molecules 
_entity.pdbx_ec 
_entity.pdbx_mutation 
_entity.pdbx_fragment 
_entity.details 
1 polymer     syn 'Cyclic pseudo-peptide LVFFA(ORN)(HAO)LK(ORN)' 1301.554 8  ? ? ? 
;LVFFA segment from Alzheimer's Amyloid-Beta displayed on 42-membered macrocycle scaffold
;
2 non-polymer syn 'SULFATE ION'                                  96.063   6  ? ? ? ? 
3 non-polymer syn GLYCEROL                                       92.094   5  ? ? ? ? 
4 non-polymer syn 1,4-BUTANEDIOL                                 90.121   11 ? ? ? ? 
5 water       nat water                                          18.015   30 ? ? ? ? 
# 
_entity_poly.entity_id                      1 
_entity_poly.type                           'polypeptide(L)' 
_entity_poly.nstd_linkage                   no 
_entity_poly.nstd_monomer                   yes 
_entity_poly.pdbx_seq_one_letter_code       'LVFFA(ORN)(HAO)LK(ORN)' 
_entity_poly.pdbx_seq_one_letter_code_can   LVFFAAXLKA 
_entity_poly.pdbx_strand_id                 A,B,C,D,E,F,G,H 
_entity_poly.pdbx_target_identifier         ? 
# 
loop_
_entity_poly_seq.entity_id 
_entity_poly_seq.num 
_entity_poly_seq.mon_id 
_entity_poly_seq.hetero 
1 1  LEU n 
1 2  VAL n 
1 3  PHE n 
1 4  PHE n 
1 5  ALA n 
1 6  ORN n 
1 7  HAO n 
1 8  LEU n 
1 9  LYS n 
1 10 ORN n 
# 
_struct_ref.id                         1 
_struct_ref.db_name                    PDB 
_struct_ref.db_code                    3Q9H 
_struct_ref.pdbx_db_accession          3Q9H 
_struct_ref.entity_id                  1 
_struct_ref.pdbx_align_begin           ? 
_struct_ref.pdbx_seq_one_letter_code   ? 
_struct_ref.pdbx_db_isoform            ? 
# 
loop_
_struct_ref_seq.align_id 
_struct_ref_seq.ref_id 
_struct_ref_seq.pdbx_PDB_id_code 
_struct_ref_seq.pdbx_strand_id 
_struct_ref_seq.seq_align_beg 
_struct_ref_seq.pdbx_seq_align_beg_ins_code 
_struct_ref_seq.seq_align_end 
_struct_ref_seq.pdbx_seq_align_end_ins_code 
_struct_ref_seq.pdbx_db_accession 
_struct_ref_seq.db_align_beg 
_struct_ref_seq.pdbx_db_align_beg_ins_code 
_struct_ref_seq.db_align_end 
_struct_ref_seq.pdbx_db_align_end_ins_code 
_struct_ref_seq.pdbx_auth_seq_align_beg 
_struct_ref_seq.pdbx_auth_seq_align_end 
1 1 3Q9H A 1 ? 10 ? 3Q9H 1 ? 10 ? 1 10 
2 1 3Q9H B 1 ? 10 ? 3Q9H 1 ? 10 ? 1 10 
3 1 3Q9H C 1 ? 10 ? 3Q9H 1 ? 10 ? 1 10 
4 1 3Q9H D 1 ? 10 ? 3Q9H 1 ? 10 ? 1 10 
5 1 3Q9H E 1 ? 10 ? 3Q9H 1 ? 10 ? 1 10 
6 1 3Q9H F 1 ? 10 ? 3Q9H 1 ? 10 ? 1 10 
7 1 3Q9H G 1 ? 10 ? 3Q9H 1 ? 10 ? 1 10 
8 1 3Q9H H 1 ? 10 ? 3Q9H 1 ? 10 ? 1 10 
# 
loop_
_chem_comp.id 
_chem_comp.type 
_chem_comp.mon_nstd_flag 
_chem_comp.name 
_chem_comp.pdbx_synonyms 
_chem_comp.formula 
_chem_comp.formula_weight 
ALA 'L-peptide linking' y ALANINE                                                          ?                               
'C3 H7 N O2'     89.093  
BU1 non-polymer         . 1,4-BUTANEDIOL                                                   ?                               
'C4 H10 O2'      90.121  
GOL non-polymer         . GLYCEROL                                                         'GLYCERIN; PROPANE-1,2,3-TRIOL' 
'C3 H8 O3'       92.094  
HAO peptide-like        . '{[3-(hydrazinocarbonyl)-4-methoxyphenyl]amino}(oxo)acetic acid' ?                               
'C10 H11 N3 O5'  253.211 
HOH non-polymer         . WATER                                                            ?                               'H2 O' 
18.015  
LEU 'L-peptide linking' y LEUCINE                                                          ?                               
'C6 H13 N O2'    131.173 
LYS 'L-peptide linking' y LYSINE                                                           ?                               
'C6 H15 N2 O2 1' 147.195 
ORN 'L-peptide linking' n L-ornithine                                                      ?                               
'C5 H12 N2 O2'   132.161 
PHE 'L-peptide linking' y PHENYLALANINE                                                    ?                               
'C9 H11 N O2'    165.189 
SO4 non-polymer         . 'SULFATE ION'                                                    ?                               
'O4 S -2'        96.063  
VAL 'L-peptide linking' y VALINE                                                           ?                               
'C5 H11 N O2'    117.146 
# 
_exptl.crystals_number   1 
_exptl.entry_id          3Q9H 
_exptl.method            'X-RAY DIFFRACTION' 
# 
_exptl_crystal.id                    1 
_exptl_crystal.density_Matthews      5.21 
_exptl_crystal.density_meas          ? 
_exptl_crystal.density_percent_sol   76.41 
_exptl_crystal.description           ? 
_exptl_crystal.F_000                 ? 
_exptl_crystal.preparation           ? 
# 
_exptl_crystal_grow.crystal_id      1 
_exptl_crystal_grow.method          'VAPOR DIFFUSION, SITTING DROP' 
_exptl_crystal_grow.pH              6.0 
_exptl_crystal_grow.temp            298 
_exptl_crystal_grow.pdbx_details    
'0.2M Lithium Sulfate, 0.1M MES pH 6.0, 20% 1,4-butanediol, vapor diffusion, sitting drop, temperature 298K' 
_exptl_crystal_grow.temp_details    ? 
_exptl_crystal_grow.pdbx_pH_range   ? 
# 
_diffrn.id                     1 
_diffrn.ambient_temp           100 
_diffrn.ambient_temp_details   ? 
_diffrn.crystal_id             1 
# 
_diffrn_detector.diffrn_id              1 
_diffrn_detector.detector               CCD 
_diffrn_detector.type                   'ADSC QUANTUM 315' 
_diffrn_detector.pdbx_collection_date   2010-04-25 
_diffrn_detector.details                ? 
# 
_diffrn_radiation.diffrn_id                        1 
_diffrn_radiation.pdbx_diffrn_protocol             'SINGLE WAVELENGTH' 
_diffrn_radiation.monochromator                    ? 
_diffrn_radiation.wavelength_id                    1 
_diffrn_radiation.pdbx_monochromatic_or_laue_m_l   M 
_diffrn_radiation.pdbx_scattering_type             x-ray 
# 
_diffrn_radiation_wavelength.id           1 
_diffrn_radiation_wavelength.wavelength   0.9791 
_diffrn_radiation_wavelength.wt           1.0 
# 
_diffrn_source.diffrn_id                   1 
_diffrn_source.source                      SYNCHROTRON 
_diffrn_source.type                        'APS BEAMLINE 24-ID-C' 
_diffrn_source.pdbx_wavelength_list        0.9791 
_diffrn_source.pdbx_wavelength             ? 
_diffrn_source.pdbx_synchrotron_site       APS 
_diffrn_source.pdbx_synchrotron_beamline   24-ID-C 
# 
_reflns.entry_id                     3Q9H 
_reflns.d_resolution_high            2.250 
_reflns.d_resolution_low             100.000 
_reflns.number_obs                   11013 
_reflns.pdbx_Rmerge_I_obs            0.073 
_reflns.pdbx_netI_over_sigmaI        12.600 
_reflns.pdbx_chi_squared             1.086 
_reflns.pdbx_redundancy              3.300 
_reflns.percent_possible_obs         98.800 
_reflns.observed_criterion_sigma_F   ? 
_reflns.observed_criterion_sigma_I   -3 
_reflns.number_all                   11013 
_reflns.pdbx_Rsym_value              ? 
_reflns.B_iso_Wilson_estimate        59.9 
_reflns.R_free_details               ? 
_reflns.limit_h_max                  ? 
_reflns.limit_h_min                  ? 
_reflns.limit_k_max                  ? 
_reflns.limit_k_min                  ? 
_reflns.limit_l_max                  ? 
_reflns.limit_l_min                  ? 
_reflns.observed_criterion_F_max     ? 
_reflns.observed_criterion_F_min     ? 
_reflns.pdbx_scaling_rejects         ? 
_reflns.pdbx_ordinal                 1 
_reflns.pdbx_diffrn_id               1 
# 
loop_
_reflns_shell.d_res_high 
_reflns_shell.d_res_low 
_reflns_shell.number_measured_obs 
_reflns_shell.number_measured_all 
_reflns_shell.number_unique_obs 
_reflns_shell.Rmerge_I_obs 
_reflns_shell.meanI_over_sigI_obs 
_reflns_shell.pdbx_Rsym_value 
_reflns_shell.pdbx_chi_squared 
_reflns_shell.pdbx_redundancy 
_reflns_shell.percent_possible_obs 
_reflns_shell.number_unique_all 
_reflns_shell.percent_possible_all 
_reflns_shell.pdbx_ordinal 
_reflns_shell.pdbx_diffrn_id 
2.250 2.330   ? ? ? 0.470 ? ? 1.129 3.400 ? 1082 99.600 1  1 
2.330 2.420   ? ? ? 0.374 ? ? 1.104 3.500 ? 1057 99.300 2  1 
2.420 2.530   ? ? ? 0.259 ? ? 1.070 3.500 ? 1093 99.900 3  1 
2.530 2.670   ? ? ? 0.173 ? ? 1.080 3.400 ? 1078 99.800 4  1 
2.670 2.830   ? ? ? 0.142 ? ? 1.089 3.400 ? 1084 99.200 5  1 
2.830 3.050   ? ? ? 0.099 ? ? 1.071 3.400 ? 1109 99.800 6  1 
3.050 3.360   ? ? ? 0.080 ? ? 1.061 3.400 ? 1087 99.300 7  1 
3.360 3.850   ? ? ? 0.071 ? ? 1.061 3.300 ? 1122 99.600 8  1 
3.850 4.850   ? ? ? 0.057 ? ? 1.177 3.100 ? 1132 98.700 9  1 
4.850 100.000 ? ? ? 0.054 ? ? 1.024 3.100 ? 1169 93.400 10 1 
# 
_refine.entry_id                                 3Q9H 
_refine.ls_d_res_high                            2.2500 
_refine.ls_d_res_low                             28.2400 
_refine.pdbx_ls_sigma_F                          0.000 
_refine.pdbx_data_cutoff_high_absF               ? 
_refine.pdbx_data_cutoff_low_absF                ? 
_refine.ls_percent_reflns_obs                    ? 
_refine.ls_number_reflns_obs                     10974 
_refine.ls_number_reflns_all                     ? 
_refine.pdbx_ls_cross_valid_method               THROUGHOUT 
_refine.pdbx_R_Free_selection_details            RANDOM 
_refine.details                                  ? 
_refine.ls_R_factor_all                          ? 
_refine.ls_R_factor_obs                          0.2061 
_refine.ls_R_factor_R_work                       0.2053 
_refine.ls_wR_factor_R_work                      ? 
_refine.ls_R_factor_R_free                       0.2216 
_refine.ls_wR_factor_R_free                      ? 
_refine.ls_percent_reflns_R_free                 4.7700 
_refine.ls_number_reflns_R_free                  524 
_refine.ls_R_factor_R_free_error                 ? 
_refine.B_iso_mean                               55.4961 
_refine.solvent_model_param_bsol                 ? 
_refine.solvent_model_param_ksol                 ? 
_refine.pdbx_isotropic_thermal_model             ? 
_refine.aniso_B[1][1]                            -4.9316 
_refine.aniso_B[2][2]                            -4.9316 
_refine.aniso_B[3][3]                            9.8633 
_refine.aniso_B[1][2]                            0.0000 
_refine.aniso_B[1][3]                            0.0000 
_refine.aniso_B[2][3]                            0.0000 
_refine.correlation_coeff_Fo_to_Fc               0.9350 
_refine.correlation_coeff_Fo_to_Fc_free          0.9258 
_refine.overall_SU_R_Cruickshank_DPI             ? 
_refine.overall_SU_R_free                        ? 
_refine.pdbx_overall_ESU_R_Free                  ? 
_refine.overall_SU_ML                            ? 
_refine.overall_SU_B                             ? 
_refine.solvent_model_details                    ? 
_refine.pdbx_solvent_vdw_probe_radii             ? 
_refine.pdbx_solvent_ion_probe_radii             ? 
_refine.pdbx_solvent_shrinkage_radii             ? 
_refine.ls_number_parameters                     ? 
_refine.ls_number_restraints                     ? 
_refine.pdbx_starting_model                      ? 
_refine.pdbx_method_to_determine_struct          'FOURIER SYNTHESIS' 
_refine.pdbx_stereochemistry_target_values       'Engh & Huber' 
_refine.pdbx_stereochem_target_val_spec_case     ? 
_refine.overall_FOM_work_R_set                   ? 
_refine.B_iso_max                                113.190 
_refine.B_iso_min                                19.610 
_refine.occupancy_max                            1.000 
_refine.occupancy_min                            0.500 
_refine.pdbx_ls_sigma_I                          ? 
_refine.ls_redundancy_reflns_obs                 ? 
_refine.ls_R_factor_R_free_error_details         ? 
_refine.pdbx_data_cutoff_high_rms_absF           ? 
_refine.overall_FOM_free_R_set                   ? 
_refine.pdbx_overall_phase_error                 ? 
_refine.pdbx_refine_id                           'X-RAY DIFFRACTION' 
_refine.pdbx_overall_ESU_R                       ? 
_refine.pdbx_diffrn_id                           1 
_refine.pdbx_TLS_residual_ADP_flag               ? 
_refine.pdbx_overall_SU_R_free_Cruickshank_DPI   ? 
_refine.pdbx_overall_SU_R_Blow_DPI               ? 
_refine.pdbx_overall_SU_R_free_Blow_DPI          ? 
# 
_refine_analyze.entry_id                        3Q9H 
_refine_analyze.Luzzati_coordinate_error_obs    0.282 
_refine_analyze.Luzzati_sigma_a_obs             ? 
_refine_analyze.Luzzati_d_res_low_obs           ? 
_refine_analyze.Luzzati_coordinate_error_free   ? 
_refine_analyze.Luzzati_sigma_a_free            ? 
_refine_analyze.Luzzati_d_res_low_free          ? 
_refine_analyze.number_disordered_residues      ? 
_refine_analyze.occupancy_sum_non_hydrogen      ? 
_refine_analyze.occupancy_sum_hydrogen          ? 
_refine_analyze.pdbx_Luzzati_d_res_high_obs     ? 
_refine_analyze.pdbx_refine_id                  'X-RAY DIFFRACTION' 
# 
_refine_hist.pdbx_refine_id                   'X-RAY DIFFRACTION' 
_refine_hist.cycle_id                         LAST 
_refine_hist.pdbx_number_atoms_protein        736 
_refine_hist.pdbx_number_atoms_nucleic_acid   0 
_refine_hist.pdbx_number_atoms_ligand         126 
_refine_hist.number_atoms_solvent             30 
_refine_hist.number_atoms_total               892 
_refine_hist.d_res_high                       2.2500 
_refine_hist.d_res_low                        28.2400 
# 
loop_
_refine_ls_restr.type 
_refine_ls_restr.number 
_refine_ls_restr.dev_ideal 
_refine_ls_restr.dev_ideal_target 
_refine_ls_restr.weight 
_refine_ls_restr.pdbx_refine_id 
_refine_ls_restr.pdbx_restraint_function 
t_dihedral_angle_d        154  ?      ? 2.000  'X-RAY DIFFRACTION' ? 
t_trig_c_planes           32   ?      ? 2.000  'X-RAY DIFFRACTION' ? 
t_gen_planes              152  ?      ? 5.000  'X-RAY DIFFRACTION' ? 
t_it                      673  ?      ? 20.000 'X-RAY DIFFRACTION' ? 
t_nbd                     ?    ?      ? ?      'X-RAY DIFFRACTION' ? 
t_improper_torsion        ?    ?      ? ?      'X-RAY DIFFRACTION' ? 
t_pseud_angle             ?    ?      ? ?      'X-RAY DIFFRACTION' ? 
t_chiral_improper_torsion 56   ?      ? 5.000  'X-RAY DIFFRACTION' ? 
t_sum_occupancies         ?    ?      ? ?      'X-RAY DIFFRACTION' ? 
t_utility_distance        ?    ?      ? ?      'X-RAY DIFFRACTION' ? 
t_utility_angle           ?    ?      ? ?      'X-RAY DIFFRACTION' ? 
t_utility_torsion         ?    ?      ? ?      'X-RAY DIFFRACTION' ? 
t_ideal_dist_contact      777  ?      ? 4.000  'X-RAY DIFFRACTION' ? 
t_bond_d                  864  0.010  ? 2.000  'X-RAY DIFFRACTION' ? 
t_angle_deg               1121 1.270  ? 2.000  'X-RAY DIFFRACTION' ? 
t_omega_torsion           ?    4.090  ? ?      'X-RAY DIFFRACTION' ? 
t_other_torsion           ?    16.270 ? ?      'X-RAY DIFFRACTION' ? 
# 
_refine_ls_shell.d_res_high                       2.2500 
_refine_ls_shell.d_res_low                        2.4600 
_refine_ls_shell.pdbx_total_number_of_bins_used   6 
_refine_ls_shell.percent_reflns_obs               ? 
_refine_ls_shell.number_reflns_R_work             2430 
_refine_ls_shell.R_factor_all                     0.1983 
_refine_ls_shell.R_factor_R_work                  0.1970 
_refine_ls_shell.R_factor_R_free                  0.2250 
_refine_ls_shell.percent_reflns_R_free            4.7800 
_refine_ls_shell.number_reflns_R_free             122 
_refine_ls_shell.R_factor_R_free_error            ? 
_refine_ls_shell.number_reflns_all                2552 
_refine_ls_shell.number_reflns_obs                ? 
_refine_ls_shell.redundancy_reflns_obs            ? 
_refine_ls_shell.pdbx_refine_id                   'X-RAY DIFFRACTION' 
# 
_struct.entry_id                  3Q9H 
_struct.title                     
;LVFFA segment from Alzheimer's Amyloid-Beta displayed on 42-membered macrocycle scaffold
;
_struct.pdbx_model_details        ? 
_struct.pdbx_CASP_flag            ? 
_struct.pdbx_model_type_details   ? 
# 
_struct_keywords.entry_id        3Q9H 
_struct_keywords.text            'beta sheet tetramer, macrocyclic peptide, beta-sheet mimetic, PROTEIN FIBRIL' 
_struct_keywords.pdbx_keywords   'PROTEIN FIBRIL' 
# 
loop_
_struct_asym.id 
_struct_asym.pdbx_blank_PDB_chainid_flag 
_struct_asym.pdbx_modified 
_struct_asym.entity_id 
_struct_asym.details 
A  N N 1 ? 
B  N N 1 ? 
C  N N 1 ? 
D  N N 1 ? 
E  N N 1 ? 
F  N N 1 ? 
G  N N 1 ? 
H  N N 1 ? 
I  N N 2 ? 
J  N N 3 ? 
K  N N 4 ? 
L  N N 3 ? 
M  N N 4 ? 
N  N N 3 ? 
O  N N 3 ? 
P  N N 2 ? 
Q  N N 2 ? 
R  N N 4 ? 
S  N N 4 ? 
T  N N 4 ? 
U  N N 2 ? 
V  N N 4 ? 
W  N N 4 ? 
X  N N 4 ? 
Y  N N 2 ? 
Z  N N 2 ? 
AA N N 4 ? 
BA N N 4 ? 
CA N N 4 ? 
DA N N 3 ? 
EA N N 5 ? 
FA N N 5 ? 
GA N N 5 ? 
HA N N 5 ? 
IA N N 5 ? 
JA N N 5 ? 
KA N N 5 ? 
LA N N 5 ? 
# 
_struct_biol.id        1 
_struct_biol.details   ? 
# 
loop_
_struct_conn.id 
_struct_conn.conn_type_id 
_struct_conn.pdbx_leaving_atom_flag 
_struct_conn.pdbx_PDB_id 
_struct_conn.ptnr1_label_asym_id 
_struct_conn.ptnr1_label_comp_id 
_struct_conn.ptnr1_label_seq_id 
_struct_conn.ptnr1_label_atom_id 
_struct_conn.pdbx_ptnr1_label_alt_id 
_struct_conn.pdbx_ptnr1_PDB_ins_code 
_struct_conn.pdbx_ptnr1_standard_comp_id 
_struct_conn.ptnr1_symmetry 
_struct_conn.ptnr2_label_asym_id 
_struct_conn.ptnr2_label_comp_id 
_struct_conn.ptnr2_label_seq_id 
_struct_conn.ptnr2_label_atom_id 
_struct_conn.pdbx_ptnr2_label_alt_id 
_struct_conn.pdbx_ptnr2_PDB_ins_code 
_struct_conn.ptnr1_auth_asym_id 
_struct_conn.ptnr1_auth_comp_id 
_struct_conn.ptnr1_auth_seq_id 
_struct_conn.ptnr2_auth_asym_id 
_struct_conn.ptnr2_auth_comp_id 
_struct_conn.ptnr2_auth_seq_id 
_struct_conn.ptnr2_symmetry 
_struct_conn.pdbx_ptnr3_label_atom_id 
_struct_conn.pdbx_ptnr3_label_seq_id 
_struct_conn.pdbx_ptnr3_label_comp_id 
_struct_conn.pdbx_ptnr3_label_asym_id 
_struct_conn.pdbx_ptnr3_label_alt_id 
_struct_conn.pdbx_ptnr3_PDB_ins_code 
_struct_conn.details 
_struct_conn.pdbx_dist_value 
_struct_conn.pdbx_value_order 
_struct_conn.pdbx_role 
covale1  covale both ? A LEU 1 N ? ? ? 1_555 A ORN 10 C  ? ? A LEU 1 A ORN 10 1_555 ? ? ? ? ? ? ? 1.339 ? ? 
covale2  covale both ? A ALA 5 C ? ? ? 1_555 A ORN 6  NE ? ? A ALA 5 A ORN 6  1_555 ? ? ? ? ? ? ? 1.351 ? ? 
covale3  covale both ? A ORN 6 C ? ? ? 1_555 A HAO 7  N  ? ? A ORN 6 A HAO 7  1_555 ? ? ? ? ? ? ? 1.318 ? ? 
covale4  covale both ? A HAO 7 C ? ? ? 1_555 A LEU 8  N  ? ? A HAO 7 A LEU 8  1_555 ? ? ? ? ? ? ? 1.316 ? ? 
covale5  covale both ? A LYS 9 C ? ? ? 1_555 A ORN 10 NE ? ? A LYS 9 A ORN 10 1_555 ? ? ? ? ? ? ? 1.343 ? ? 
covale6  covale both ? B LEU 1 N ? ? ? 1_555 B ORN 10 C  ? ? B LEU 1 B ORN 10 1_555 ? ? ? ? ? ? ? 1.286 ? ? 
covale7  covale both ? B ALA 5 C ? ? ? 1_555 B ORN 6  NE ? ? B ALA 5 B ORN 6  1_555 ? ? ? ? ? ? ? 1.343 ? ? 
covale8  covale both ? B ORN 6 C ? ? ? 1_555 B HAO 7  N  ? ? B ORN 6 B HAO 7  1_555 ? ? ? ? ? ? ? 1.346 ? ? 
covale9  covale both ? B HAO 7 C ? ? ? 1_555 B LEU 8  N  ? ? B HAO 7 B LEU 8  1_555 ? ? ? ? ? ? ? 1.296 ? ? 
covale10 covale both ? B LYS 9 C ? ? ? 1_555 B ORN 10 NE ? ? B LYS 9 B ORN 10 1_555 ? ? ? ? ? ? ? 1.338 ? ? 
covale11 covale both ? C LEU 1 N ? ? ? 1_555 C ORN 10 C  ? ? C LEU 1 C ORN 10 1_555 ? ? ? ? ? ? ? 1.324 ? ? 
covale12 covale both ? C ALA 5 C ? ? ? 1_555 C ORN 6  NE ? ? C ALA 5 C ORN 6  1_555 ? ? ? ? ? ? ? 1.333 ? ? 
covale13 covale both ? C ORN 6 C ? ? ? 1_555 C HAO 7  N  ? ? C ORN 6 C HAO 7  1_555 ? ? ? ? ? ? ? 1.320 ? ? 
covale14 covale both ? C HAO 7 C ? ? ? 1_555 C LEU 8  N  ? ? C HAO 7 C LEU 8  1_555 ? ? ? ? ? ? ? 1.302 ? ? 
covale15 covale both ? C LYS 9 C ? ? ? 1_555 C ORN 10 NE ? ? C LYS 9 C ORN 10 1_555 ? ? ? ? ? ? ? 1.335 ? ? 
covale16 covale both ? D LEU 1 N ? ? ? 1_555 D ORN 10 C  ? ? D LEU 1 D ORN 10 1_555 ? ? ? ? ? ? ? 1.295 ? ? 
covale17 covale both ? D ALA 5 C ? ? ? 1_555 D ORN 6  NE ? ? D ALA 5 D ORN 6  1_555 ? ? ? ? ? ? ? 1.338 ? ? 
covale18 covale both ? D ORN 6 C ? ? ? 1_555 D HAO 7  N  ? ? D ORN 6 D HAO 7  1_555 ? ? ? ? ? ? ? 1.327 ? ? 
covale19 covale both ? D HAO 7 C ? ? ? 1_555 D LEU 8  N  ? ? D HAO 7 D LEU 8  1_555 ? ? ? ? ? ? ? 1.302 ? ? 
covale20 covale both ? D LYS 9 C ? ? ? 1_555 D ORN 10 NE ? ? D LYS 9 D ORN 10 1_555 ? ? ? ? ? ? ? 1.350 ? ? 
covale21 covale both ? E LEU 1 N ? ? ? 1_555 E ORN 10 C  ? ? E LEU 1 E ORN 10 1_555 ? ? ? ? ? ? ? 1.292 ? ? 
covale22 covale both ? E ALA 5 C ? ? ? 1_555 E ORN 6  NE ? ? E ALA 5 E ORN 6  1_555 ? ? ? ? ? ? ? 1.353 ? ? 
covale23 covale both ? E ORN 6 C ? ? ? 1_555 E HAO 7  N  ? ? E ORN 6 E HAO 7  1_555 ? ? ? ? ? ? ? 1.301 ? ? 
covale24 covale both ? E HAO 7 C ? ? ? 1_555 E LEU 8  N  ? ? E HAO 7 E LEU 8  1_555 ? ? ? ? ? ? ? 1.339 ? ? 
covale25 covale both ? E LYS 9 C ? ? ? 1_555 E ORN 10 NE ? ? E LYS 9 E ORN 10 1_555 ? ? ? ? ? ? ? 1.358 ? ? 
covale26 covale both ? F LEU 1 N ? ? ? 1_555 F ORN 10 C  ? ? F LEU 1 F ORN 10 1_555 ? ? ? ? ? ? ? 1.320 ? ? 
covale27 covale both ? F ALA 5 C ? ? ? 1_555 F ORN 6  NE ? ? F ALA 5 F ORN 6  1_555 ? ? ? ? ? ? ? 1.343 ? ? 
covale28 covale both ? F ORN 6 C ? ? ? 1_555 F HAO 7  N  ? ? F ORN 6 F HAO 7  1_555 ? ? ? ? ? ? ? 1.283 ? ? 
covale29 covale both ? F HAO 7 C ? ? ? 1_555 F LEU 8  N  ? ? F HAO 7 F LEU 8  1_555 ? ? ? ? ? ? ? 1.292 ? ? 
covale30 covale both ? F LYS 9 C ? ? ? 1_555 F ORN 10 NE ? ? F LYS 9 F ORN 10 1_555 ? ? ? ? ? ? ? 1.337 ? ? 
covale31 covale both ? G LEU 1 N ? ? ? 1_555 G ORN 10 C  ? ? G LEU 1 G ORN 10 1_555 ? ? ? ? ? ? ? 1.302 ? ? 
covale32 covale both ? G ALA 5 C ? ? ? 1_555 G ORN 6  NE ? ? G ALA 5 G ORN 6  1_555 ? ? ? ? ? ? ? 1.353 ? ? 
covale33 covale both ? G ORN 6 C ? ? ? 1_555 G HAO 7  N  ? ? G ORN 6 G HAO 7  1_555 ? ? ? ? ? ? ? 1.313 ? ? 
covale34 covale both ? G HAO 7 C ? ? ? 1_555 G LEU 8  N  ? ? G HAO 7 G LEU 8  1_555 ? ? ? ? ? ? ? 1.310 ? ? 
covale35 covale both ? G LYS 9 C ? ? ? 1_555 G ORN 10 NE ? ? G LYS 9 G ORN 10 1_555 ? ? ? ? ? ? ? 1.330 ? ? 
covale36 covale both ? H LEU 1 N ? ? ? 1_555 H ORN 10 C  ? ? H LEU 1 H ORN 10 1_555 ? ? ? ? ? ? ? 1.313 ? ? 
covale37 covale both ? H ALA 5 C ? ? ? 1_555 H ORN 6  NE ? ? H ALA 5 H ORN 6  1_555 ? ? ? ? ? ? ? 1.358 ? ? 
covale38 covale both ? H ORN 6 C ? ? ? 1_555 H HAO 7  N  ? ? H ORN 6 H HAO 7  1_555 ? ? ? ? ? ? ? 1.298 ? ? 
covale39 covale both ? H HAO 7 C ? ? ? 1_555 H LEU 8  N  ? ? H HAO 7 H LEU 8  1_555 ? ? ? ? ? ? ? 1.303 ? ? 
covale40 covale both ? H LYS 9 C ? ? ? 1_555 H ORN 10 NE ? ? H LYS 9 H ORN 10 1_555 ? ? ? ? ? ? ? 1.350 ? ? 
# 
_struct_conn_type.id          covale 
_struct_conn_type.criteria    ? 
_struct_conn_type.reference   ? 
# 
loop_
_struct_sheet.id 
_struct_sheet.type 
_struct_sheet.number_strands 
_struct_sheet.details 
A ? 2 ? 
B ? 2 ? 
C ? 2 ? 
D ? 2 ? 
# 
loop_
_struct_sheet_order.sheet_id 
_struct_sheet_order.range_id_1 
_struct_sheet_order.range_id_2 
_struct_sheet_order.offset 
_struct_sheet_order.sense 
A 1 2 ? anti-parallel 
B 1 2 ? anti-parallel 
C 1 2 ? parallel      
D 1 2 ? parallel      
# 
loop_
_struct_sheet_range.sheet_id 
_struct_sheet_range.id 
_struct_sheet_range.beg_label_comp_id 
_struct_sheet_range.beg_label_asym_id 
_struct_sheet_range.beg_label_seq_id 
_struct_sheet_range.pdbx_beg_PDB_ins_code 
_struct_sheet_range.end_label_comp_id 
_struct_sheet_range.end_label_asym_id 
_struct_sheet_range.end_label_seq_id 
_struct_sheet_range.pdbx_end_PDB_ins_code 
_struct_sheet_range.beg_auth_comp_id 
_struct_sheet_range.beg_auth_asym_id 
_struct_sheet_range.beg_auth_seq_id 
_struct_sheet_range.end_auth_comp_id 
_struct_sheet_range.end_auth_asym_id 
_struct_sheet_range.end_auth_seq_id 
A 1 VAL A 2 ? PHE A 4 ? VAL A 2 PHE A 4 
A 2 VAL B 2 ? PHE B 4 ? VAL B 2 PHE B 4 
B 1 VAL C 2 ? PHE C 4 ? VAL C 2 PHE C 4 
B 2 VAL D 2 ? PHE D 4 ? VAL D 2 PHE D 4 
C 1 VAL E 2 ? PHE E 3 ? VAL E 2 PHE E 3 
C 2 PHE F 3 ? PHE F 4 ? PHE F 3 PHE F 4 
D 1 VAL G 2 ? PHE G 4 ? VAL G 2 PHE G 4 
D 2 LEU H 1 ? PHE H 3 ? LEU H 1 PHE H 3 
# 
loop_
_pdbx_struct_sheet_hbond.sheet_id 
_pdbx_struct_sheet_hbond.range_id_1 
_pdbx_struct_sheet_hbond.range_id_2 
_pdbx_struct_sheet_hbond.range_1_label_atom_id 
_pdbx_struct_sheet_hbond.range_1_label_comp_id 
_pdbx_struct_sheet_hbond.range_1_label_asym_id 
_pdbx_struct_sheet_hbond.range_1_label_seq_id 
_pdbx_struct_sheet_hbond.range_1_PDB_ins_code 
_pdbx_struct_sheet_hbond.range_1_auth_atom_id 
_pdbx_struct_sheet_hbond.range_1_auth_comp_id 
_pdbx_struct_sheet_hbond.range_1_auth_asym_id 
_pdbx_struct_sheet_hbond.range_1_auth_seq_id 
_pdbx_struct_sheet_hbond.range_2_label_atom_id 
_pdbx_struct_sheet_hbond.range_2_label_comp_id 
_pdbx_struct_sheet_hbond.range_2_label_asym_id 
_pdbx_struct_sheet_hbond.range_2_label_seq_id 
_pdbx_struct_sheet_hbond.range_2_PDB_ins_code 
_pdbx_struct_sheet_hbond.range_2_auth_atom_id 
_pdbx_struct_sheet_hbond.range_2_auth_comp_id 
_pdbx_struct_sheet_hbond.range_2_auth_asym_id 
_pdbx_struct_sheet_hbond.range_2_auth_seq_id 
A 1 2 N VAL A 2 ? N VAL A 2 O PHE B 4 ? O PHE B 4 
B 1 2 N VAL C 2 ? N VAL C 2 O PHE D 4 ? O PHE D 4 
C 1 2 N VAL E 2 ? N VAL E 2 O PHE F 4 ? O PHE F 4 
D 1 2 N VAL G 2 ? N VAL G 2 O VAL H 2 ? O VAL H 2 
# 
loop_
_struct_site.id 
_struct_site.pdbx_evidence_code 
_struct_site.pdbx_auth_asym_id 
_struct_site.pdbx_auth_comp_id 
_struct_site.pdbx_auth_seq_id 
_struct_site.pdbx_auth_ins_code 
_struct_site.pdbx_num_residues 
_struct_site.details 
AC1 Software H SO4 11 ? 3 'BINDING SITE FOR RESIDUE SO4 H 11' 
AC2 Software E SO4 11 ? 3 'BINDING SITE FOR RESIDUE SO4 E 11' 
AC3 Software E SO4 12 ? 6 'BINDING SITE FOR RESIDUE SO4 E 12' 
AC4 Software A SO4 11 ? 6 'BINDING SITE FOR RESIDUE SO4 A 11' 
AC5 Software G SO4 11 ? 4 'BINDING SITE FOR RESIDUE SO4 G 11' 
AC6 Software H SO4 12 ? 5 'BINDING SITE FOR RESIDUE SO4 H 12' 
AC7 Software B GOL 11 ? 4 'BINDING SITE FOR RESIDUE GOL B 11' 
AC8 Software D GOL 11 ? 4 'BINDING SITE FOR RESIDUE GOL D 11' 
AC9 Software B BU1 12 ? 2 'BINDING SITE FOR RESIDUE BU1 B 12' 
BC1 Software H BU1 13 ? 6 'BINDING SITE FOR RESIDUE BU1 H 13' 
BC2 Software G BU1 12 ? 3 'BINDING SITE FOR RESIDUE BU1 G 12' 
BC3 Software F BU1 13 ? 3 'BINDING SITE FOR RESIDUE BU1 F 13' 
BC4 Software G BU1 14 ? 6 'BINDING SITE FOR RESIDUE BU1 G 14' 
BC5 Software H BU1 15 ? 3 'BINDING SITE FOR RESIDUE BU1 H 15' 
BC6 Software E BU1 16 ? 4 'BINDING SITE FOR RESIDUE BU1 E 16' 
BC7 Software F BU1 17 ? 5 'BINDING SITE FOR RESIDUE BU1 F 17' 
BC8 Software C BU1 18 ? 2 'BINDING SITE FOR RESIDUE BU1 C 18' 
BC9 Software G BU1 19 ? 2 'BINDING SITE FOR RESIDUE BU1 G 19' 
CC1 Software H BU1 20 ? 2 'BINDING SITE FOR RESIDUE BU1 H 20' 
CC2 Software H GOL 21 ? 4 'BINDING SITE FOR RESIDUE GOL H 21' 
CC3 Software C GOL 22 ? 4 'BINDING SITE FOR RESIDUE GOL C 22' 
CC4 Software B GOL 23 ? 3 'BINDING SITE FOR RESIDUE GOL B 23' 
# 
loop_
_struct_site_gen.id 
_struct_site_gen.site_id 
_struct_site_gen.pdbx_num_res 
_struct_site_gen.label_comp_id 
_struct_site_gen.label_asym_id 
_struct_site_gen.label_seq_id 
_struct_site_gen.pdbx_auth_ins_code 
_struct_site_gen.auth_comp_id 
_struct_site_gen.auth_asym_id 
_struct_site_gen.auth_seq_id 
_struct_site_gen.label_atom_id 
_struct_site_gen.label_alt_id 
_struct_site_gen.symmetry 
_struct_site_gen.details 
1  AC1 3 ORN F  10 ? ORN F 10 . ? 3_554 ? 
2  AC1 3 BU1 S  .  ? BU1 F 13 . ? 3_554 ? 
3  AC1 3 ORN H  10 ? ORN H 10 . ? 1_555 ? 
4  AC2 3 ORN E  10 ? ORN E 10 . ? 1_555 ? 
5  AC2 3 HOH IA .  ? HOH E 27 . ? 1_555 ? 
6  AC2 3 ORN G  10 ? ORN G 10 . ? 4_455 ? 
7  AC3 6 ORN C  6  ? ORN C 6  . ? 6_455 ? 
8  AC3 6 HOH GA .  ? HOH C 25 . ? 6_455 ? 
9  AC3 6 ORN E  6  ? ORN E 6  . ? 1_555 ? 
10 AC3 6 HAO H  7  ? HAO H 7  . ? 6_455 ? 
11 AC3 6 LEU H  8  ? LEU H 8  . ? 6_455 ? 
12 AC3 6 HOH LA .  ? HOH H 24 . ? 6_455 ? 
13 AC4 6 ORN A  6  ? ORN A 6  . ? 1_555 ? 
14 AC4 6 ALA C  5  ? ALA C 5  . ? 1_555 ? 
15 AC4 6 ORN C  6  ? ORN C 6  . ? 1_555 ? 
16 AC4 6 ORN D  10 ? ORN D 10 . ? 1_555 ? 
17 AC4 6 GOL O  .  ? GOL D 11 . ? 1_555 ? 
18 AC4 6 HOH LA .  ? HOH H 16 . ? 6_455 ? 
19 AC5 4 LYS E  9  ? LYS E 9  . ? 6_555 ? 
20 AC5 4 ORN G  6  ? ORN G 6  . ? 1_555 ? 
21 AC5 4 BU1 W  .  ? BU1 G 14 . ? 7_555 ? 
22 AC5 4 BU1 AA .  ? BU1 H 13 . ? 1_555 ? 
23 AC6 5 ORN A  6  ? ORN A 6  . ? 6_555 ? 
24 AC6 5 HAO E  7  ? HAO E 7  . ? 6_555 ? 
25 AC6 5 LEU E  8  ? LEU E 8  . ? 6_555 ? 
26 AC6 5 ORN H  6  ? ORN H 6  . ? 1_555 ? 
27 AC6 5 HOH LA .  ? HOH H 16 . ? 1_555 ? 
28 AC7 4 ALA A  5  ? ALA A 5  . ? 1_555 ? 
29 AC7 4 ORN A  6  ? ORN A 6  . ? 1_555 ? 
30 AC7 4 ORN B  10 ? ORN B 10 . ? 1_555 ? 
31 AC7 4 HOH FA .  ? HOH B 14 . ? 1_555 ? 
32 AC8 4 SO4 I  .  ? SO4 A 11 . ? 1_555 ? 
33 AC8 4 ALA C  5  ? ALA C 5  . ? 1_555 ? 
34 AC8 4 ORN C  6  ? ORN C 6  . ? 1_555 ? 
35 AC8 4 ORN D  10 ? ORN D 10 . ? 1_555 ? 
36 AC9 2 ORN B  10 ? ORN B 10 . ? 1_555 ? 
37 AC9 2 HAO C  7  ? HAO C 7  . ? 1_555 ? 
38 BC1 6 ORN G  6  ? ORN G 6  . ? 1_555 ? 
39 BC1 6 SO4 U  .  ? SO4 G 11 . ? 1_555 ? 
40 BC1 6 PHE H  4  ? PHE H 4  . ? 1_555 ? 
41 BC1 6 ALA H  5  ? ALA H 5  . ? 1_555 ? 
42 BC1 6 ORN H  6  ? ORN H 6  . ? 1_555 ? 
43 BC1 6 HOH LA .  ? HOH H 23 . ? 1_555 ? 
44 BC2 3 VAL G  2  ? VAL G 2  . ? 7_555 ? 
45 BC2 3 GOL DA .  ? GOL H 21 . ? 1_555 ? 
46 BC2 3 GOL DA .  ? GOL H 21 . ? 7_555 ? 
47 BC3 3 ORN F  10 ? ORN F 10 . ? 1_555 ? 
48 BC3 3 BU1 T  .  ? BU1 F 17 . ? 1_555 ? 
49 BC3 3 SO4 Y  .  ? SO4 H 11 . ? 4_455 ? 
50 BC4 6 LYS E  9  ? LYS E 9  . ? 3_554 ? 
51 BC4 6 PHE G  4  ? PHE G 4  . ? 7_555 ? 
52 BC4 6 ORN G  6  ? ORN G 6  . ? 7_555 ? 
53 BC4 6 LYS G  9  ? LYS G 9  . ? 1_555 ? 
54 BC4 6 ORN G  10 ? ORN G 10 . ? 1_555 ? 
55 BC4 6 SO4 U  .  ? SO4 G 11 . ? 7_555 ? 
56 BC5 3 HAO F  7  ? HAO F 7  . ? 6_555 ? 
57 BC5 3 BU1 X  .  ? BU1 G 19 . ? 1_555 ? 
58 BC5 3 BU1 X  .  ? BU1 G 19 . ? 7_555 ? 
59 BC6 4 PHE E  4  ? PHE E 4  . ? 1_555 ? 
60 BC6 4 ALA E  5  ? ALA E 5  . ? 1_555 ? 
61 BC6 4 ORN E  6  ? ORN E 6  . ? 1_555 ? 
62 BC6 4 ORN F  6  ? ORN F 6  . ? 1_555 ? 
63 BC7 5 PHE F  4  ? PHE F 4  . ? 8_555 ? 
64 BC7 5 ORN F  6  ? ORN F 6  . ? 8_555 ? 
65 BC7 5 ORN F  10 ? ORN F 10 . ? 1_555 ? 
66 BC7 5 BU1 S  .  ? BU1 F 13 . ? 1_555 ? 
67 BC7 5 LYS H  9  ? LYS H 9  . ? 4_455 ? 
68 BC8 2 ORN C  6  ? ORN C 6  . ? 1_555 ? 
69 BC8 2 HAO C  7  ? HAO C 7  . ? 1_555 ? 
70 BC9 2 BU1 BA .  ? BU1 H 15 . ? 7_555 ? 
71 BC9 2 BU1 BA .  ? BU1 H 15 . ? 1_555 ? 
72 CC1 2 ORN F  6  ? ORN F 6  . ? 6_555 ? 
73 CC1 2 LYS H  9  ? LYS H 9  . ? 1_555 ? 
74 CC2 4 PHE G  4  ? PHE G 4  . ? 1_555 ? 
75 CC2 4 BU1 V  .  ? BU1 G 12 . ? 1_555 ? 
76 CC2 4 BU1 V  .  ? BU1 G 12 . ? 7_555 ? 
77 CC2 4 VAL H  2  ? VAL H 2  . ? 1_555 ? 
78 CC3 4 LYS A  9  ? LYS A 9  . ? 1_555 ? 
79 CC3 4 LEU C  1  ? LEU C 1  . ? 1_555 ? 
80 CC3 4 LYS C  9  ? LYS C 9  . ? 1_555 ? 
81 CC3 4 ORN C  10 ? ORN C 10 . ? 1_555 ? 
82 CC4 3 LYS B  9  ? LYS B 9  . ? 1_555 ? 
83 CC4 3 LYS C  9  ? LYS C 9  . ? 1_555 ? 
84 CC4 3 ORN C  10 ? ORN C 10 . ? 1_555 ? 
# 
_atom_sites.entry_id                    3Q9H 
_atom_sites.fract_transf_matrix[1][1]   0.00733528 
_atom_sites.fract_transf_matrix[1][2]   -0.01556490 
_atom_sites.fract_transf_matrix[1][3]   -0.00162165 
_atom_sites.fract_transf_matrix[2][1]   -0.01492664 
_atom_sites.fract_transf_matrix[2][2]   -0.00642105 
_atom_sites.fract_transf_matrix[2][3]   -0.00588792 
_atom_sites.fract_transf_matrix[3][1]   0.00209619 
_atom_sites.fract_transf_matrix[3][2]   0.00173913 
_atom_sites.fract_transf_matrix[3][3]   -0.00721073 
_atom_sites.fract_transf_vector[1]      0.095136 
_atom_sites.fract_transf_vector[2]      0.176175 
_atom_sites.fract_transf_vector[3]      0.129151 
# 
loop_
_atom_type.symbol 
C 
N 
O 
S 
# 
loop_
_atom_site.group_PDB 
_atom_site.id 
_atom_site.type_symbol 
_atom_site.label_atom_id 
_atom_site.label_alt_id 
_atom_site.label_comp_id 
_atom_site.label_asym_id 
_atom_site.label_entity_id 
_atom_site.label_seq_id 
_atom_site.pdbx_PDB_ins_code 
_atom_site.Cartn_x 
_atom_site.Cartn_y 
_atom_site.Cartn_z 
_atom_site.occupancy 
_atom_site.B_iso_or_equiv 
_atom_site.pdbx_formal_charge 
_atom_site.auth_seq_id 
_atom_site.auth_comp_id 
_atom_site.auth_asym_id 
_atom_site.auth_atom_id 
_atom_site.pdbx_PDB_model_num 
ATOM   1   N N   . LEU A  1 1  ? 8.386   7.363   5.437   1.00 63.64  ? 1  LEU A N   1 
ATOM   2   C CA  . LEU A  1 1  ? 7.860   7.001   4.118   1.00 60.32  ? 1  LEU A CA  1 
ATOM   3   C C   . LEU A  1 1  ? 6.339   7.144   4.059   1.00 59.98  ? 1  LEU A C   1 
ATOM   4   O O   . LEU A  1 1  ? 5.631   6.552   4.881   1.00 58.58  ? 1  LEU A O   1 
ATOM   5   C CB  . LEU A  1 1  ? 8.288   5.563   3.733   1.00 59.77  ? 1  LEU A CB  1 
ATOM   6   C CG  . LEU A  1 1  ? 7.743   4.982   2.408   1.00 61.88  ? 1  LEU A CG  1 
ATOM   7   C CD1 . LEU A  1 1  ? 8.591   5.406   1.220   1.00 61.11  ? 1  LEU A CD1 1 
ATOM   8   C CD2 . LEU A  1 1  ? 7.681   3.461   2.467   1.00 62.47  ? 1  LEU A CD2 1 
ATOM   9   N N   . VAL A  1 2  ? 5.847   7.925   3.072   1.00 53.85  ? 2  VAL A N   1 
ATOM   10  C CA  . VAL A  1 2  ? 4.414   8.082   2.784   1.00 51.11  ? 2  VAL A CA  1 
ATOM   11  C C   . VAL A  1 2  ? 4.097   6.978   1.761   1.00 51.96  ? 2  VAL A C   1 
ATOM   12  O O   . VAL A  1 2  ? 4.810   6.839   0.765   1.00 51.14  ? 2  VAL A O   1 
ATOM   13  C CB  . VAL A  1 2  ? 4.035   9.489   2.238   1.00 54.25  ? 2  VAL A CB  1 
ATOM   14  C CG1 . VAL A  1 2  ? 2.521   9.611   2.029   1.00 52.60  ? 2  VAL A CG1 1 
ATOM   15  C CG2 . VAL A  1 2  ? 4.537   10.601  3.156   1.00 55.39  ? 2  VAL A CG2 1 
ATOM   16  N N   . PHE A  1 3  ? 3.062   6.182   2.011   1.00 47.27  ? 3  PHE A N   1 
ATOM   17  C CA  . PHE A  1 3  ? 2.732   5.072   1.116   1.00 45.57  ? 3  PHE A CA  1 
ATOM   18  C C   . PHE A  1 3  ? 1.234   4.911   0.912   1.00 48.12  ? 3  PHE A C   1 
ATOM   19  O O   . PHE A  1 3  ? 0.446   5.200   1.813   1.00 47.71  ? 3  PHE A O   1 
ATOM   20  C CB  . PHE A  1 3  ? 3.375   3.759   1.612   1.00 47.37  ? 3  PHE A CB  1 
ATOM   21  C CG  . PHE A  1 3  ? 2.956   3.317   2.994   1.00 49.47  ? 3  PHE A CG  1 
ATOM   22  C CD1 . PHE A  1 3  ? 3.672   3.718   4.119   1.00 53.92  ? 3  PHE A CD1 1 
ATOM   23  C CD2 . PHE A  1 3  ? 1.871   2.465   3.171   1.00 50.83  ? 3  PHE A CD2 1 
ATOM   24  C CE1 . PHE A  1 3  ? 3.290   3.298   5.398   1.00 55.03  ? 3  PHE A CE1 1 
ATOM   25  C CE2 . PHE A  1 3  ? 1.497   2.039   4.450   1.00 53.76  ? 3  PHE A CE2 1 
ATOM   26  C CZ  . PHE A  1 3  ? 2.204   2.467   5.555   1.00 53.20  ? 3  PHE A CZ  1 
ATOM   27  N N   . PHE A  1 4  ? 0.846   4.427   -0.275  1.00 42.88  ? 4  PHE A N   1 
ATOM   28  C CA  . PHE A  1 4  ? -0.549  4.220   -0.643  1.00 40.86  ? 4  PHE A CA  1 
ATOM   29  C C   . PHE A  1 4  ? -0.656  3.229   -1.792  1.00 44.21  ? 4  PHE A C   1 
ATOM   30  O O   . PHE A  1 4  ? 0.071   3.356   -2.779  1.00 43.97  ? 4  PHE A O   1 
ATOM   31  C CB  . PHE A  1 4  ? -1.186  5.565   -1.049  1.00 41.64  ? 4  PHE A CB  1 
ATOM   32  C CG  . PHE A  1 4  ? -2.686  5.512   -1.215  1.00 41.94  ? 4  PHE A CG  1 
ATOM   33  C CD1 . PHE A  1 4  ? -3.531  5.805   -0.145  1.00 44.57  ? 4  PHE A CD1 1 
ATOM   34  C CD2 . PHE A  1 4  ? -3.256  5.182   -2.438  1.00 42.01  ? 4  PHE A CD2 1 
ATOM   35  C CE1 . PHE A  1 4  ? -4.914  5.721   -0.288  1.00 44.29  ? 4  PHE A CE1 1 
ATOM   36  C CE2 . PHE A  1 4  ? -4.644  5.120   -2.585  1.00 44.18  ? 4  PHE A CE2 1 
ATOM   37  C CZ  . PHE A  1 4  ? -5.460  5.384   -1.509  1.00 42.47  ? 4  PHE A CZ  1 
ATOM   38  N N   . ALA A  1 5  ? -1.609  2.291   -1.702  1.00 40.29  ? 5  ALA A N   1 
ATOM   39  C CA  . ALA A  1 5  ? -1.873  1.308   -2.771  1.00 42.90  ? 5  ALA A CA  1 
ATOM   40  C C   . ALA A  1 5  ? -3.295  0.813   -2.703  1.00 50.68  ? 5  ALA A C   1 
ATOM   41  O O   . ALA A  1 5  ? -3.809  0.588   -1.600  1.00 42.20  ? 5  ALA A O   1 
ATOM   42  C CB  . ALA A  1 5  ? -0.903  0.130   -2.683  1.00 43.33  ? 5  ALA A CB  1 
HETATM 43  N N   . ORN A  1 6  ? -8.474  0.990   -1.788  1.00 40.51  ? 6  ORN A N   1 
HETATM 44  C CA  . ORN A  1 6  ? -7.038  1.195   -1.620  1.00 46.05  ? 6  ORN A CA  1 
HETATM 45  C CB  . ORN A  1 6  ? -6.492  2.031   -2.786  1.00 45.01  ? 6  ORN A CB  1 
HETATM 46  C CG  . ORN A  1 6  ? -6.405  1.209   -4.081  1.00 44.64  ? 6  ORN A CG  1 
HETATM 47  C CD  . ORN A  1 6  ? -5.328  0.114   -4.058  1.00 43.70  ? 6  ORN A CD  1 
HETATM 48  N NE  . ORN A  1 6  ? -3.920  0.627   -3.886  1.00 43.84  ? 6  ORN A NE  1 
HETATM 49  C C   . ORN A  1 6  ? -6.743  1.974   -0.346  1.00 45.64  ? 6  ORN A C   1 
HETATM 50  O O   . ORN A  1 6  ? -7.638  2.589   0.223   1.00 25.71  ? 6  ORN A O   1 
HETATM 51  N N   . HAO A  1 7  ? -5.516  1.987   0.132   1.00 41.57  ? 7  HAO A N   1 
HETATM 52  N N9  . HAO A  1 7  ? -5.236  2.696   1.261   1.00 43.08  ? 7  HAO A N9  1 
HETATM 53  C C10 . HAO A  1 7  ? -3.984  2.985   1.622   1.00 39.21  ? 7  HAO A C10 1 
HETATM 54  O O11 . HAO A  1 7  ? -3.034  2.623   0.927   1.00 41.66  ? 7  HAO A O11 1 
HETATM 55  C CA  . HAO A  1 7  ? -3.725  3.837   2.868   1.00 47.65  ? 7  HAO A CA  1 
HETATM 56  C C13 . HAO A  1 7  ? -2.405  4.146   3.185   1.00 39.74  ? 7  HAO A C13 1 
HETATM 57  C C14 . HAO A  1 7  ? -4.777  4.359   3.645   1.00 58.79  ? 7  HAO A C14 1 
HETATM 58  C C15 . HAO A  1 7  ? -7.038  4.621   4.225   1.00 50.79  ? 7  HAO A C15 1 
HETATM 59  O O15 . HAO A  1 7  ? -6.069  4.062   3.325   1.00 49.36  ? 7  HAO A O15 1 
HETATM 60  C C17 . HAO A  1 7  ? -4.490  5.149   4.763   1.00 45.20  ? 7  HAO A C17 1 
HETATM 61  C C18 . HAO A  1 7  ? -3.166  5.445   5.073   1.00 49.80  ? 7  HAO A C18 1 
HETATM 62  C C19 . HAO A  1 7  ? -2.116  4.892   4.324   1.00 51.85  ? 7  HAO A C19 1 
HETATM 63  N N20 . HAO A  1 7  ? -0.866  5.300   4.503   1.00 47.60  ? 7  HAO A N20 1 
HETATM 64  C C21 . HAO A  1 7  ? -0.268  5.612   5.653   1.00 67.73  ? 7  HAO A C21 1 
HETATM 65  O O22 . HAO A  1 7  ? -0.810  5.422   6.742   1.00 59.36  ? 7  HAO A O22 1 
HETATM 66  C C   . HAO A  1 7  ? 1.139   6.197   5.610   1.00 55.21  ? 7  HAO A C   1 
HETATM 67  O O   . HAO A  1 7  ? 1.617   6.580   4.535   1.00 49.29  ? 7  HAO A O   1 
ATOM   68  N N   . LEU A  1 8  ? 1.744   6.293   6.776   1.00 59.13  ? 8  LEU A N   1 
ATOM   69  C CA  . LEU A  1 8  ? 3.066   6.838   7.039   1.00 60.63  ? 8  LEU A CA  1 
ATOM   70  C C   . LEU A  1 8  ? 3.824   5.963   8.035   1.00 64.57  ? 8  LEU A C   1 
ATOM   71  O O   . LEU A  1 8  ? 3.272   5.581   9.065   1.00 64.75  ? 8  LEU A O   1 
ATOM   72  C CB  . LEU A  1 8  ? 2.927   8.282   7.572   1.00 62.06  ? 8  LEU A CB  1 
ATOM   73  C CG  . LEU A  1 8  ? 4.227   9.024   7.915   1.00 69.62  ? 8  LEU A CG  1 
ATOM   74  C CD1 . LEU A  1 8  ? 4.648   9.931   6.785   1.00 69.69  ? 8  LEU A CD1 1 
ATOM   75  C CD2 . LEU A  1 8  ? 4.072   9.842   9.194   1.00 73.87  ? 8  LEU A CD2 1 
ATOM   76  N N   . LYS A  1 9  ? 5.089   5.660   7.726   1.00 60.57  ? 9  LYS A N   1 
ATOM   77  C CA  . LYS A  1 9  ? 5.972   4.892   8.597   1.00 72.32  ? 9  LYS A CA  1 
ATOM   78  C C   . LYS A  1 9  ? 7.293   5.660   8.705   1.00 88.10  ? 9  LYS A C   1 
ATOM   79  O O   . LYS A  1 9  ? 8.099   5.624   7.783   1.00 58.55  ? 9  LYS A O   1 
ATOM   80  C CB  . LYS A  1 9  ? 6.181   3.462   8.058   1.00 73.25  ? 9  LYS A CB  1 
ATOM   81  C CG  . LYS A  1 9  ? 6.260   2.383   9.146   1.00 81.58  ? 9  LYS A CG  1 
ATOM   82  C CD  . LYS A  1 9  ? 7.663   2.216   9.740   1.00 88.59  ? 9  LYS A CD  1 
ATOM   83  C CE  . LYS A  1 9  ? 7.841   0.939   10.537  1.00 90.40  ? 9  LYS A CE  1 
ATOM   84  N NZ  . LYS A  1 9  ? 7.008   0.916   11.766  1.00 89.88  ? 9  LYS A NZ  1 
HETATM 85  N N   . ORN A  1 10 ? 10.059  10.155  7.195   1.00 74.28  ? 10 ORN A N   1 
HETATM 86  C CA  . ORN A  1 10 ? 9.372   8.866   7.113   1.00 82.85  ? 10 ORN A CA  1 
HETATM 87  C CB  . ORN A  1 10 ? 8.189   8.892   8.078   1.00 82.58  ? 10 ORN A CB  1 
HETATM 88  C CG  . ORN A  1 10 ? 8.686   8.696   9.516   1.00 82.60  ? 10 ORN A CG  1 
HETATM 89  C CD  . ORN A  1 10 ? 8.884   7.209   9.878   1.00 82.85  ? 10 ORN A CD  1 
HETATM 90  N NE  . ORN A  1 10 ? 7.583   6.425   9.770   1.00 83.20  ? 10 ORN A NE  1 
HETATM 91  C C   . ORN A  1 10 ? 8.861   8.587   5.698   1.00 80.10  ? 10 ORN A C   1 
HETATM 92  O O   . ORN A  1 10 ? 9.066   9.403   4.794   1.00 65.72  ? 10 ORN A O   1 
ATOM   93  N N   . LEU B  1 1  ? 2.491   0.362   -5.725  1.00 46.42  ? 1  LEU B N   1 
ATOM   94  C CA  . LEU B  1 1  ? 2.589   1.244   -4.572  1.00 45.72  ? 1  LEU B CA  1 
ATOM   95  C C   . LEU B  1 1  ? 2.983   2.678   -4.958  1.00 48.14  ? 1  LEU B C   1 
ATOM   96  O O   . LEU B  1 1  ? 4.012   2.893   -5.613  1.00 46.83  ? 1  LEU B O   1 
ATOM   97  C CB  . LEU B  1 1  ? 3.612   0.688   -3.563  1.00 46.82  ? 1  LEU B CB  1 
ATOM   98  C CG  . LEU B  1 1  ? 3.757   1.488   -2.258  1.00 52.04  ? 1  LEU B CG  1 
ATOM   99  C CD1 . LEU B  1 1  ? 2.689   1.086   -1.246  1.00 51.38  ? 1  LEU B CD1 1 
ATOM   100 C CD2 . LEU B  1 1  ? 5.159   1.329   -1.676  1.00 57.38  ? 1  LEU B CD2 1 
ATOM   101 N N   . VAL B  1 2  ? 2.206   3.652   -4.480  1.00 44.33  ? 2  VAL B N   1 
ATOM   102 C CA  . VAL B  1 2  ? 2.538   5.073   -4.630  1.00 44.97  ? 2  VAL B CA  1 
ATOM   103 C C   . VAL B  1 2  ? 3.347   5.420   -3.363  1.00 49.66  ? 2  VAL B C   1 
ATOM   104 O O   . VAL B  1 2  ? 2.913   5.100   -2.255  1.00 48.39  ? 2  VAL B O   1 
ATOM   105 C CB  . VAL B  1 2  ? 1.297   5.990   -4.801  1.00 47.95  ? 2  VAL B CB  1 
ATOM   106 C CG1 . VAL B  1 2  ? 1.701   7.466   -4.854  1.00 48.04  ? 2  VAL B CG1 1 
ATOM   107 C CG2 . VAL B  1 2  ? 0.498   5.608   -6.044  1.00 47.42  ? 2  VAL B CG2 1 
ATOM   108 N N   . PHE B  1 3  ? 4.532   6.013   -3.527  1.00 47.96  ? 3  PHE B N   1 
ATOM   109 C CA  . PHE B  1 3  ? 5.357   6.355   -2.370  1.00 48.28  ? 3  PHE B CA  1 
ATOM   110 C C   . PHE B  1 3  ? 6.003   7.734   -2.466  1.00 52.21  ? 3  PHE B C   1 
ATOM   111 O O   . PHE B  1 3  ? 6.251   8.247   -3.561  1.00 50.43  ? 3  PHE B O   1 
ATOM   112 C CB  . PHE B  1 3  ? 6.442   5.273   -2.117  1.00 50.24  ? 3  PHE B CB  1 
ATOM   113 C CG  . PHE B  1 3  ? 7.497   5.184   -3.198  1.00 52.77  ? 3  PHE B CG  1 
ATOM   114 C CD1 . PHE B  1 3  ? 7.381   4.262   -4.233  1.00 55.93  ? 3  PHE B CD1 1 
ATOM   115 C CD2 . PHE B  1 3  ? 8.607   6.029   -3.185  1.00 55.98  ? 3  PHE B CD2 1 
ATOM   116 C CE1 . PHE B  1 3  ? 8.345   4.196   -5.245  1.00 57.50  ? 3  PHE B CE1 1 
ATOM   117 C CE2 . PHE B  1 3  ? 9.559   5.978   -4.210  1.00 59.40  ? 3  PHE B CE2 1 
ATOM   118 C CZ  . PHE B  1 3  ? 9.424   5.060   -5.230  1.00 57.44  ? 3  PHE B CZ  1 
ATOM   119 N N   . PHE B  1 4  ? 6.353   8.284   -1.303  1.00 50.05  ? 4  PHE B N   1 
ATOM   120 C CA  . PHE B  1 4  ? 7.119   9.512   -1.174  1.00 50.97  ? 4  PHE B CA  1 
ATOM   121 C C   . PHE B  1 4  ? 7.924   9.433   0.120   1.00 56.80  ? 4  PHE B C   1 
ATOM   122 O O   . PHE B  1 4  ? 7.353   9.198   1.184   1.00 56.95  ? 4  PHE B O   1 
ATOM   123 C CB  . PHE B  1 4  ? 6.241   10.772  -1.244  1.00 52.33  ? 4  PHE B CB  1 
ATOM   124 C CG  . PHE B  1 4  ? 7.043   12.043  -1.443  1.00 54.15  ? 4  PHE B CG  1 
ATOM   125 C CD1 . PHE B  1 4  ? 7.428   12.451  -2.716  1.00 56.42  ? 4  PHE B CD1 1 
ATOM   126 C CD2 . PHE B  1 4  ? 7.457   12.801  -0.354  1.00 56.29  ? 4  PHE B CD2 1 
ATOM   127 C CE1 . PHE B  1 4  ? 8.185   13.614  -2.897  1.00 58.54  ? 4  PHE B CE1 1 
ATOM   128 C CE2 . PHE B  1 4  ? 8.222   13.957  -0.536  1.00 60.35  ? 4  PHE B CE2 1 
ATOM   129 C CZ  . PHE B  1 4  ? 8.569   14.362  -1.807  1.00 58.61  ? 4  PHE B CZ  1 
ATOM   130 N N   . ALA B  1 5  ? 9.253   9.551   0.013   1.00 54.27  ? 5  ALA B N   1 
ATOM   131 C CA  . ALA B  1 5  ? 10.157  9.504   1.166   1.00 73.77  ? 5  ALA B CA  1 
ATOM   132 C C   . ALA B  1 5  ? 11.039  10.747  1.167   1.00 95.53  ? 5  ALA B C   1 
ATOM   133 O O   . ALA B  1 5  ? 11.774  10.969  0.207   1.00 70.95  ? 5  ALA B O   1 
ATOM   134 C CB  . ALA B  1 5  ? 11.009  8.244   1.121   1.00 74.43  ? 5  ALA B CB  1 
HETATM 135 N N   . ORN B  1 6  ? 13.993  14.922  -0.912  1.00 79.37  ? 6  ORN B N   1 
HETATM 136 C CA  . ORN B  1 6  ? 12.978  13.876  -0.804  1.00 93.61  ? 6  ORN B CA  1 
HETATM 137 C CB  . ORN B  1 6  ? 12.026  14.116  0.373   1.00 93.01  ? 6  ORN B CB  1 
HETATM 138 C CG  . ORN B  1 6  ? 12.679  13.442  1.582   1.00 93.73  ? 6  ORN B CG  1 
HETATM 139 C CD  . ORN B  1 6  ? 11.634  12.879  2.555   1.00 93.28  ? 6  ORN B CD  1 
HETATM 140 N NE  . ORN B  1 6  ? 10.934  11.564  2.227   1.00 91.47  ? 6  ORN B NE  1 
HETATM 141 C C   . ORN B  1 6  ? 12.238  13.645  -2.122  1.00 91.67  ? 6  ORN B C   1 
HETATM 142 O O   . ORN B  1 6  ? 12.049  14.585  -2.896  1.00 56.56  ? 6  ORN B O   1 
HETATM 143 N N   . HAO B  1 7  ? 11.821  12.396  -2.397  1.00 83.13  ? 7  HAO B N   1 
HETATM 144 N N9  . HAO B  1 7  ? 11.152  12.134  -3.555  1.00 77.38  ? 7  HAO B N9  1 
HETATM 145 C C10 . HAO B  1 7  ? 10.393  11.053  -3.739  1.00 70.06  ? 7  HAO B C10 1 
HETATM 146 O O11 . HAO B  1 7  ? 10.244  10.229  -2.834  1.00 66.19  ? 7  HAO B O11 1 
HETATM 147 C CA  . HAO B  1 7  ? 9.640   10.855  -5.063  1.00 80.68  ? 7  HAO B CA  1 
HETATM 148 C C13 . HAO B  1 7  ? 8.814   9.735   -5.177  1.00 52.36  ? 7  HAO B C13 1 
HETATM 149 C C14 . HAO B  1 7  ? 9.713   11.775  -6.125  1.00 60.26  ? 7  HAO B C14 1 
HETATM 150 C C15 . HAO B  1 7  ? 10.827  13.498  -7.279  1.00 69.29  ? 7  HAO B C15 1 
HETATM 151 O O15 . HAO B  1 7  ? 10.493  12.891  -6.018  1.00 78.34  ? 7  HAO B O15 1 
HETATM 152 C C17 . HAO B  1 7  ? 8.963   11.548  -7.290  1.00 63.01  ? 7  HAO B C17 1 
HETATM 153 C C18 . HAO B  1 7  ? 8.138   10.427  -7.395  1.00 63.98  ? 7  HAO B C18 1 
HETATM 154 C C19 . HAO B  1 7  ? 8.091   9.508   -6.342  1.00 83.25  ? 7  HAO B C19 1 
HETATM 155 N N20 . HAO B  1 7  ? 7.279   8.461   -6.374  1.00 52.37  ? 7  HAO B N20 1 
HETATM 156 C C21 . HAO B  1 7  ? 7.293   7.496   -7.292  1.00 54.97  ? 7  HAO B C21 1 
HETATM 157 O O22 . HAO B  1 7  ? 8.068   7.517   -8.245  1.00 66.05  ? 7  HAO B O22 1 
HETATM 158 C C   . HAO B  1 7  ? 6.266   6.377   -7.203  1.00 55.98  ? 7  HAO B C   1 
HETATM 159 O O   . HAO B  1 7  ? 5.370   6.401   -6.354  1.00 53.89  ? 7  HAO B O   1 
ATOM   160 N N   . LEU B  1 8  ? 6.408   5.454   -8.101  1.00 57.64  ? 8  LEU B N   1 
ATOM   161 C CA  . LEU B  1 8  ? 5.524   4.321   -8.274  1.00 56.75  ? 8  LEU B CA  1 
ATOM   162 C C   . LEU B  1 8  ? 6.287   3.009   -8.402  1.00 60.73  ? 8  LEU B C   1 
ATOM   163 O O   . LEU B  1 8  ? 7.229   2.906   -9.193  1.00 61.25  ? 8  LEU B O   1 
ATOM   164 C CB  . LEU B  1 8  ? 4.656   4.600   -9.521  1.00 56.71  ? 8  LEU B CB  1 
ATOM   165 C CG  . LEU B  1 8  ? 3.444   3.717   -9.806  1.00 61.29  ? 8  LEU B CG  1 
ATOM   166 C CD1 . LEU B  1 8  ? 2.377   3.855   -8.723  1.00 60.68  ? 8  LEU B CD1 1 
ATOM   167 C CD2 . LEU B  1 8  ? 2.842   4.078   -11.148 1.00 63.58  ? 8  LEU B CD2 1 
ATOM   168 N N   . LYS B  1 9  ? 5.891   2.013   -7.595  1.00 56.22  ? 9  LYS B N   1 
ATOM   169 C CA  . LYS B  1 9  ? 6.468   0.676   -7.649  1.00 60.65  ? 9  LYS B CA  1 
ATOM   170 C C   . LYS B  1 9  ? 5.337   -0.320  -7.868  1.00 62.19  ? 9  LYS B C   1 
ATOM   171 O O   . LYS B  1 9  ? 4.740   -0.813  -6.912  1.00 55.68  ? 9  LYS B O   1 
ATOM   172 C CB  . LYS B  1 9  ? 7.324   0.358   -6.408  1.00 63.56  ? 9  LYS B CB  1 
ATOM   173 C CG  . LYS B  1 9  ? 8.139   -0.918  -6.599  1.00 71.56  ? 9  LYS B CG  1 
ATOM   174 C CD  . LYS B  1 9  ? 9.213   -1.113  -5.558  1.00 79.27  ? 9  LYS B CD  1 
ATOM   175 C CE  . LYS B  1 9  ? 10.125  -2.241  -5.985  1.00 91.14  ? 9  LYS B CE  1 
ATOM   176 N NZ  . LYS B  1 9  ? 11.251  -2.437  -5.036  1.00 102.99 ? 9  LYS B NZ  1 
HETATM 177 N N   . ORN B  1 10 ? 0.078   -0.835  -8.084  1.00 50.03  ? 10 ORN B N   1 
HETATM 178 C CA  . ORN B  1 10 ? 1.453   -0.550  -7.691  1.00 55.11  ? 10 ORN B CA  1 
HETATM 179 C CB  . ORN B  1 10 ? 2.139   0.242   -8.846  1.00 55.21  ? 10 ORN B CB  1 
HETATM 180 C CG  . ORN B  1 10 ? 2.704   -0.612  -10.010 1.00 54.72  ? 10 ORN B CG  1 
HETATM 181 C CD  . ORN B  1 10 ? 3.898   -1.472  -9.573  1.00 54.58  ? 10 ORN B CD  1 
HETATM 182 N NE  . ORN B  1 10 ? 4.999   -0.561  -9.139  1.00 54.92  ? 10 ORN B NE  1 
HETATM 183 C C   . ORN B  1 10 ? 1.457   0.377   -6.490  1.00 58.70  ? 10 ORN B C   1 
HETATM 184 O O   . ORN B  1 10 ? 0.414   0.918   -6.125  1.00 45.30  ? 10 ORN B O   1 
ATOM   185 N N   . LEU C  1 1  ? 9.017   -1.956  3.266   1.00 56.51  ? 1  LEU C N   1 
ATOM   186 C CA  . LEU C  1 1  ? 7.581   -2.143  3.454   1.00 54.18  ? 1  LEU C CA  1 
ATOM   187 C C   . LEU C  1 1  ? 7.042   -3.230  2.524   1.00 53.64  ? 1  LEU C C   1 
ATOM   188 O O   . LEU C  1 1  ? 7.300   -3.194  1.314   1.00 53.44  ? 1  LEU C O   1 
ATOM   189 C CB  . LEU C  1 1  ? 6.827   -0.823  3.236   1.00 54.46  ? 1  LEU C CB  1 
ATOM   190 C CG  . LEU C  1 1  ? 5.309   -0.894  3.403   1.00 58.09  ? 1  LEU C CG  1 
ATOM   191 C CD1 . LEU C  1 1  ? 4.859   -0.093  4.588   1.00 58.73  ? 1  LEU C CD1 1 
ATOM   192 C CD2 . LEU C  1 1  ? 4.611   -0.433  2.148   1.00 59.93  ? 1  LEU C CD2 1 
ATOM   193 N N   . VAL C  1 2  ? 6.296   -4.190  3.102   1.00 45.89  ? 2  VAL C N   1 
ATOM   194 C CA  . VAL C  1 2  ? 5.612   -5.258  2.375   1.00 43.78  ? 2  VAL C CA  1 
ATOM   195 C C   . VAL C  1 2  ? 4.217   -4.699  2.124   1.00 47.90  ? 2  VAL C C   1 
ATOM   196 O O   . VAL C  1 2  ? 3.575   -4.202  3.053   1.00 46.91  ? 2  VAL C O   1 
ATOM   197 C CB  . VAL C  1 2  ? 5.552   -6.596  3.179   1.00 46.75  ? 2  VAL C CB  1 
ATOM   198 C CG1 . VAL C  1 2  ? 4.834   -7.688  2.384   1.00 45.44  ? 2  VAL C CG1 1 
ATOM   199 C CG2 . VAL C  1 2  ? 6.948   -7.068  3.589   1.00 46.98  ? 2  VAL C CG2 1 
ATOM   200 N N   . PHE C  1 3  ? 3.766   -4.723  0.871   1.00 43.95  ? 3  PHE C N   1 
ATOM   201 C CA  . PHE C  1 3  ? 2.453   -4.184  0.549   1.00 42.58  ? 3  PHE C CA  1 
ATOM   202 C C   . PHE C  1 3  ? 1.702   -5.156  -0.323  1.00 43.95  ? 3  PHE C C   1 
ATOM   203 O O   . PHE C  1 3  ? 2.303   -5.817  -1.176  1.00 41.82  ? 3  PHE C O   1 
ATOM   204 C CB  . PHE C  1 3  ? 2.565   -2.805  -0.145  1.00 44.69  ? 3  PHE C CB  1 
ATOM   205 C CG  . PHE C  1 3  ? 3.283   -2.803  -1.483  1.00 46.26  ? 3  PHE C CG  1 
ATOM   206 C CD1 . PHE C  1 3  ? 4.664   -2.630  -1.551  1.00 49.51  ? 3  PHE C CD1 1 
ATOM   207 C CD2 . PHE C  1 3  ? 2.574   -2.951  -2.674  1.00 47.43  ? 3  PHE C CD2 1 
ATOM   208 C CE1 . PHE C  1 3  ? 5.323   -2.610  -2.785  1.00 50.72  ? 3  PHE C CE1 1 
ATOM   209 C CE2 . PHE C  1 3  ? 3.237   -2.964  -3.907  1.00 50.64  ? 3  PHE C CE2 1 
ATOM   210 C CZ  . PHE C  1 3  ? 4.608   -2.799  -3.953  1.00 49.72  ? 3  PHE C CZ  1 
ATOM   211 N N   . PHE C  1 4  ? 0.385   -5.223  -0.117  1.00 39.21  ? 4  PHE C N   1 
ATOM   212 C CA  . PHE C  1 4  ? -0.529  -6.041  -0.914  1.00 38.44  ? 4  PHE C CA  1 
ATOM   213 C C   . PHE C  1 4  ? -1.914  -5.406  -0.891  1.00 41.52  ? 4  PHE C C   1 
ATOM   214 O O   . PHE C  1 4  ? -2.412  -5.048  0.181   1.00 40.51  ? 4  PHE C O   1 
ATOM   215 C CB  . PHE C  1 4  ? -0.577  -7.508  -0.419  1.00 39.36  ? 4  PHE C CB  1 
ATOM   216 C CG  . PHE C  1 4  ? -1.281  -8.436  -1.383  1.00 40.51  ? 4  PHE C CG  1 
ATOM   217 C CD1 . PHE C  1 4  ? -0.585  -9.046  -2.423  1.00 44.02  ? 4  PHE C CD1 1 
ATOM   218 C CD2 . PHE C  1 4  ? -2.654  -8.655  -1.288  1.00 41.83  ? 4  PHE C CD2 1 
ATOM   219 C CE1 . PHE C  1 4  ? -1.233  -9.909  -3.311  1.00 44.74  ? 4  PHE C CE1 1 
ATOM   220 C CE2 . PHE C  1 4  ? -3.307  -9.512  -2.182  1.00 44.21  ? 4  PHE C CE2 1 
ATOM   221 C CZ  . PHE C  1 4  ? -2.589  -10.138 -3.184  1.00 43.44  ? 4  PHE C CZ  1 
ATOM   222 N N   . ALA C  1 5  ? -2.545  -5.276  -2.066  1.00 37.52  ? 5  ALA C N   1 
ATOM   223 C CA  . ALA C  1 5  ? -3.889  -4.674  -2.156  1.00 46.48  ? 5  ALA C CA  1 
ATOM   224 C C   . ALA C  1 5  ? -4.648  -5.217  -3.342  1.00 53.20  ? 5  ALA C C   1 
ATOM   225 O O   . ALA C  1 5  ? -4.081  -5.288  -4.432  1.00 43.98  ? 5  ALA C O   1 
ATOM   226 C CB  . ALA C  1 5  ? -3.786  -3.152  -2.268  1.00 46.85  ? 5  ALA C CB  1 
HETATM 227 N N   . ORN C  1 6  ? -5.878  -8.527  -7.163  1.00 51.49  ? 6  ORN C N   1 
HETATM 228 C CA  . ORN C  1 6  ? -5.101  -7.802  -6.158  1.00 52.24  ? 6  ORN C CA  1 
HETATM 229 C CB  . ORN C  1 6  ? -5.542  -8.247  -4.736  1.00 50.26  ? 6  ORN C CB  1 
HETATM 230 C CG  . ORN C  1 6  ? -6.922  -7.644  -4.400  1.00 48.58  ? 6  ORN C CG  1 
HETATM 231 C CD  . ORN C  1 6  ? -6.853  -6.089  -4.280  1.00 47.90  ? 6  ORN C CD  1 
HETATM 232 N NE  . ORN C  1 6  ? -5.925  -5.562  -3.170  1.00 47.41  ? 6  ORN C NE  1 
HETATM 233 C C   . ORN C  1 6  ? -3.626  -8.163  -6.261  1.00 60.24  ? 6  ORN C C   1 
HETATM 234 O O   . ORN C  1 6  ? -3.279  -9.220  -6.795  1.00 29.70  ? 6  ORN C O   1 
HETATM 235 N N   . HAO C  1 7  ? -2.756  -7.311  -5.753  1.00 50.10  ? 7  HAO C N   1 
HETATM 236 N N9  . HAO C  1 7  ? -1.434  -7.612  -5.796  1.00 47.33  ? 7  HAO C N9  1 
HETATM 237 C C10 . HAO C  1 7  ? -0.528  -6.956  -5.069  1.00 47.77  ? 7  HAO C C10 1 
HETATM 238 O O11 . HAO C  1 7  ? -0.864  -6.028  -4.334  1.00 47.17  ? 7  HAO C O11 1 
HETATM 239 C CA  . HAO C  1 7  ? 0.947   -7.356  -5.146  1.00 46.80  ? 7  HAO C CA  1 
HETATM 240 C C13 . HAO C  1 7  ? 1.857   -6.688  -4.315  1.00 43.29  ? 7  HAO C C13 1 
HETATM 241 C C14 . HAO C  1 7  ? 1.390   -8.365  -6.018  1.00 46.72  ? 7  HAO C C14 1 
HETATM 242 C C15 . HAO C  1 7  ? 1.063   -9.991  -7.718  1.00 47.59  ? 7  HAO C C15 1 
HETATM 243 O O15 . HAO C  1 7  ? 0.492   -9.014  -6.815  1.00 54.72  ? 7  HAO C O15 1 
HETATM 244 C C17 . HAO C  1 7  ? 2.756   -8.695  -6.053  1.00 52.79  ? 7  HAO C C17 1 
HETATM 245 C C18 . HAO C  1 7  ? 3.656   -8.035  -5.217  1.00 52.41  ? 7  HAO C C18 1 
HETATM 246 C C19 . HAO C  1 7  ? 3.216   -6.989  -4.387  1.00 63.08  ? 7  HAO C C19 1 
HETATM 247 N N20 . HAO C  1 7  ? 4.014   -6.486  -3.453  1.00 41.53  ? 7  HAO C N20 1 
HETATM 248 C C21 . HAO C  1 7  ? 5.312   -6.190  -3.540  1.00 60.63  ? 7  HAO C C21 1 
HETATM 249 O O22 . HAO C  1 7  ? 5.915   -6.231  -4.609  1.00 55.22  ? 7  HAO C O22 1 
HETATM 250 C C   . HAO C  1 7  ? 6.062   -5.764  -2.279  1.00 52.59  ? 7  HAO C C   1 
HETATM 251 O O   . HAO C  1 7  ? 5.528   -5.860  -1.158  1.00 45.52  ? 7  HAO C O   1 
ATOM   252 N N   . LEU C  1 8  ? 7.277   -5.344  -2.486  1.00 55.48  ? 8  LEU C N   1 
ATOM   253 C CA  . LEU C  1 8  ? 8.224   -4.911  -1.464  1.00 56.64  ? 8  LEU C CA  1 
ATOM   254 C C   . LEU C  1 8  ? 8.846   -3.574  -1.838  1.00 59.82  ? 8  LEU C C   1 
ATOM   255 O O   . LEU C  1 8  ? 9.183   -3.345  -2.998  1.00 59.48  ? 8  LEU C O   1 
ATOM   256 C CB  . LEU C  1 8  ? 9.318   -6.005  -1.271  1.00 57.68  ? 8  LEU C CB  1 
ATOM   257 C CG  . LEU C  1 8  ? 10.311  -5.851  -0.105  1.00 64.23  ? 8  LEU C CG  1 
ATOM   258 C CD1 . LEU C  1 8  ? 9.680   -6.224  1.218   1.00 64.85  ? 8  LEU C CD1 1 
ATOM   259 C CD2 . LEU C  1 8  ? 11.530  -6.729  -0.305  1.00 67.55  ? 8  LEU C CD2 1 
ATOM   260 N N   . LYS C  1 9  ? 8.957   -2.675  -0.862  1.00 56.04  ? 9  LYS C N   1 
ATOM   261 C CA  . LYS C  1 9  ? 9.609   -1.388  -1.065  1.00 58.63  ? 9  LYS C CA  1 
ATOM   262 C C   . LYS C  1 9  ? 10.557  -1.169  0.101   1.00 73.68  ? 9  LYS C C   1 
ATOM   263 O O   . LYS C  1 9  ? 10.158  -0.626  1.128   1.00 55.66  ? 9  LYS C O   1 
ATOM   264 C CB  . LYS C  1 9  ? 8.602   -0.230  -1.241  1.00 60.26  ? 9  LYS C CB  1 
ATOM   265 C CG  . LYS C  1 9  ? 9.070   0.859   -2.229  1.00 69.66  ? 9  LYS C CG  1 
ATOM   266 C CD  . LYS C  1 9  ? 10.165  1.778   -1.673  1.00 76.65  ? 9  LYS C CD  1 
ATOM   267 C CE  . LYS C  1 9  ? 10.624  2.862   -2.627  1.00 80.59  ? 9  LYS C CE  1 
ATOM   268 N NZ  . LYS C  1 9  ? 11.329  2.329   -3.830  1.00 85.45  ? 9  LYS C NZ  1 
HETATM 269 N N   . ORN C  1 10 ? 12.170  -2.869  4.787   1.00 68.81  ? 10 ORN C N   1 
HETATM 270 C CA  . ORN C  1 10 ? 11.358  -2.498  3.629   1.00 72.15  ? 10 ORN C CA  1 
HETATM 271 C CB  . ORN C  1 10 ? 11.735  -3.368  2.437   1.00 71.91  ? 10 ORN C CB  1 
HETATM 272 C CG  . ORN C  1 10 ? 13.018  -2.832  1.796   1.00 72.16  ? 10 ORN C CG  1 
HETATM 273 C CD  . ORN C  1 10 ? 12.832  -1.498  1.068   1.00 72.38  ? 10 ORN C CD  1 
HETATM 274 N NE  . ORN C  1 10 ? 11.801  -1.633  -0.029  1.00 72.46  ? 10 ORN C NE  1 
HETATM 275 C C   . ORN C  1 10 ? 9.880   -2.744  3.890   1.00 74.50  ? 10 ORN C C   1 
HETATM 276 O O   . ORN C  1 10 ? 9.530   -3.372  4.893   1.00 64.51  ? 10 ORN C O   1 
ATOM   277 N N   . LEU D  1 1  ? -5.412  -1.513  1.754   1.00 44.78  ? 1  LEU D N   1 
ATOM   278 C CA  . LEU D  1 1  ? -4.030  -1.969  1.755   1.00 44.01  ? 1  LEU D CA  1 
ATOM   279 C C   . LEU D  1 1  ? -3.693  -2.868  2.964   1.00 46.75  ? 1  LEU D C   1 
ATOM   280 O O   . LEU D  1 1  ? -3.997  -2.520  4.106   1.00 45.89  ? 1  LEU D O   1 
ATOM   281 C CB  . LEU D  1 1  ? -3.093  -0.745  1.761   1.00 44.91  ? 1  LEU D CB  1 
ATOM   282 C CG  . LEU D  1 1  ? -1.591  -1.012  1.995   1.00 49.76  ? 1  LEU D CG  1 
ATOM   283 C CD1 . LEU D  1 1  ? -0.968  -1.767  0.813   1.00 49.53  ? 1  LEU D CD1 1 
ATOM   284 C CD2 . LEU D  1 1  ? -0.854  0.279   2.234   1.00 52.31  ? 1  LEU D CD2 1 
ATOM   285 N N   . VAL D  1 2  ? -3.009  -3.990  2.696   1.00 41.91  ? 2  VAL D N   1 
ATOM   286 C CA  . VAL D  1 2  ? -2.444  -4.874  3.702   1.00 41.04  ? 2  VAL D CA  1 
ATOM   287 C C   . VAL D  1 2  ? -0.955  -4.540  3.677   1.00 45.27  ? 2  VAL D C   1 
ATOM   288 O O   . VAL D  1 2  ? -0.328  -4.588  2.615   1.00 43.98  ? 2  VAL D O   1 
ATOM   289 C CB  . VAL D  1 2  ? -2.678  -6.396  3.460   1.00 43.69  ? 2  VAL D CB  1 
ATOM   290 C CG1 . VAL D  1 2  ? -2.025  -7.225  4.578   1.00 42.77  ? 2  VAL D CG1 1 
ATOM   291 C CG2 . VAL D  1 2  ? -4.164  -6.720  3.345   1.00 43.08  ? 2  VAL D CG2 1 
ATOM   292 N N   . PHE D  1 3  ? -0.389  -4.191  4.828   1.00 43.03  ? 3  PHE D N   1 
ATOM   293 C CA  . PHE D  1 3  ? 1.024   -3.842  4.874   1.00 43.85  ? 3  PHE D CA  1 
ATOM   294 C C   . PHE D  1 3  ? 1.713   -4.434  6.095   1.00 48.38  ? 3  PHE D C   1 
ATOM   295 O O   . PHE D  1 3  ? 1.069   -4.739  7.099   1.00 48.19  ? 3  PHE D O   1 
ATOM   296 C CB  . PHE D  1 3  ? 1.203   -2.304  4.855   1.00 46.41  ? 3  PHE D CB  1 
ATOM   297 C CG  . PHE D  1 3  ? 0.964   -1.667  6.207   1.00 49.78  ? 3  PHE D CG  1 
ATOM   298 C CD1 . PHE D  1 3  ? -0.330  -1.473  6.684   1.00 53.60  ? 3  PHE D CD1 1 
ATOM   299 C CD2 . PHE D  1 3  ? 2.033   -1.324  7.030   1.00 52.95  ? 3  PHE D CD2 1 
ATOM   300 C CE1 . PHE D  1 3  ? -0.548  -0.958  7.965   1.00 55.42  ? 3  PHE D CE1 1 
ATOM   301 C CE2 . PHE D  1 3  ? 1.814   -0.810  8.312   1.00 56.83  ? 3  PHE D CE2 1 
ATOM   302 C CZ  . PHE D  1 3  ? 0.525   -0.623  8.768   1.00 55.16  ? 3  PHE D CZ  1 
ATOM   303 N N   . PHE D  1 4  ? 3.037   -4.508  6.024   1.00 45.62  ? 4  PHE D N   1 
ATOM   304 C CA  . PHE D  1 4  ? 3.912   -4.906  7.117   1.00 46.27  ? 4  PHE D CA  1 
ATOM   305 C C   . PHE D  1 4  ? 5.224   -4.172  6.904   1.00 51.79  ? 4  PHE D C   1 
ATOM   306 O O   . PHE D  1 4  ? 5.754   -4.190  5.794   1.00 51.88  ? 4  PHE D O   1 
ATOM   307 C CB  . PHE D  1 4  ? 4.117   -6.429  7.202   1.00 47.36  ? 4  PHE D CB  1 
ATOM   308 C CG  . PHE D  1 4  ? 4.797   -6.859  8.486   1.00 49.72  ? 4  PHE D CG  1 
ATOM   309 C CD1 . PHE D  1 4  ? 4.065   -7.030  9.658   1.00 52.30  ? 4  PHE D CD1 1 
ATOM   310 C CD2 . PHE D  1 4  ? 6.176   -7.040  8.537   1.00 51.73  ? 4  PHE D CD2 1 
ATOM   311 C CE1 . PHE D  1 4  ? 4.697   -7.406  10.850  1.00 54.24  ? 4  PHE D CE1 1 
ATOM   312 C CE2 . PHE D  1 4  ? 6.806   -7.413  9.729   1.00 55.16  ? 4  PHE D CE2 1 
ATOM   313 C CZ  . PHE D  1 4  ? 6.062   -7.590  10.878  1.00 53.80  ? 4  PHE D CZ  1 
ATOM   314 N N   . ALA D  1 5  ? 5.715   -3.490  7.948   1.00 49.06  ? 5  ALA D N   1 
ATOM   315 C CA  . ALA D  1 5  ? 6.972   -2.731  7.930   1.00 65.42  ? 5  ALA D CA  1 
ATOM   316 C C   . ALA D  1 5  ? 7.676   -2.832  9.282   1.00 76.33  ? 5  ALA D C   1 
ATOM   317 O O   . ALA D  1 5  ? 7.040   -2.629  10.317  1.00 58.16  ? 5  ALA D O   1 
ATOM   318 C CB  . ALA D  1 5  ? 6.709   -1.270  7.594   1.00 65.78  ? 5  ALA D CB  1 
HETATM 319 N N   . ORN D  1 6  ? 8.901   -4.256  14.112  1.00 65.74  ? 6  ORN D N   1 
HETATM 320 C CA  . ORN D  1 6  ? 8.100   -4.101  12.900  1.00 69.39  ? 6  ORN D CA  1 
HETATM 321 C CB  . ORN D  1 6  ? 8.549   -5.066  11.772  1.00 68.12  ? 6  ORN D CB  1 
HETATM 322 C CG  . ORN D  1 6  ? 9.869   -4.678  11.105  1.00 67.81  ? 6  ORN D CG  1 
HETATM 323 C CD  . ORN D  1 6  ? 9.786   -3.245  10.599  1.00 67.31  ? 6  ORN D CD  1 
HETATM 324 N NE  . ORN D  1 6  ? 8.979   -3.136  9.313   1.00 66.07  ? 6  ORN D NE  1 
HETATM 325 C C   . ORN D  1 6  ? 6.670   -4.561  13.124  1.00 74.75  ? 6  ORN D C   1 
HETATM 326 O O   . ORN D  1 6  ? 6.420   -5.411  13.977  1.00 44.51  ? 6  ORN D O   1 
HETATM 327 N N   . HAO D  1 7  ? 5.742   -4.019  12.345  1.00 69.68  ? 7  HAO D N   1 
HETATM 328 N N9  . HAO D  1 7  ? 4.433   -4.384  12.409  1.00 69.15  ? 7  HAO D N9  1 
HETATM 329 C C10 . HAO D  1 7  ? 3.587   -4.119  11.412  1.00 57.63  ? 7  HAO D C10 1 
HETATM 330 O O11 . HAO D  1 7  ? 3.966   -3.486  10.421  1.00 57.76  ? 7  HAO D O11 1 
HETATM 331 C CA  . HAO D  1 7  ? 2.133   -4.616  11.478  1.00 68.24  ? 7  HAO D CA  1 
HETATM 332 C C13 . HAO D  1 7  ? 1.295   -4.332  10.399  1.00 48.48  ? 7  HAO D C13 1 
HETATM 333 C C14 . HAO D  1 7  ? 1.644   -5.387  12.549  1.00 60.41  ? 7  HAO D C14 1 
HETATM 334 C C15 . HAO D  1 7  ? 1.759   -5.810  14.862  1.00 65.49  ? 7  HAO D C15 1 
HETATM 335 O O15 . HAO D  1 7  ? 2.452   -5.728  13.596  1.00 73.94  ? 7  HAO D O15 1 
HETATM 336 C C17 . HAO D  1 7  ? 0.317   -5.831  12.530  1.00 57.41  ? 7  HAO D C17 1 
HETATM 337 C C18 . HAO D  1 7  ? -0.518  -5.527  11.461  1.00 56.33  ? 7  HAO D C18 1 
HETATM 338 C C19 . HAO D  1 7  ? -0.035  -4.741  10.409  1.00 60.60  ? 7  HAO D C19 1 
HETATM 339 N N20 . HAO D  1 7  ? -0.799  -4.473  9.354   1.00 46.83  ? 7  HAO D N20 1 
HETATM 340 C C21 . HAO D  1 7  ? -2.031  -3.962  9.396   1.00 56.66  ? 7  HAO D C21 1 
HETATM 341 O O22 . HAO D  1 7  ? -2.601  -3.687  10.452  1.00 54.45  ? 7  HAO D O22 1 
HETATM 342 C C   . HAO D  1 7  ? -2.779  -3.778  8.091   1.00 50.50  ? 7  HAO D C   1 
HETATM 343 O O   . HAO D  1 7  ? -2.270  -4.155  7.039   1.00 46.39  ? 7  HAO D O   1 
ATOM   344 N N   . LEU D  1 8  ? -3.964  -3.256  8.235   1.00 49.73  ? 8  LEU D N   1 
ATOM   345 C CA  . LEU D  1 8  ? -4.956  -2.986  7.210   1.00 49.06  ? 8  LEU D CA  1 
ATOM   346 C C   . LEU D  1 8  ? -5.325  -1.508  7.168   1.00 51.78  ? 8  LEU D C   1 
ATOM   347 O O   . LEU D  1 8  ? -5.699  -0.929  8.187   1.00 51.37  ? 8  LEU D O   1 
ATOM   348 C CB  . LEU D  1 8  ? -6.198  -3.882  7.456   1.00 49.10  ? 8  LEU D CB  1 
ATOM   349 C CG  . LEU D  1 8  ? -7.278  -3.907  6.364   1.00 53.22  ? 8  LEU D CG  1 
ATOM   350 C CD1 . LEU D  1 8  ? -6.741  -4.515  5.052   1.00 51.94  ? 8  LEU D CD1 1 
ATOM   351 C CD2 . LEU D  1 8  ? -8.515  -4.656  6.854   1.00 54.34  ? 8  LEU D CD2 1 
ATOM   352 N N   . LYS D  1 9  ? -5.173  -0.895  5.990   1.00 47.85  ? 9  LYS D N   1 
ATOM   353 C CA  . LYS D  1 9  ? -5.492  0.512   5.739   1.00 46.23  ? 9  LYS D CA  1 
ATOM   354 C C   . LYS D  1 9  ? -6.421  0.590   4.539   1.00 50.52  ? 9  LYS D C   1 
ATOM   355 O O   . LYS D  1 9  ? -5.969  0.690   3.402   1.00 43.86  ? 9  LYS D O   1 
ATOM   356 C CB  . LYS D  1 9  ? -4.206  1.343   5.554   1.00 48.81  ? 9  LYS D CB  1 
ATOM   357 C CG  . LYS D  1 9  ? -3.523  1.632   6.886   1.00 55.18  ? 9  LYS D CG  1 
ATOM   358 C CD  . LYS D  1 9  ? -2.117  2.186   6.736   1.00 63.69  ? 9  LYS D CD  1 
ATOM   359 C CE  . LYS D  1 9  ? -1.508  2.522   8.081   1.00 69.29  ? 9  LYS D CE  1 
ATOM   360 N NZ  . LYS D  1 9  ? -2.150  3.708   8.719   1.00 79.87  ? 9  LYS D NZ  1 
HETATM 361 N N   . ORN D  1 10 ? -8.733  -2.406  0.768   1.00 38.79  ? 10 ORN D N   1 
HETATM 362 C CA  . ORN D  1 10 ? -7.806  -1.696  1.642   1.00 44.50  ? 10 ORN D CA  1 
HETATM 363 C CB  . ORN D  1 10 ? -8.246  -1.913  3.112   1.00 45.63  ? 10 ORN D CB  1 
HETATM 364 C CG  . ORN D  1 10 ? -9.372  -0.952  3.600   1.00 45.29  ? 10 ORN D CG  1 
HETATM 365 C CD  . ORN D  1 10 ? -8.862  0.487   3.831   1.00 44.87  ? 10 ORN D CD  1 
HETATM 366 N NE  . ORN D  1 10 ? -7.741  0.477   4.799   1.00 45.76  ? 10 ORN D NE  1 
HETATM 367 C C   . ORN D  1 10 ? -6.413  -2.312  1.565   1.00 59.53  ? 10 ORN D C   1 
HETATM 368 O O   . ORN D  1 10 ? -6.224  -3.349  0.928   1.00 40.55  ? 10 ORN D O   1 
ATOM   369 N N   . LEU E  1 1  ? -6.337  8.883   -11.124 1.00 44.56  ? 1  LEU E N   1 
ATOM   370 C CA  . LEU E  1 1  ? -5.677  9.819   -10.208 1.00 44.03  ? 1  LEU E CA  1 
ATOM   371 C C   . LEU E  1 1  ? -5.526  9.166   -8.844  1.00 47.51  ? 1  LEU E C   1 
ATOM   372 O O   . LEU E  1 1  ? -6.473  8.561   -8.348  1.00 47.34  ? 1  LEU E O   1 
ATOM   373 C CB  . LEU E  1 1  ? -6.472  11.159  -10.064 1.00 43.56  ? 1  LEU E CB  1 
ATOM   374 C CG  . LEU E  1 1  ? -6.996  11.844  -11.349 1.00 49.28  ? 1  LEU E CG  1 
ATOM   375 C CD1 . LEU E  1 1  ? -7.973  12.985  -11.013 1.00 49.20  ? 1  LEU E CD1 1 
ATOM   376 C CD2 . LEU E  1 1  ? -5.849  12.375  -12.228 1.00 52.14  ? 1  LEU E CD2 1 
ATOM   377 N N   . VAL E  1 2  ? -4.332  9.260   -8.264  1.00 44.87  ? 2  VAL E N   1 
ATOM   378 C CA  . VAL E  1 2  ? -4.020  8.778   -6.914  1.00 45.39  ? 2  VAL E CA  1 
ATOM   379 C C   . VAL E  1 2  ? -3.504  9.981   -6.120  1.00 45.16  ? 2  VAL E C   1 
ATOM   380 O O   . VAL E  1 2  ? -2.597  10.679  -6.573  1.00 43.38  ? 2  VAL E O   1 
ATOM   381 C CB  . VAL E  1 2  ? -3.024  7.591   -6.834  1.00 50.91  ? 2  VAL E CB  1 
ATOM   382 C CG1 . VAL E  1 2  ? -2.858  7.116   -5.393  1.00 51.15  ? 2  VAL E CG1 1 
ATOM   383 C CG2 . VAL E  1 2  ? -3.473  6.439   -7.685  1.00 51.79  ? 2  VAL E CG2 1 
ATOM   384 N N   . PHE E  1 3  ? -4.099  10.228  -4.953  1.00 39.24  ? 3  PHE E N   1 
ATOM   385 C CA  . PHE E  1 3  ? -3.692  11.324  -4.096  1.00 37.75  ? 3  PHE E CA  1 
ATOM   386 C C   . PHE E  1 3  ? -3.746  10.860  -2.651  1.00 43.23  ? 3  PHE E C   1 
ATOM   387 O O   . PHE E  1 3  ? -4.731  10.257  -2.232  1.00 43.44  ? 3  PHE E O   1 
ATOM   388 C CB  . PHE E  1 3  ? -4.598  12.538  -4.320  1.00 38.77  ? 3  PHE E CB  1 
ATOM   389 C CG  . PHE E  1 3  ? -4.379  13.749  -3.426  1.00 39.11  ? 3  PHE E CG  1 
ATOM   390 C CD1 . PHE E  1 3  ? -3.725  14.881  -3.909  1.00 40.69  ? 3  PHE E CD1 1 
ATOM   391 C CD2 . PHE E  1 3  ? -4.895  13.785  -2.130  1.00 38.82  ? 3  PHE E CD2 1 
ATOM   392 C CE1 . PHE E  1 3  ? -3.561  16.014  -3.104  1.00 40.99  ? 3  PHE E CE1 1 
ATOM   393 C CE2 . PHE E  1 3  ? -4.727  14.915  -1.323  1.00 42.06  ? 3  PHE E CE2 1 
ATOM   394 C CZ  . PHE E  1 3  ? -4.053  16.021  -1.812  1.00 40.53  ? 3  PHE E CZ  1 
ATOM   395 N N   . PHE E  1 4  ? -2.695  11.156  -1.889  1.00 39.78  ? 4  PHE E N   1 
ATOM   396 C CA  . PHE E  1 4  ? -2.622  10.837  -0.467  1.00 38.85  ? 4  PHE E CA  1 
ATOM   397 C C   . PHE E  1 4  ? -1.733  11.890  0.186   1.00 43.00  ? 4  PHE E C   1 
ATOM   398 O O   . PHE E  1 4  ? -0.506  11.756  0.196   1.00 42.93  ? 4  PHE E O   1 
ATOM   399 C CB  . PHE E  1 4  ? -2.133  9.396   -0.206  1.00 40.11  ? 4  PHE E CB  1 
ATOM   400 C CG  . PHE E  1 4  ? -2.261  9.036   1.262   1.00 41.28  ? 4  PHE E CG  1 
ATOM   401 C CD1 . PHE E  1 4  ? -3.513  8.875   1.852   1.00 42.77  ? 4  PHE E CD1 1 
ATOM   402 C CD2 . PHE E  1 4  ? -1.130  8.887   2.058   1.00 43.22  ? 4  PHE E CD2 1 
ATOM   403 C CE1 . PHE E  1 4  ? -3.629  8.598   3.220   1.00 44.14  ? 4  PHE E CE1 1 
ATOM   404 C CE2 . PHE E  1 4  ? -1.247  8.582   3.418   1.00 45.66  ? 4  PHE E CE2 1 
ATOM   405 C CZ  . PHE E  1 4  ? -2.494  8.473   3.998   1.00 43.42  ? 4  PHE E CZ  1 
ATOM   406 N N   . ALA E  1 5  ? -2.352  12.970  0.680   1.00 38.77  ? 5  ALA E N   1 
ATOM   407 C CA  . ALA E  1 5  ? -1.605  14.113  1.241   1.00 38.32  ? 5  ALA E CA  1 
ATOM   408 C C   . ALA E  1 5  ? -2.489  14.995  2.116   1.00 46.76  ? 5  ALA E C   1 
ATOM   409 O O   . ALA E  1 5  ? -3.713  14.949  1.981   1.00 41.41  ? 5  ALA E O   1 
ATOM   410 C CB  . ALA E  1 5  ? -1.019  14.951  0.097   1.00 38.26  ? 5  ALA E CB  1 
HETATM 411 N N   . ORN E  1 6  ? -5.905  15.964  5.821   1.00 45.80  ? 6  ORN E N   1 
HETATM 412 C CA  . ORN E  1 6  ? -5.161  15.201  4.820   1.00 44.18  ? 6  ORN E CA  1 
HETATM 413 C CB  . ORN E  1 6  ? -3.703  14.955  5.240   1.00 43.15  ? 6  ORN E CB  1 
HETATM 414 C CG  . ORN E  1 6  ? -2.925  16.265  5.338   1.00 41.84  ? 6  ORN E CG  1 
HETATM 415 C CD  . ORN E  1 6  ? -2.598  16.800  3.939   1.00 42.08  ? 6  ORN E CD  1 
HETATM 416 N NE  . ORN E  1 6  ? -1.891  15.815  3.011   1.00 41.70  ? 6  ORN E NE  1 
HETATM 417 C C   . ORN E  1 6  ? -5.799  13.828  4.611   1.00 53.07  ? 6  ORN E C   1 
HETATM 418 O O   . ORN E  1 6  ? -6.427  13.276  5.517   1.00 25.59  ? 6  ORN E O   1 
HETATM 419 N N   . HAO E  1 7  ? -5.651  13.299  3.432   1.00 46.69  ? 7  HAO E N   1 
HETATM 420 N N9  . HAO E  1 7  ? -6.160  12.097  3.065   1.00 48.94  ? 7  HAO E N9  1 
HETATM 421 C C10 . HAO E  1 7  ? -6.044  11.672  1.809   1.00 43.04  ? 7  HAO E C10 1 
HETATM 422 O O11 . HAO E  1 7  ? -5.448  12.347  0.965   1.00 42.09  ? 7  HAO E O11 1 
HETATM 423 C CA  . HAO E  1 7  ? -6.631  10.324  1.401   1.00 39.71  ? 7  HAO E CA  1 
HETATM 424 C C13 . HAO E  1 7  ? -6.601  10.005  0.054   1.00 32.48  ? 7  HAO E C13 1 
HETATM 425 C C14 . HAO E  1 7  ? -7.230  9.455   2.317   1.00 37.32  ? 7  HAO E C14 1 
HETATM 426 C C15 . HAO E  1 7  ? -7.907  8.885   4.554   1.00 38.61  ? 7  HAO E C15 1 
HETATM 427 O O15 . HAO E  1 7  ? -7.269  9.814   3.644   1.00 46.73  ? 7  HAO E O15 1 
HETATM 428 C C17 . HAO E  1 7  ? -7.714  8.218   1.853   1.00 34.47  ? 7  HAO E C17 1 
HETATM 429 C C18 . HAO E  1 7  ? -7.649  7.883   0.496   1.00 38.16  ? 7  HAO E C18 1 
HETATM 430 C C19 . HAO E  1 7  ? -7.108  8.808   -0.419  1.00 47.25  ? 7  HAO E C19 1 
HETATM 431 N N20 . HAO E  1 7  ? -6.955  8.603   -1.735  1.00 40.72  ? 7  HAO E N20 1 
HETATM 432 C C21 . HAO E  1 7  ? -7.569  7.698   -2.509  1.00 42.88  ? 7  HAO E C21 1 
HETATM 433 O O22 . HAO E  1 7  ? -8.376  6.880   -2.071  1.00 42.46  ? 7  HAO E O22 1 
HETATM 434 C C   . HAO E  1 7  ? -7.200  7.629   -3.978  1.00 38.71  ? 7  HAO E C   1 
HETATM 435 O O   . HAO E  1 7  ? -6.368  8.420   -4.424  1.00 41.32  ? 7  HAO E O   1 
ATOM   436 N N   . LEU E  1 8  ? -7.824  6.665   -4.668  1.00 40.25  ? 8  LEU E N   1 
ATOM   437 C CA  . LEU E  1 8  ? -7.698  6.337   -6.077  1.00 39.89  ? 8  LEU E CA  1 
ATOM   438 C C   . LEU E  1 8  ? -9.021  6.554   -6.793  1.00 43.09  ? 8  LEU E C   1 
ATOM   439 O O   . LEU E  1 8  ? -10.048 6.037   -6.361  1.00 43.22  ? 8  LEU E O   1 
ATOM   440 C CB  . LEU E  1 8  ? -7.224  4.869   -6.273  1.00 40.77  ? 8  LEU E CB  1 
ATOM   441 C CG  . LEU E  1 8  ? -7.377  4.253   -7.711  1.00 46.58  ? 8  LEU E CG  1 
ATOM   442 C CD1 . LEU E  1 8  ? -6.370  4.806   -8.647  1.00 45.61  ? 8  LEU E CD1 1 
ATOM   443 C CD2 . LEU E  1 8  ? -7.223  2.713   -7.700  1.00 50.86  ? 8  LEU E CD2 1 
ATOM   444 N N   . LYS E  1 9  ? -8.968  7.252   -7.932  1.00 38.47  ? 9  LYS E N   1 
ATOM   445 C CA  . LYS E  1 9  ? -10.099 7.461   -8.819  1.00 42.78  ? 9  LYS E CA  1 
ATOM   446 C C   . LYS E  1 9  ? -9.613  7.437   -10.261 1.00 52.83  ? 9  LYS E C   1 
ATOM   447 O O   . LYS E  1 9  ? -9.025  8.416   -10.722 1.00 38.09  ? 9  LYS E O   1 
ATOM   448 C CB  . LYS E  1 9  ? -10.872 8.752   -8.486  1.00 44.49  ? 9  LYS E CB  1 
ATOM   449 C CG  . LYS E  1 9  ? -12.244 8.835   -9.168  1.00 49.83  ? 9  LYS E CG  1 
ATOM   450 C CD  . LYS E  1 9  ? -13.182 7.722   -8.691  1.00 49.21  ? 9  LYS E CD  1 
ATOM   451 C CE  . LYS E  1 9  ? -14.561 7.844   -9.269  1.00 57.13  ? 9  LYS E CE  1 
ATOM   452 N NZ  . LYS E  1 9  ? -15.344 6.601   -9.036  1.00 68.79  ? 9  LYS E NZ  1 
HETATM 453 N N   . ORN E  1 10 ? -5.952  6.929   -14.165 1.00 41.25  ? 10 ORN E N   1 
HETATM 454 C CA  . ORN E  1 10 ? -6.640  7.335   -12.940 1.00 45.34  ? 10 ORN E CA  1 
HETATM 455 C CB  . ORN E  1 10 ? -6.881  6.063   -12.052 1.00 44.95  ? 10 ORN E CB  1 
HETATM 456 C CG  . ORN E  1 10 ? -8.141  5.277   -12.494 1.00 44.19  ? 10 ORN E CG  1 
HETATM 457 C CD  . ORN E  1 10 ? -9.466  6.073   -12.402 1.00 44.01  ? 10 ORN E CD  1 
HETATM 458 N NE  . ORN E  1 10 ? -9.853  6.302   -10.968 1.00 44.05  ? 10 ORN E NE  1 
HETATM 459 C C   . ORN E  1 10 ? -5.776  8.311   -12.138 1.00 54.37  ? 10 ORN E C   1 
HETATM 460 O O   . ORN E  1 10 ? -4.604  8.541   -12.461 1.00 42.63  ? 10 ORN E O   1 
ATOM   461 N N   . LEU F  1 1  ? -1.429  6.640   -14.980 1.00 45.14  ? 1  LEU F N   1 
ATOM   462 C CA  . LEU F  1 1  ? -1.679  6.951   -13.580 1.00 45.30  ? 1  LEU F CA  1 
ATOM   463 C C   . LEU F  1 1  ? -0.958  8.254   -13.181 1.00 47.24  ? 1  LEU F C   1 
ATOM   464 O O   . LEU F  1 1  ? 0.259   8.360   -13.353 1.00 45.86  ? 1  LEU F O   1 
ATOM   465 C CB  . LEU F  1 1  ? -1.237  5.784   -12.672 1.00 46.12  ? 1  LEU F CB  1 
ATOM   466 C CG  . LEU F  1 1  ? -1.651  5.892   -11.197 1.00 51.16  ? 1  LEU F CG  1 
ATOM   467 C CD1 . LEU F  1 1  ? -3.152  5.604   -11.016 1.00 51.04  ? 1  LEU F CD1 1 
ATOM   468 C CD2 . LEU F  1 1  ? -0.833  4.950   -10.335 1.00 53.75  ? 1  LEU F CD2 1 
ATOM   469 N N   . VAL F  1 2  ? -1.723  9.243   -12.680 1.00 42.25  ? 2  VAL F N   1 
ATOM   470 C CA  . VAL F  1 2  ? -1.203  10.525  -12.186 1.00 40.52  ? 2  VAL F CA  1 
ATOM   471 C C   . VAL F  1 2  ? -1.225  10.391  -10.660 1.00 43.73  ? 2  VAL F C   1 
ATOM   472 O O   . VAL F  1 2  ? -2.269  10.097  -10.067 1.00 41.55  ? 2  VAL F O   1 
ATOM   473 C CB  . VAL F  1 2  ? -1.990  11.765  -12.698 1.00 43.49  ? 2  VAL F CB  1 
ATOM   474 C CG1 . VAL F  1 2  ? -1.406  13.067  -12.131 1.00 43.06  ? 2  VAL F CG1 1 
ATOM   475 C CG2 . VAL F  1 2  ? -2.004  11.816  -14.223 1.00 43.30  ? 2  VAL F CG2 1 
ATOM   476 N N   . PHE F  1 3  ? -0.062  10.555  -10.031 1.00 40.50  ? 3  PHE F N   1 
ATOM   477 C CA  . PHE F  1 3  ? 0.035   10.335  -8.595  1.00 39.33  ? 3  PHE F CA  1 
ATOM   478 C C   . PHE F  1 3  ? 0.674   11.475  -7.830  1.00 43.80  ? 3  PHE F C   1 
ATOM   479 O O   . PHE F  1 3  ? 1.519   12.199  -8.365  1.00 43.41  ? 3  PHE F O   1 
ATOM   480 C CB  . PHE F  1 3  ? 0.734   8.989   -8.306  1.00 40.25  ? 3  PHE F CB  1 
ATOM   481 C CG  . PHE F  1 3  ? 2.136   8.884   -8.856  1.00 41.89  ? 3  PHE F CG  1 
ATOM   482 C CD1 . PHE F  1 3  ? 2.365   8.386   -10.138 1.00 45.21  ? 3  PHE F CD1 1 
ATOM   483 C CD2 . PHE F  1 3  ? 3.230   9.299   -8.103  1.00 43.97  ? 3  PHE F CD2 1 
ATOM   484 C CE1 . PHE F  1 3  ? 3.666   8.294   -10.650 1.00 46.20  ? 3  PHE F CE1 1 
ATOM   485 C CE2 . PHE F  1 3  ? 4.530   9.208   -8.617  1.00 47.68  ? 3  PHE F CE2 1 
ATOM   486 C CZ  . PHE F  1 3  ? 4.738   8.707   -9.887  1.00 45.90  ? 3  PHE F CZ  1 
ATOM   487 N N   . PHE F  1 4  ? 0.290   11.602  -6.550  1.00 40.04  ? 4  PHE F N   1 
ATOM   488 C CA  . PHE F  1 4  ? 0.813   12.609  -5.633  1.00 39.04  ? 4  PHE F CA  1 
ATOM   489 C C   . PHE F  1 4  ? 0.637   12.099  -4.218  1.00 43.06  ? 4  PHE F C   1 
ATOM   490 O O   . PHE F  1 4  ? -0.465  11.713  -3.832  1.00 43.25  ? 4  PHE F O   1 
ATOM   491 C CB  . PHE F  1 4  ? 0.127   13.977  -5.835  1.00 40.29  ? 4  PHE F CB  1 
ATOM   492 C CG  . PHE F  1 4  ? 0.711   15.089  -4.981  1.00 41.95  ? 4  PHE F CG  1 
ATOM   493 C CD1 . PHE F  1 4  ? 1.858   15.770  -5.384  1.00 43.76  ? 4  PHE F CD1 1 
ATOM   494 C CD2 . PHE F  1 4  ? 0.130   15.433  -3.760  1.00 43.68  ? 4  PHE F CD2 1 
ATOM   495 C CE1 . PHE F  1 4  ? 2.395   16.792  -4.597  1.00 44.96  ? 4  PHE F CE1 1 
ATOM   496 C CE2 . PHE F  1 4  ? 0.663   16.464  -2.976  1.00 46.60  ? 4  PHE F CE2 1 
ATOM   497 C CZ  . PHE F  1 4  ? 1.790   17.139  -3.402  1.00 44.59  ? 4  PHE F CZ  1 
ATOM   498 N N   . ALA F  1 5  ? 1.730   12.058  -3.449  1.00 39.43  ? 5  ALA F N   1 
ATOM   499 C CA  . ALA F  1 5  ? 1.700   11.586  -2.068  1.00 42.16  ? 5  ALA F CA  1 
ATOM   500 C C   . ALA F  1 5  ? 2.643   12.399  -1.204  1.00 48.70  ? 5  ALA F C   1 
ATOM   501 O O   . ALA F  1 5  ? 3.777   12.624  -1.615  1.00 42.17  ? 5  ALA F O   1 
ATOM   502 C CB  . ALA F  1 5  ? 2.056   10.098  -2.003  1.00 42.93  ? 5  ALA F CB  1 
HETATM 503 N N   . ORN F  1 6  ? 5.669   16.513  0.012   1.00 48.05  ? 6  ORN F N   1 
HETATM 504 C CA  . ORN F  1 6  ? 4.902   15.536  -0.752  1.00 45.20  ? 6  ORN F CA  1 
HETATM 505 C CB  . ORN F  1 6  ? 3.371   15.685  -0.586  1.00 43.63  ? 6  ORN F CB  1 
HETATM 506 C CG  . ORN F  1 6  ? 2.949   15.211  0.826   1.00 44.16  ? 6  ORN F CG  1 
HETATM 507 C CD  . ORN F  1 6  ? 3.076   13.672  0.992   1.00 43.70  ? 6  ORN F CD  1 
HETATM 508 N NE  . ORN F  1 6  ? 2.235   12.855  -0.008  1.00 43.05  ? 6  ORN F NE  1 
HETATM 509 C C   . ORN F  1 6  ? 5.275   15.631  -2.222  1.00 55.53  ? 6  ORN F C   1 
HETATM 510 O O   . ORN F  1 6  ? 5.845   16.621  -2.664  1.00 21.70  ? 6  ORN F O   1 
HETATM 511 N N   . HAO F  1 7  ? 4.995   14.656  -3.007  1.00 51.88  ? 7  HAO F N   1 
HETATM 512 N N9  . HAO F  1 7  ? 5.348   14.736  -4.307  1.00 44.02  ? 7  HAO F N9  1 
HETATM 513 C C10 . HAO F  1 7  ? 4.907   13.840  -5.178  1.00 44.45  ? 7  HAO F C10 1 
HETATM 514 O O11 . HAO F  1 7  ? 4.122   12.970  -4.809  1.00 43.74  ? 7  HAO F O11 1 
HETATM 515 C CA  . HAO F  1 7  ? 5.308   13.946  -6.645  1.00 49.08  ? 7  HAO F CA  1 
HETATM 516 C C13 . HAO F  1 7  ? 4.583   13.208  -7.580  1.00 42.63  ? 7  HAO F C13 1 
HETATM 517 C C14 . HAO F  1 7  ? 6.333   14.816  -7.061  1.00 43.27  ? 7  HAO F C14 1 
HETATM 518 C C15 . HAO F  1 7  ? 7.992   16.489  -6.562  1.00 38.31  ? 7  HAO F C15 1 
HETATM 519 O O15 . HAO F  1 7  ? 7.029   15.518  -6.113  1.00 48.74  ? 7  HAO F O15 1 
HETATM 520 C C17 . HAO F  1 7  ? 6.646   14.902  -8.429  1.00 45.53  ? 7  HAO F C17 1 
HETATM 521 C C18 . HAO F  1 7  ? 5.915   14.149  -9.361  1.00 42.56  ? 7  HAO F C18 1 
HETATM 522 C C19 . HAO F  1 7  ? 4.923   13.255  -8.929  1.00 49.01  ? 7  HAO F C19 1 
HETATM 523 N N20 . HAO F  1 7  ? 4.126   12.607  -9.779  1.00 37.81  ? 7  HAO F N20 1 
HETATM 524 C C21 . HAO F  1 7  ? 4.419   12.062  -10.964 1.00 53.40  ? 7  HAO F C21 1 
HETATM 525 O O22 . HAO F  1 7  ? 5.567   11.963  -11.400 1.00 48.51  ? 7  HAO F O22 1 
HETATM 526 C C   . HAO F  1 7  ? 3.276   11.472  -11.763 1.00 51.27  ? 7  HAO F C   1 
HETATM 527 O O   . HAO F  1 7  ? 2.100   11.652  -11.416 1.00 43.47  ? 7  HAO F O   1 
ATOM   528 N N   . LEU F  1 8  ? 3.656   10.794  -12.795 1.00 47.65  ? 8  LEU F N   1 
ATOM   529 C CA  . LEU F  1 8  ? 2.754   10.083  -13.682 1.00 47.03  ? 8  LEU F CA  1 
ATOM   530 C C   . LEU F  1 8  ? 3.453   8.927   -14.376 1.00 50.70  ? 8  LEU F C   1 
ATOM   531 O O   . LEU F  1 8  ? 4.678   8.938   -14.509 1.00 50.76  ? 8  LEU F O   1 
ATOM   532 C CB  . LEU F  1 8  ? 1.995   11.018  -14.657 1.00 47.18  ? 8  LEU F CB  1 
ATOM   533 C CG  . LEU F  1 8  ? 2.609   11.320  -16.015 1.00 53.70  ? 8  LEU F CG  1 
ATOM   534 C CD1 . LEU F  1 8  ? 1.536   11.815  -16.977 1.00 54.44  ? 8  LEU F CD1 1 
ATOM   535 C CD2 . LEU F  1 8  ? 3.729   12.332  -15.901 1.00 56.80  ? 8  LEU F CD2 1 
ATOM   536 N N   . LYS F  1 9  ? 2.672   7.908   -14.757 1.00 46.66  ? 9  LYS F N   1 
ATOM   537 C CA  . LYS F  1 9  ? 3.115   6.742   -15.508 1.00 54.12  ? 9  LYS F CA  1 
ATOM   538 C C   . LYS F  1 9  ? 1.957   6.254   -16.365 1.00 60.42  ? 9  LYS F C   1 
ATOM   539 O O   . LYS F  1 9  ? 1.002   5.695   -15.827 1.00 46.90  ? 9  LYS F O   1 
ATOM   540 C CB  . LYS F  1 9  ? 3.643   5.626   -14.598 1.00 56.76  ? 9  LYS F CB  1 
ATOM   541 C CG  . LYS F  1 9  ? 4.488   4.630   -15.386 1.00 71.31  ? 9  LYS F CG  1 
ATOM   542 C CD  . LYS F  1 9  ? 5.005   3.492   -14.534 1.00 85.77  ? 9  LYS F CD  1 
ATOM   543 C CE  . LYS F  1 9  ? 6.285   2.903   -15.092 1.00 102.99 ? 9  LYS F CE  1 
ATOM   544 N NZ  . LYS F  1 9  ? 6.097   2.287   -16.436 1.00 113.19 ? 9  LYS F NZ  1 
HETATM 545 N N   . ORN F  1 10 ? -2.954  6.853   -18.298 1.00 54.81  ? 10 ORN F N   1 
HETATM 546 C CA  . ORN F  1 10 ? -1.845  6.661   -17.365 1.00 55.66  ? 10 ORN F CA  1 
HETATM 547 C CB  . ORN F  1 10 ? -0.793  7.711   -17.754 1.00 55.34  ? 10 ORN F CB  1 
HETATM 548 C CG  . ORN F  1 10 ? 0.008   7.243   -18.989 1.00 55.28  ? 10 ORN F CG  1 
HETATM 549 C CD  . ORN F  1 10 ? 0.921   6.050   -18.635 1.00 54.49  ? 10 ORN F CD  1 
HETATM 550 N NE  . ORN F  1 10 ? 1.997   6.473   -17.684 1.00 54.22  ? 10 ORN F NE  1 
HETATM 551 C C   . ORN F  1 10 ? -2.258  7.024   -15.932 1.00 64.73  ? 10 ORN F C   1 
HETATM 552 O O   . ORN F  1 10 ? -3.427  7.358   -15.683 1.00 43.73  ? 10 ORN F O   1 
ATOM   553 N N   . LEU G  1 1  ? -11.995 -9.726  7.491   1.00 41.69  ? 1  LEU G N   1 
ATOM   554 C CA  . LEU G  1 1  ? -10.786 -10.014 6.730   1.00 41.22  ? 1  LEU G CA  1 
ATOM   555 C C   . LEU G  1 1  ? -9.657  -10.454 7.667   1.00 44.46  ? 1  LEU G C   1 
ATOM   556 O O   . LEU G  1 1  ? -9.355  -9.746  8.627   1.00 43.59  ? 1  LEU G O   1 
ATOM   557 C CB  . LEU G  1 1  ? -10.364 -8.782  5.905   1.00 40.98  ? 1  LEU G CB  1 
ATOM   558 C CG  . LEU G  1 1  ? -9.213  -8.999  4.913   1.00 45.91  ? 1  LEU G CG  1 
ATOM   559 C CD1 . LEU G  1 1  ? -9.697  -9.770  3.659   1.00 46.63  ? 1  LEU G CD1 1 
ATOM   560 C CD2 . LEU G  1 1  ? -8.605  -7.670  4.502   1.00 47.35  ? 1  LEU G CD2 1 
ATOM   561 N N   . VAL G  1 2  ? -9.045  -11.617 7.385   1.00 40.63  ? 2  VAL G N   1 
ATOM   562 C CA  . VAL G  1 2  ? -7.888  -12.168 8.120   1.00 38.74  ? 2  VAL G CA  1 
ATOM   563 C C   . VAL G  1 2  ? -6.684  -11.928 7.204   1.00 41.30  ? 2  VAL G C   1 
ATOM   564 O O   . VAL G  1 2  ? -6.709  -12.300 6.028   1.00 39.88  ? 2  VAL G O   1 
ATOM   565 C CB  . VAL G  1 2  ? -8.062  -13.658 8.516   1.00 42.21  ? 2  VAL G CB  1 
ATOM   566 C CG1 . VAL G  1 2  ? -6.799  -14.204 9.200   1.00 41.58  ? 2  VAL G CG1 1 
ATOM   567 C CG2 . VAL G  1 2  ? -9.284  -13.845 9.418   1.00 42.07  ? 2  VAL G CG2 1 
ATOM   568 N N   . PHE G  1 3  ? -5.675  -11.216 7.711   1.00 37.59  ? 3  PHE G N   1 
ATOM   569 C CA  . PHE G  1 3  ? -4.546  -10.840 6.875   1.00 36.78  ? 3  PHE G CA  1 
ATOM   570 C C   . PHE G  1 3  ? -3.212  -11.209 7.472   1.00 39.64  ? 3  PHE G C   1 
ATOM   571 O O   . PHE G  1 3  ? -3.057  -11.214 8.685   1.00 39.27  ? 3  PHE G O   1 
ATOM   572 C CB  . PHE G  1 3  ? -4.615  -9.324  6.497   1.00 37.65  ? 3  PHE G CB  1 
ATOM   573 C CG  . PHE G  1 3  ? -4.685  -8.385  7.687   1.00 38.60  ? 3  PHE G CG  1 
ATOM   574 C CD1 . PHE G  1 3  ? -5.915  -8.008  8.230   1.00 41.43  ? 3  PHE G CD1 1 
ATOM   575 C CD2 . PHE G  1 3  ? -3.524  -7.887  8.273   1.00 39.36  ? 3  PHE G CD2 1 
ATOM   576 C CE1 . PHE G  1 3  ? -5.980  -7.150  9.339   1.00 41.61  ? 3  PHE G CE1 1 
ATOM   577 C CE2 . PHE G  1 3  ? -3.590  -7.052  9.402   1.00 42.04  ? 3  PHE G CE2 1 
ATOM   578 C CZ  . PHE G  1 3  ? -4.817  -6.697  9.929   1.00 40.09  ? 3  PHE G CZ  1 
ATOM   579 N N   . PHE G  1 4  ? -2.232  -11.476 6.607   1.00 36.71  ? 4  PHE G N   1 
ATOM   580 C CA  . PHE G  1 4  ? -0.850  -11.782 6.992   1.00 36.27  ? 4  PHE G CA  1 
ATOM   581 C C   . PHE G  1 4  ? 0.071   -11.385 5.839   1.00 40.48  ? 4  PHE G C   1 
ATOM   582 O O   . PHE G  1 4  ? -0.101  -11.875 4.728   1.00 39.89  ? 4  PHE G O   1 
ATOM   583 C CB  . PHE G  1 4  ? -0.673  -13.275 7.366   1.00 37.25  ? 4  PHE G CB  1 
ATOM   584 C CG  . PHE G  1 4  ? 0.711   -13.629 7.876   1.00 38.35  ? 4  PHE G CG  1 
ATOM   585 C CD1 . PHE G  1 4  ? 1.073   -13.373 9.196   1.00 41.13  ? 4  PHE G CD1 1 
ATOM   586 C CD2 . PHE G  1 4  ? 1.661   -14.199 7.026   1.00 40.45  ? 4  PHE G CD2 1 
ATOM   587 C CE1 . PHE G  1 4  ? 2.356   -13.710 9.671   1.00 41.60  ? 4  PHE G CE1 1 
ATOM   588 C CE2 . PHE G  1 4  ? 2.936   -14.548 7.502   1.00 42.64  ? 4  PHE G CE2 1 
ATOM   589 C CZ  . PHE G  1 4  ? 3.272   -14.304 8.827   1.00 40.27  ? 4  PHE G CZ  1 
ATOM   590 N N   . ALA G  1 5  ? 1.018   -10.473 6.094   1.00 36.57  ? 5  ALA G N   1 
ATOM   591 C CA  . ALA G  1 5  ? 1.968   -10.027 5.083   1.00 37.52  ? 5  ALA G CA  1 
ATOM   592 C C   . ALA G  1 5  ? 3.365   -9.977  5.678   1.00 48.30  ? 5  ALA G C   1 
ATOM   593 O O   . ALA G  1 5  ? 3.504   -9.514  6.801   1.00 37.50  ? 5  ALA G O   1 
ATOM   594 C CB  . ALA G  1 5  ? 1.571   -8.658  4.540   1.00 38.53  ? 5  ALA G CB  1 
HETATM 595 N N   . ORN G  1 6  ? 7.228   -11.000 9.166   1.00 41.53  ? 6  ORN G N   1 
HETATM 596 C CA  . ORN G  1 6  ? 5.905   -10.798 8.578   1.00 41.07  ? 6  ORN G CA  1 
HETATM 597 C CB  . ORN G  1 6  ? 5.535   -11.865 7.522   1.00 39.43  ? 6  ORN G CB  1 
HETATM 598 C CG  . ORN G  1 6  ? 6.339   -11.690 6.202   1.00 38.73  ? 6  ORN G CG  1 
HETATM 599 C CD  . ORN G  1 6  ? 5.887   -10.448 5.448   1.00 38.70  ? 6  ORN G CD  1 
HETATM 600 N NE  . ORN G  1 6  ? 4.432   -10.451 4.994   1.00 38.82  ? 6  ORN G NE  1 
HETATM 601 C C   . ORN G  1 6  ? 4.863   -10.762 9.680   1.00 46.33  ? 6  ORN G C   1 
HETATM 602 O O   . ORN G  1 6  ? 5.151   -11.131 10.813  1.00 19.61  ? 6  ORN G O   1 
HETATM 603 N N   . HAO G  1 7  ? 3.647   -10.342 9.417   1.00 43.17  ? 7  HAO G N   1 
HETATM 604 N N9  . HAO G  1 7  ? 2.701   -10.284 10.391  1.00 41.14  ? 7  HAO G N9  1 
HETATM 605 C C10 . HAO G  1 7  ? 1.439   -9.932  10.131  1.00 38.79  ? 7  HAO G C10 1 
HETATM 606 O O11 . HAO G  1 7  ? 1.063   -9.703  8.986   1.00 43.03  ? 7  HAO G O11 1 
HETATM 607 C CA  . HAO G  1 7  ? 0.423   -9.884  11.255  1.00 43.96  ? 7  HAO G CA  1 
HETATM 608 C C13 . HAO G  1 7  ? -0.919  -9.842  10.885  1.00 36.46  ? 7  HAO G C13 1 
HETATM 609 C C14 . HAO G  1 7  ? 0.813   -9.895  12.605  1.00 44.43  ? 7  HAO G C14 1 
HETATM 610 C C15 . HAO G  1 7  ? 2.539   -9.944  14.298  1.00 37.80  ? 7  HAO G C15 1 
HETATM 611 O O15 . HAO G  1 7  ? 2.148   -9.912  12.906  1.00 48.84  ? 7  HAO G O15 1 
HETATM 612 C C17 . HAO G  1 7  ? -0.178  -9.856  13.601  1.00 40.70  ? 7  HAO G C17 1 
HETATM 613 C C18 . HAO G  1 7  ? -1.525  -9.845  13.222  1.00 39.28  ? 7  HAO G C18 1 
HETATM 614 C C19 . HAO G  1 7  ? -1.903  -9.822  11.867  1.00 41.92  ? 7  HAO G C19 1 
HETATM 615 N N20 . HAO G  1 7  ? -3.174  -9.938  11.462  1.00 38.62  ? 7  HAO G N20 1 
HETATM 616 C C21 . HAO G  1 7  ? -4.266  -9.443  12.055  1.00 40.90  ? 7  HAO G C21 1 
HETATM 617 O O22 . HAO G  1 7  ? -4.204  -8.716  13.048  1.00 44.39  ? 7  HAO G O22 1 
HETATM 618 C C   . HAO G  1 7  ? -5.624  -9.781  11.448  1.00 49.40  ? 7  HAO G C   1 
HETATM 619 O O   . HAO G  1 7  ? -5.709  -10.656 10.577  1.00 40.47  ? 7  HAO G O   1 
ATOM   620 N N   . LEU G  1 8  ? -6.660  -9.130  11.916  1.00 44.72  ? 8  LEU G N   1 
ATOM   621 C CA  . LEU G  1 8  ? -8.004  -9.336  11.406  1.00 45.44  ? 8  LEU G CA  1 
ATOM   622 C C   . LEU G  1 8  ? -8.856  -8.108  11.614  1.00 47.89  ? 8  LEU G C   1 
ATOM   623 O O   . LEU G  1 8  ? -8.618  -7.331  12.544  1.00 47.85  ? 8  LEU G O   1 
ATOM   624 C CB  . LEU G  1 8  ? -8.687  -10.621 11.947  1.00 47.05  ? 8  LEU G CB  1 
ATOM   625 C CG  . LEU G  1 8  ? -9.436  -10.559 13.292  1.00 54.66  ? 8  LEU G CG  1 
ATOM   626 C CD1 . LEU G  1 8  ? -10.535 -11.634 13.357  1.00 56.28  ? 8  LEU G CD1 1 
ATOM   627 C CD2 . LEU G  1 8  ? -8.485  -10.750 14.455  1.00 58.89  ? 8  LEU G CD2 1 
ATOM   628 N N   . LYS G  1 9  ? -9.838  -7.929  10.735  1.00 43.46  ? 9  LYS G N   1 
ATOM   629 C CA  . LYS G  1 9  ? -10.803 -6.843  10.812  1.00 53.19  ? 9  LYS G CA  1 
ATOM   630 C C   . LYS G  1 9  ? -12.124 -7.340  10.258  1.00 57.02  ? 9  LYS G C   1 
ATOM   631 O O   . LYS G  1 9  ? -12.249 -7.508  9.045   1.00 45.30  ? 9  LYS G O   1 
ATOM   632 C CB  . LYS G  1 9  ? -10.313 -5.593  10.072  1.00 54.95  ? 9  LYS G CB  1 
ATOM   633 C CG  . LYS G  1 9  ? -10.841 -4.324  10.718  1.00 68.88  ? 9  LYS G CG  1 
ATOM   634 C CD  . LYS G  1 9  ? -11.153 -3.252  9.702   1.00 80.88  ? 9  LYS G CD  1 
ATOM   635 C CE  . LYS G  1 9  ? -11.865 -2.093  10.356  1.00 95.00  ? 9  LYS G CE  1 
ATOM   636 N NZ  . LYS G  1 9  ? -12.629 -1.290  9.367   1.00 106.56 ? 9  LYS G NZ  1 
HETATM 637 N N   . ORN G  1 10 ? -15.237 -11.071 8.241   1.00 50.49  ? 10 ORN G N   1 
HETATM 638 C CA  . ORN G  1 10 ? -14.086 -10.218 8.516   1.00 51.69  ? 10 ORN G CA  1 
HETATM 639 C CB  . ORN G  1 10 ? -13.649 -10.422 9.991   1.00 51.10  ? 10 ORN G CB  1 
HETATM 640 C CG  . ORN G  1 10 ? -14.474 -9.634  11.050  1.00 50.82  ? 10 ORN G CG  1 
HETATM 641 C CD  . ORN G  1 10 ? -14.444 -8.121  10.798  1.00 50.42  ? 10 ORN G CD  1 
HETATM 642 N NE  . ORN G  1 10 ? -13.082 -7.611  11.139  1.00 50.68  ? 10 ORN G NE  1 
HETATM 643 C C   . ORN G  1 10 ? -12.886 -10.657 7.678   1.00 62.28  ? 10 ORN G C   1 
HETATM 644 O O   . ORN G  1 10 ? -12.926 -11.705 7.015   1.00 42.63  ? 10 ORN G O   1 
ATOM   645 N N   . LEU H  1 1  ? -9.579  -14.261 3.329   1.00 44.85  ? 1  LEU H N   1 
ATOM   646 C CA  . LEU H  1 1  ? -8.186  -14.404 3.767   1.00 43.07  ? 1  LEU H CA  1 
ATOM   647 C C   . LEU H  1 1  ? -7.269  -13.689 2.777   1.00 48.73  ? 1  LEU H C   1 
ATOM   648 O O   . LEU H  1 1  ? -7.474  -13.806 1.569   1.00 49.40  ? 1  LEU H O   1 
ATOM   649 C CB  . LEU H  1 1  ? -7.777  -15.893 3.856   1.00 42.29  ? 1  LEU H CB  1 
ATOM   650 C CG  . LEU H  1 1  ? -8.657  -16.823 4.708   1.00 48.58  ? 1  LEU H CG  1 
ATOM   651 C CD1 . LEU H  1 1  ? -8.358  -18.290 4.412   1.00 48.38  ? 1  LEU H CD1 1 
ATOM   652 C CD2 . LEU H  1 1  ? -8.483  -16.550 6.205   1.00 51.27  ? 1  LEU H CD2 1 
ATOM   653 N N   . VAL H  1 2  ? -6.290  -12.925 3.288   1.00 45.81  ? 2  VAL H N   1 
ATOM   654 C CA  . VAL H  1 2  ? -5.260  -12.256 2.485   1.00 45.95  ? 2  VAL H CA  1 
ATOM   655 C C   . VAL H  1 2  ? -3.914  -12.738 3.029   1.00 45.92  ? 2  VAL H C   1 
ATOM   656 O O   . VAL H  1 2  ? -3.681  -12.674 4.243   1.00 43.81  ? 2  VAL H O   1 
ATOM   657 C CB  . VAL H  1 2  ? -5.291  -10.707 2.486   1.00 52.24  ? 2  VAL H CB  1 
ATOM   658 C CG1 . VAL H  1 2  ? -4.236  -10.143 1.537   1.00 52.94  ? 2  VAL H CG1 1 
ATOM   659 C CG2 . VAL H  1 2  ? -6.642  -10.170 2.109   1.00 54.14  ? 2  VAL H CG2 1 
ATOM   660 N N   . PHE H  1 3  ? -3.031  -13.208 2.138   1.00 39.73  ? 3  PHE H N   1 
ATOM   661 C CA  . PHE H  1 3  ? -1.704  -13.650 2.535   1.00 37.50  ? 3  PHE H CA  1 
ATOM   662 C C   . PHE H  1 3  ? -0.711  -13.194 1.495   1.00 41.93  ? 3  PHE H C   1 
ATOM   663 O O   . PHE H  1 3  ? -0.946  -13.366 0.290   1.00 41.85  ? 3  PHE H O   1 
ATOM   664 C CB  . PHE H  1 3  ? -1.675  -15.171 2.716   1.00 38.38  ? 3  PHE H CB  1 
ATOM   665 C CG  . PHE H  1 3  ? -0.342  -15.846 2.984   1.00 39.06  ? 3  PHE H CG  1 
ATOM   666 C CD1 . PHE H  1 3  ? -0.035  -16.335 4.253   1.00 40.37  ? 3  PHE H CD1 1 
ATOM   667 C CD2 . PHE H  1 3  ? 0.556   -16.095 1.944   1.00 40.30  ? 3  PHE H CD2 1 
ATOM   668 C CE1 . PHE H  1 3  ? 1.178   -16.992 4.495   1.00 41.50  ? 3  PHE H CE1 1 
ATOM   669 C CE2 . PHE H  1 3  ? 1.768   -16.757 2.184   1.00 43.28  ? 3  PHE H CE2 1 
ATOM   670 C CZ  . PHE H  1 3  ? 2.070   -17.201 3.458   1.00 41.95  ? 3  PHE H CZ  1 
ATOM   671 N N   . PHE H  1 4  ? 0.409   -12.622 1.955   1.00 37.64  ? 4  PHE H N   1 
ATOM   672 C CA  . PHE H  1 4  ? 1.496   -12.220 1.062   1.00 37.07  ? 4  PHE H CA  1 
ATOM   673 C C   . PHE H  1 4  ? 2.803   -12.382 1.818   1.00 40.35  ? 4  PHE H C   1 
ATOM   674 O O   . PHE H  1 4  ? 3.221   -11.481 2.551   1.00 40.66  ? 4  PHE H O   1 
ATOM   675 C CB  . PHE H  1 4  ? 1.288   -10.802 0.473   1.00 38.37  ? 4  PHE H CB  1 
ATOM   676 C CG  . PHE H  1 4  ? 2.276   -10.503 -0.627  1.00 40.26  ? 4  PHE H CG  1 
ATOM   677 C CD1 . PHE H  1 4  ? 2.202   -11.163 -1.852  1.00 43.41  ? 4  PHE H CD1 1 
ATOM   678 C CD2 . PHE H  1 4  ? 3.315   -9.604  -0.423  1.00 43.18  ? 4  PHE H CD2 1 
ATOM   679 C CE1 . PHE H  1 4  ? 3.153   -10.922 -2.857  1.00 45.08  ? 4  PHE H CE1 1 
ATOM   680 C CE2 . PHE H  1 4  ? 4.253   -9.349  -1.434  1.00 46.58  ? 4  PHE H CE2 1 
ATOM   681 C CZ  . PHE H  1 4  ? 4.173   -10.019 -2.639  1.00 44.54  ? 4  PHE H CZ  1 
ATOM   682 N N   . ALA H  1 5  ? 3.443   -13.549 1.672   1.00 36.08  ? 5  ALA H N   1 
ATOM   683 C CA  . ALA H  1 5  ? 4.648   -13.852 2.464   1.00 36.99  ? 5  ALA H CA  1 
ATOM   684 C C   . ALA H  1 5  ? 5.414   -15.028 1.896   1.00 45.98  ? 5  ALA H C   1 
ATOM   685 O O   . ALA H  1 5  ? 4.812   -15.854 1.220   1.00 39.65  ? 5  ALA H O   1 
ATOM   686 C CB  . ALA H  1 5  ? 4.225   -14.179 3.916   1.00 36.55  ? 5  ALA H CB  1 
HETATM 687 N N   . ORN H  1 6  ? 7.604   -17.738 -1.798  1.00 44.89  ? 6  ORN H N   1 
HETATM 688 C CA  . ORN H  1 6  ? 6.826   -16.660 -1.195  1.00 44.68  ? 6  ORN H CA  1 
HETATM 689 C CB  . ORN H  1 6  ? 7.702   -15.485 -0.685  1.00 44.11  ? 6  ORN H CB  1 
HETATM 690 C CG  . ORN H  1 6  ? 8.528   -15.895 0.554   1.00 44.35  ? 6  ORN H CG  1 
HETATM 691 C CD  . ORN H  1 6  ? 7.612   -16.319 1.735   1.00 43.57  ? 6  ORN H CD  1 
HETATM 692 N NE  . ORN H  1 6  ? 6.729   -15.166 2.208   1.00 42.69  ? 6  ORN H NE  1 
HETATM 693 C C   . ORN H  1 6  ? 5.776   -16.147 -2.182  1.00 50.14  ? 6  ORN H C   1 
HETATM 694 O O   . ORN H  1 6  ? 5.978   -16.169 -3.395  1.00 21.18  ? 6  ORN H O   1 
HETATM 695 N N   . HAO H  1 7  ? 4.661   -15.691 -1.700  1.00 39.18  ? 7  HAO H N   1 
HETATM 696 N N9  . HAO H  1 7  ? 3.685   -15.229 -2.522  1.00 40.69  ? 7  HAO H N9  1 
HETATM 697 C C10 . HAO H  1 7  ? 2.485   -14.978 -2.010  1.00 43.29  ? 7  HAO H C10 1 
HETATM 698 O O11 . HAO H  1 7  ? 2.285   -15.128 -0.804  1.00 41.59  ? 7  HAO H O11 1 
HETATM 699 C CA  . HAO H  1 7  ? 1.361   -14.459 -2.889  1.00 41.40  ? 7  HAO H CA  1 
HETATM 700 C C13 . HAO H  1 7  ? 0.116   -14.322 -2.297  1.00 36.67  ? 7  HAO H C13 1 
HETATM 701 C C14 . HAO H  1 7  ? 1.556   -14.070 -4.226  1.00 36.21  ? 7  HAO H C14 1 
HETATM 702 C C15 . HAO H  1 7  ? 2.878   -13.739 -6.172  1.00 39.51  ? 7  HAO H C15 1 
HETATM 703 O O15 . HAO H  1 7  ? 2.780   -14.231 -4.814  1.00 47.20  ? 7  HAO H O15 1 
HETATM 704 C C17 . HAO H  1 7  ? 0.472   -13.542 -4.937  1.00 33.89  ? 7  HAO H C17 1 
HETATM 705 C C18 . HAO H  1 7  ? -0.775  -13.391 -4.325  1.00 37.94  ? 7  HAO H C18 1 
HETATM 706 C C19 . HAO H  1 7  ? -0.964  -13.816 -3.008  1.00 40.10  ? 7  HAO H C19 1 
HETATM 707 N N20 . HAO H  1 7  ? -2.097  -13.651 -2.326  1.00 39.61  ? 7  HAO H N20 1 
HETATM 708 C C21 . HAO H  1 7  ? -3.319  -13.399 -2.803  1.00 45.51  ? 7  HAO H C21 1 
HETATM 709 O O22 . HAO H  1 7  ? -3.548  -13.262 -4.003  1.00 41.70  ? 7  HAO H O22 1 
HETATM 710 C C   . HAO H  1 7  ? -4.445  -13.211 -1.803  1.00 42.80  ? 7  HAO H C   1 
HETATM 711 O O   . HAO H  1 7  ? -4.194  -13.180 -0.597  1.00 45.87  ? 7  HAO H O   1 
ATOM   712 N N   . LEU H  1 8  ? -5.630  -13.052 -2.321  1.00 40.66  ? 8  LEU H N   1 
ATOM   713 C CA  . LEU H  1 8  ? -6.882  -12.813 -1.621  1.00 40.10  ? 8  LEU H CA  1 
ATOM   714 C C   . LEU H  1 8  ? -7.899  -13.864 -1.997  1.00 44.79  ? 8  LEU H C   1 
ATOM   715 O O   . LEU H  1 8  ? -8.185  -14.070 -3.179  1.00 45.77  ? 8  LEU H O   1 
ATOM   716 C CB  . LEU H  1 8  ? -7.418  -11.408 -1.980  1.00 41.57  ? 8  LEU H CB  1 
ATOM   717 C CG  . LEU H  1 8  ? -8.909  -11.083 -1.639  1.00 48.15  ? 8  LEU H CG  1 
ATOM   718 C CD1 . LEU H  1 8  ? -9.127  -10.929 -0.147  1.00 46.43  ? 8  LEU H CD1 1 
ATOM   719 C CD2 . LEU H  1 8  ? -9.358  -9.790  -2.335  1.00 51.62  ? 8  LEU H CD2 1 
ATOM   720 N N   . LYS H  1 9  ? -8.465  -14.515 -0.991  1.00 40.30  ? 9  LYS H N   1 
ATOM   721 C CA  . LYS H  1 9  ? -9.524  -15.485 -1.206  1.00 43.10  ? 9  LYS H CA  1 
ATOM   722 C C   . LYS H  1 9  ? -10.584 -15.266 -0.147  1.00 56.23  ? 9  LYS H C   1 
ATOM   723 O O   . LYS H  1 9  ? -10.357 -15.634 1.003   1.00 42.98  ? 9  LYS H O   1 
ATOM   724 C CB  . LYS H  1 9  ? -8.994  -16.935 -1.204  1.00 43.52  ? 9  LYS H CB  1 
ATOM   725 C CG  . LYS H  1 9  ? -10.074 -17.981 -1.540  1.00 47.37  ? 9  LYS H CG  1 
ATOM   726 C CD  . LYS H  1 9  ? -10.565 -17.846 -3.005  1.00 52.89  ? 9  LYS H CD  1 
ATOM   727 C CE  . LYS H  1 9  ? -11.462 -18.976 -3.451  1.00 56.79  ? 9  LYS H CE  1 
ATOM   728 N NZ  . LYS H  1 9  ? -11.943 -18.753 -4.837  1.00 68.97  ? 9  LYS H NZ  1 
HETATM 729 N N   . ORN H  1 10 ? -12.846 -12.897 4.245   1.00 45.36  ? 10 ORN H N   1 
HETATM 730 C CA  . ORN H  1 10 ? -11.898 -13.506 3.313   1.00 46.64  ? 10 ORN H CA  1 
HETATM 731 C CB  . ORN H  1 10 ? -11.807 -12.622 2.012   1.00 45.67  ? 10 ORN H CB  1 
HETATM 732 C CG  . ORN H  1 10 ? -12.909 -12.925 0.953   1.00 45.26  ? 10 ORN H CG  1 
HETATM 733 C CD  . ORN H  1 10 ? -12.884 -14.382 0.445   1.00 45.68  ? 10 ORN H CD  1 
HETATM 734 N NE  . ORN H  1 10 ? -11.725 -14.651 -0.523  1.00 45.19  ? 10 ORN H NE  1 
HETATM 735 C C   . ORN H  1 10 ? -10.505 -13.562 3.944   1.00 50.93  ? 10 ORN H C   1 
HETATM 736 O O   . ORN H  1 10 ? -10.294 -13.046 5.047   1.00 37.44  ? 10 ORN H O   1 
HETATM 737 S S   . SO4 I  2 .  ? -8.452  -2.407  -3.032  1.00 55.75  ? 11 SO4 A S   1 
HETATM 738 O O1  . SO4 I  2 .  ? -9.290  -3.601  -2.918  1.00 59.74  ? 11 SO4 A O1  1 
HETATM 739 O O2  . SO4 I  2 .  ? -9.242  -1.385  -3.763  1.00 62.62  ? 11 SO4 A O2  1 
HETATM 740 O O3  . SO4 I  2 .  ? -8.080  -1.873  -1.703  1.00 58.84  ? 11 SO4 A O3  1 
HETATM 741 O O4  . SO4 I  2 .  ? -7.216  -2.723  -3.840  1.00 60.14  ? 11 SO4 A O4  1 
HETATM 742 C C1  . GOL J  3 .  ? -3.330  1.549   -9.522  1.00 63.51  ? 11 GOL B C1  1 
HETATM 743 O O1  . GOL J  3 .  ? -4.290  0.667   -8.970  1.00 65.28  ? 11 GOL B O1  1 
HETATM 744 C C2  . GOL J  3 .  ? -2.281  1.391   -8.481  1.00 62.70  ? 11 GOL B C2  1 
HETATM 745 O O2  . GOL J  3 .  ? -1.030  1.471   -9.091  1.00 63.02  ? 11 GOL B O2  1 
HETATM 746 C C3  . GOL J  3 .  ? -2.467  2.384   -7.328  1.00 62.29  ? 11 GOL B C3  1 
HETATM 747 O O3  . GOL J  3 .  ? -2.065  1.693   -6.144  1.00 60.06  ? 11 GOL B O3  1 
HETATM 748 C C1  . BU1 K  4 .  ? -0.199  -3.214  -5.467  1.00 52.54  ? 12 BU1 B C1  1 
HETATM 749 C C2  . BU1 K  4 .  ? 0.221   -4.100  -6.643  1.00 84.95  ? 12 BU1 B C2  1 
HETATM 750 C C3  . BU1 K  4 .  ? 1.607   -3.735  -7.171  1.00 74.87  ? 12 BU1 B C3  1 
HETATM 751 C C4  . BU1 K  4 .  ? 2.335   -4.907  -7.828  1.00 81.20  ? 12 BU1 B C4  1 
HETATM 752 O O5  . BU1 K  4 .  ? -1.346  -2.429  -5.841  1.00 64.49  ? 12 BU1 B O5  1 
HETATM 753 O O6  . BU1 K  4 .  ? 3.743   -4.819  -7.549  1.00 86.45  ? 12 BU1 B O6  1 
HETATM 754 C C1  . GOL L  3 .  ? 14.031  -0.660  -4.815  1.00 106.92 ? 23 GOL B C1  1 
HETATM 755 O O1  . GOL L  3 .  ? 13.057  -0.449  -5.840  1.00 106.09 ? 23 GOL B O1  1 
HETATM 756 C C2  . GOL L  3 .  ? 13.376  -0.511  -3.443  1.00 106.72 ? 23 GOL B C2  1 
HETATM 757 O O2  . GOL L  3 .  ? 13.756  0.738   -2.850  1.00 107.29 ? 23 GOL B O2  1 
HETATM 758 C C3  . GOL L  3 .  ? 13.803  -1.681  -2.545  1.00 106.91 ? 23 GOL B C3  1 
HETATM 759 O O3  . GOL L  3 .  ? 13.040  -2.860  -2.848  1.00 106.93 ? 23 GOL B O3  1 
HETATM 760 C C1  . BU1 M  4 .  ? -4.272  -6.910  -9.512  1.00 77.43  ? 18 BU1 C C1  1 
HETATM 761 C C2  . BU1 M  4 .  ? -4.974  -5.742  -8.828  1.00 70.83  ? 18 BU1 C C2  1 
HETATM 762 C C3  . BU1 M  4 .  ? -6.468  -5.752  -9.133  1.00 75.56  ? 18 BU1 C C3  1 
HETATM 763 C C4  . BU1 M  4 .  ? -7.291  -5.554  -7.865  1.00 72.39  ? 18 BU1 C C4  1 
HETATM 764 O O5  . BU1 M  4 .  ? -2.863  -6.835  -9.268  1.00 72.46  ? 18 BU1 C O5  1 
HETATM 765 O O6  . BU1 M  4 .  ? -8.218  -6.639  -7.720  1.00 89.67  ? 18 BU1 C O6  1 
HETATM 766 C C1  . GOL N  3 .  ? 10.991  2.890   5.646   1.00 84.70  ? 22 GOL C C1  1 
HETATM 767 O O1  . GOL N  3 .  ? 10.274  3.816   6.483   1.00 83.82  ? 22 GOL C O1  1 
HETATM 768 C C2  . GOL N  3 .  ? 10.033  1.898   4.972   1.00 84.46  ? 22 GOL C C2  1 
HETATM 769 O O2  . GOL N  3 .  ? 9.402   1.080   5.963   1.00 84.94  ? 22 GOL C O2  1 
HETATM 770 C C3  . GOL N  3 .  ? 10.771  1.027   3.940   1.00 84.46  ? 22 GOL C C3  1 
HETATM 771 O O3  . GOL N  3 .  ? 10.967  1.693   2.677   1.00 84.33  ? 22 GOL C O3  1 
HETATM 772 C C1  . GOL O  3 .  ? -9.388  -6.302  -0.735  1.00 56.16  ? 11 GOL D C1  1 
HETATM 773 O O1  . GOL O  3 .  ? -10.771 -6.141  -0.385  1.00 58.87  ? 11 GOL D O1  1 
HETATM 774 C C2  . GOL O  3 .  ? -8.645  -6.480  0.609   1.00 55.18  ? 11 GOL D C2  1 
HETATM 775 O O2  . GOL O  3 .  ? -8.879  -5.316  1.470   1.00 54.40  ? 11 GOL D O2  1 
HETATM 776 C C3  . GOL O  3 .  ? -7.150  -6.650  0.291   1.00 54.58  ? 11 GOL D C3  1 
HETATM 777 O O3  . GOL O  3 .  ? -6.761  -5.495  -0.448  1.00 53.48  ? 11 GOL D O3  1 
HETATM 778 S S   . SO4 P  2 .  ? -8.741  6.479   -16.633 1.00 91.85  ? 11 SO4 E S   1 
HETATM 779 O O1  . SO4 P  2 .  ? -9.257  5.178   -16.185 1.00 97.06  ? 11 SO4 E O1  1 
HETATM 780 O O2  . SO4 P  2 .  ? -9.251  7.534   -15.735 1.00 96.28  ? 11 SO4 E O2  1 
HETATM 781 O O3  . SO4 P  2 .  ? -7.279  6.457   -16.601 1.00 96.78  ? 11 SO4 E O3  1 
HETATM 782 O O4  . SO4 P  2 .  ? -9.206  6.742   -18.015 1.00 96.97  ? 11 SO4 E O4  1 
HETATM 783 S S   . SO4 Q  2 .  ? -5.306  19.598  5.391   1.00 88.21  ? 12 SO4 E S   1 
HETATM 784 O O1  . SO4 Q  2 .  ? -5.200  18.713  6.583   1.00 92.98  ? 12 SO4 E O1  1 
HETATM 785 O O2  . SO4 Q  2 .  ? -6.429  20.544  5.584   1.00 92.77  ? 12 SO4 E O2  1 
HETATM 786 O O3  . SO4 Q  2 .  ? -4.049  20.362  5.247   1.00 94.26  ? 12 SO4 E O3  1 
HETATM 787 O O4  . SO4 Q  2 .  ? -5.540  18.785  4.184   1.00 92.28  ? 12 SO4 E O4  1 
HETATM 788 C C1  . BU1 R  4 .  ? 1.032   14.358  4.645   1.00 76.49  ? 16 BU1 E C1  1 
HETATM 789 C C2  . BU1 R  4 .  ? 0.930   13.016  3.922   1.00 79.66  ? 16 BU1 E C2  1 
HETATM 790 C C3  . BU1 R  4 .  ? 0.134   11.984  4.720   1.00 78.34  ? 16 BU1 E C3  1 
HETATM 791 C C4  . BU1 R  4 .  ? -1.297  12.441  4.996   1.00 75.37  ? 16 BU1 E C4  1 
HETATM 792 O O5  . BU1 R  4 .  ? 0.915   15.448  3.715   1.00 75.10  ? 16 BU1 E O5  1 
HETATM 793 O O6  . BU1 R  4 .  ? -2.201  11.925  4.006   1.00 71.46  ? 16 BU1 E O6  1 
HETATM 794 C C1  . BU1 S  4 .  ? -5.621  10.175  -17.067 1.00 81.61  ? 13 BU1 F C1  1 
HETATM 795 C C2  . BU1 S  4 .  ? -4.152  10.589  -17.116 1.00 71.19  ? 13 BU1 F C2  1 
HETATM 796 C C3  . BU1 S  4 .  ? -3.765  11.184  -18.470 1.00 76.78  ? 13 BU1 F C3  1 
HETATM 797 C C4  . BU1 S  4 .  ? -2.280  11.546  -18.516 1.00 76.99  ? 13 BU1 F C4  1 
HETATM 798 O O5  . BU1 S  4 .  ? -6.122  10.308  -15.730 1.00 89.96  ? 13 BU1 F O5  1 
HETATM 799 O O6  . BU1 S  4 .  ? -1.633  10.933  -19.642 1.00 76.57  ? 13 BU1 F O6  1 
HETATM 800 C C1  . BU1 T  4 .  ? 4.514   9.279   -19.398 1.00 87.49  ? 17 BU1 F C1  1 
HETATM 801 C C2  . BU1 T  4 .  ? 3.485   9.085   -20.508 1.00 76.18  ? 17 BU1 F C2  1 
HETATM 802 C C3  . BU1 T  4 .  ? 3.097   10.406  -21.165 1.00 74.36  ? 17 BU1 F C3  1 
HETATM 803 C C4  . BU1 T  4 .  ? 1.690   10.322  -21.753 1.00 72.55  ? 17 BU1 F C4  1 
HETATM 804 O O5  . BU1 T  4 .  ? 4.751   8.027   -18.735 1.00 74.20  ? 17 BU1 F O5  1 
HETATM 805 O O6  . BU1 T  4 .  ? 0.896   11.439  -21.329 1.00 72.59  ? 17 BU1 F O6  1 
HETATM 806 S S   . SO4 U  2 .  ? 10.378  -11.325 7.399   0.50 80.52  ? 11 SO4 G S   1 
HETATM 807 O O1  . SO4 U  2 .  ? 10.139  -12.310 8.462   0.50 84.81  ? 11 SO4 G O1  1 
HETATM 808 O O2  . SO4 U  2 .  ? 9.324   -10.296 7.421   0.50 84.96  ? 11 SO4 G O2  1 
HETATM 809 O O3  . SO4 U  2 .  ? 11.683  -10.693 7.627   0.50 86.61  ? 11 SO4 G O3  1 
HETATM 810 O O4  . SO4 U  2 .  ? 10.382  -11.992 6.083   0.50 85.56  ? 11 SO4 G O4  1 
HETATM 811 C C1  . BU1 V  4 .  ? -5.369  -14.523 14.515  0.50 75.88  ? 12 BU1 G C1  1 
HETATM 812 C C2  . BU1 V  4 .  ? -5.077  -13.314 13.635  0.50 75.38  ? 12 BU1 G C2  1 
HETATM 813 C C3  . BU1 V  4 .  ? -3.686  -13.411 13.021  0.50 80.02  ? 12 BU1 G C3  1 
HETATM 814 C C4  . BU1 V  4 .  ? -3.763  -13.801 11.550  0.50 89.71  ? 12 BU1 G C4  1 
HETATM 815 O O5  . BU1 V  4 .  ? -6.695  -14.418 15.046  0.50 56.28  ? 12 BU1 G O5  1 
HETATM 816 O O6  . BU1 V  4 .  ? -3.232  -15.121 11.374  0.50 85.27  ? 12 BU1 G O6  1 
HETATM 817 C C1  . BU1 W  4 .  ? -14.394 -9.588  17.166  1.00 71.94  ? 14 BU1 G C1  1 
HETATM 818 C C2  . BU1 W  4 .  ? -13.970 -8.630  16.055  1.00 87.57  ? 14 BU1 G C2  1 
HETATM 819 C C3  . BU1 W  4 .  ? -12.559 -8.920  15.556  1.00 73.97  ? 14 BU1 G C3  1 
HETATM 820 C C4  . BU1 W  4 .  ? -11.813 -7.623  15.258  1.00 89.30  ? 14 BU1 G C4  1 
HETATM 821 O O5  . BU1 W  4 .  ? -14.808 -8.838  18.322  1.00 59.07  ? 14 BU1 G O5  1 
HETATM 822 O O6  . BU1 W  4 .  ? -12.374 -6.977  14.106  1.00 71.15  ? 14 BU1 G O6  1 
HETATM 823 C C1  . BU1 X  4 .  ? -7.720  -17.708 10.778  0.50 82.08  ? 19 BU1 G C1  1 
HETATM 824 C C2  . BU1 X  4 .  ? -6.869  -18.273 11.910  0.50 87.33  ? 19 BU1 G C2  1 
HETATM 825 C C3  . BU1 X  4 .  ? -5.457  -18.593 11.432  0.50 87.41  ? 19 BU1 G C3  1 
HETATM 826 C C4  . BU1 X  4 .  ? -4.669  -19.346 12.499  0.50 81.24  ? 19 BU1 G C4  1 
HETATM 827 O O5  . BU1 X  4 .  ? -7.350  -18.321 9.537   0.50 97.05  ? 19 BU1 G O5  1 
HETATM 828 O O6  . BU1 X  4 .  ? -5.550  -20.201 13.240  0.50 87.41  ? 19 BU1 G O6  1 
HETATM 829 S S   . SO4 Y  2 .  ? -15.898 -14.706 3.546   0.50 79.74  ? 11 SO4 H S   1 
HETATM 830 O O1  . SO4 Y  2 .  ? -14.804 -15.693 3.553   0.50 74.33  ? 11 SO4 H O1  1 
HETATM 831 O O2  . SO4 Y  2 .  ? -17.130 -15.328 4.087   0.50 74.47  ? 11 SO4 H O2  1 
HETATM 832 O O3  . SO4 Y  2 .  ? -15.539 -13.547 4.374   0.50 74.85  ? 11 SO4 H O3  1 
HETATM 833 O O4  . SO4 Y  2 .  ? -16.144 -14.267 2.159   0.50 75.13  ? 11 SO4 H O4  1 
HETATM 834 S S   . SO4 Z  2 .  ? 9.007   -20.001 0.749   1.00 75.24  ? 12 SO4 H S   1 
HETATM 835 O O1  . SO4 Z  2 .  ? 9.166   -21.472 0.862   1.00 79.14  ? 12 SO4 H O1  1 
HETATM 836 O O2  . SO4 Z  2 .  ? 7.590   -19.610 0.881   1.00 78.06  ? 12 SO4 H O2  1 
HETATM 837 O O3  . SO4 Z  2 .  ? 9.811   -19.331 1.802   1.00 80.76  ? 12 SO4 H O3  1 
HETATM 838 O O4  . SO4 Z  2 .  ? 9.508   -19.582 -0.607  1.00 82.04  ? 12 SO4 H O4  1 
HETATM 839 C C1  . BU1 AA 4 .  ? 6.345   -11.560 0.245   1.00 94.28  ? 13 BU1 H C1  1 
HETATM 840 C C2  . BU1 AA 4 .  ? 7.188   -10.758 1.235   1.00 80.20  ? 13 BU1 H C2  1 
HETATM 841 C C3  . BU1 AA 4 .  ? 8.375   -11.573 1.738   1.00 97.70  ? 13 BU1 H C3  1 
HETATM 842 C C4  . BU1 AA 4 .  ? 8.357   -11.709 3.257   1.00 90.30  ? 13 BU1 H C4  1 
HETATM 843 O O5  . BU1 AA 4 .  ? 7.103   -11.851 -0.935  1.00 93.89  ? 13 BU1 H O5  1 
HETATM 844 O O6  . BU1 AA 4 .  ? 8.207   -13.088 3.632   1.00 85.43  ? 13 BU1 H O6  1 
HETATM 845 C C1  . BU1 BA 4 .  ? -7.526  -23.135 8.236   0.50 81.25  ? 15 BU1 H C1  1 
HETATM 846 C C2  . BU1 BA 4 .  ? -8.399  -23.287 9.479   0.50 78.39  ? 15 BU1 H C2  1 
HETATM 847 C C3  . BU1 BA 4 .  ? -7.600  -23.837 10.656  0.50 77.31  ? 15 BU1 H C3  1 
HETATM 848 C C4  . BU1 BA 4 .  ? -8.404  -23.791 11.952  0.50 76.51  ? 15 BU1 H C4  1 
HETATM 849 O O5  . BU1 BA 4 .  ? -7.402  -21.747 7.901   0.50 85.06  ? 15 BU1 H O5  1 
HETATM 850 O O6  . BU1 BA 4 .  ? -7.685  -23.048 12.949  0.50 59.50  ? 15 BU1 H O6  1 
HETATM 851 C C1  . BU1 CA 4 .  ? -14.296 -21.475 -3.646  1.00 87.81  ? 20 BU1 H C1  1 
HETATM 852 C C2  . BU1 CA 4 .  ? -13.848 -21.465 -5.104  1.00 80.47  ? 20 BU1 H C2  1 
HETATM 853 C C3  . BU1 CA 4 .  ? -12.415 -21.975 -5.249  1.00 79.27  ? 20 BU1 H C3  1 
HETATM 854 C C4  . BU1 CA 4 .  ? -12.376 -23.471 -5.531  1.00 89.59  ? 20 BU1 H C4  1 
HETATM 855 O O5  . BU1 CA 4 .  ? -15.493 -20.701 -3.491  1.00 97.81  ? 20 BU1 H O5  1 
HETATM 856 O O6  . BU1 CA 4 .  ? -11.026 -23.953 -5.476  1.00 84.40  ? 20 BU1 H O6  1 
HETATM 857 C C1  . GOL DA 3 .  ? -3.993  -16.589 8.220   1.00 92.97  ? 21 GOL H C1  1 
HETATM 858 O O1  . GOL DA 3 .  ? -3.251  -15.467 8.702   1.00 92.04  ? 21 GOL H O1  1 
HETATM 859 C C2  . GOL DA 3 .  ? -3.807  -16.701 6.700   1.00 92.71  ? 21 GOL H C2  1 
HETATM 860 O O2  . GOL DA 3 .  ? -4.339  -15.496 6.086   1.00 92.98  ? 21 GOL H O2  1 
HETATM 861 C C3  . GOL DA 3 .  ? -4.498  -17.976 6.144   1.00 92.96  ? 21 GOL H C3  1 
HETATM 862 O O3  . GOL DA 3 .  ? -4.480  -19.121 7.033   1.00 92.89  ? 21 GOL H O3  1 
HETATM 863 O O   . HOH EA 5 .  ? -8.945  4.845   0.784   1.00 50.39  ? 12 HOH A O   1 
HETATM 864 O O   . HOH EA 5 .  ? -10.311 6.087   3.480   1.00 64.94  ? 15 HOH A O   1 
HETATM 865 O O   . HOH EA 5 .  ? -10.193 0.374   0.232   1.00 54.95  ? 19 HOH A O   1 
HETATM 866 O O   . HOH EA 5 .  ? 8.716   12.416  4.264   1.00 85.61  ? 30 HOH A O   1 
HETATM 867 O O   . HOH FA 5 .  ? -0.321  -2.572  -10.604 1.00 81.99  ? 13 HOH B O   1 
HETATM 868 O O   . HOH FA 5 .  ? -0.838  0.784   -11.769 1.00 77.02  ? 14 HOH B O   1 
HETATM 869 O O   . HOH GA 5 .  ? -2.526  -11.698 -6.926  1.00 51.70  ? 11 HOH C O   1 
HETATM 870 O O   . HOH GA 5 .  ? -5.487  -10.681 -8.913  1.00 90.35  ? 25 HOH C O   1 
HETATM 871 O O   . HOH GA 5 .  ? 11.342  -1.284  6.988   1.00 95.93  ? 26 HOH C O   1 
HETATM 872 O O   . HOH HA 5 .  ? 4.338   -0.523  11.005  1.00 61.47  ? 22 HOH D O   1 
HETATM 873 O O   . HOH HA 5 .  ? -8.506  2.660   7.422   1.00 72.39  ? 29 HOH D O   1 
HETATM 874 O O   . HOH HA 5 .  ? 10.197  -5.190  7.325   1.00 86.01  ? 33 HOH D O   1 
HETATM 875 O O   . HOH HA 5 .  ? 10.646  -7.029  5.320   1.00 76.68  ? 34 HOH D O   1 
HETATM 876 O O   . HOH IA 5 .  ? -8.639  12.638  7.151   1.00 72.30  ? 13 HOH E O   1 
HETATM 877 O O   . HOH IA 5 .  ? -5.745  14.810  8.349   1.00 79.36  ? 14 HOH E O   1 
HETATM 878 O O   . HOH IA 5 .  ? -4.794  4.392   -14.382 1.00 70.10  ? 15 HOH E O   1 
HETATM 879 O O   . HOH IA 5 .  ? -11.516 4.151   -9.697  1.00 57.52  ? 17 HOH E O   1 
HETATM 880 O O   . HOH IA 5 .  ? -5.122  5.371   -17.722 1.00 79.69  ? 27 HOH E O   1 
HETATM 881 O O   . HOH IA 5 .  ? -13.946 4.715   -11.056 1.00 78.37  ? 31 HOH E O   1 
HETATM 882 O O   . HOH JA 5 .  ? 8.412   17.522  -0.175  1.00 62.80  ? 11 HOH F O   1 
HETATM 883 O O   . HOH KA 5 .  ? 8.737   -9.756  11.523  1.00 58.59  ? 13 HOH G O   1 
HETATM 884 O O   . HOH KA 5 .  ? -15.724 -10.655 5.570   1.00 85.03  ? 17 HOH G O   1 
HETATM 885 O O   . HOH KA 5 .  ? -1.424  -8.010  16.840  1.00 66.61  ? 28 HOH G O   1 
HETATM 886 O O   . HOH LA 5 .  ? -12.255 -13.698 -3.286  1.00 66.14  ? 14 HOH H O   1 
HETATM 887 O O   . HOH LA 5 .  ? 11.078  -22.738 2.233   1.00 72.69  ? 16 HOH H O   1 
HETATM 888 O O   . HOH LA 5 .  ? -10.216 -17.497 -6.866  1.00 86.59  ? 17 HOH H O   1 
HETATM 889 O O   . HOH LA 5 .  ? -13.528 -10.176 3.625   1.00 71.61  ? 18 HOH H O   1 
HETATM 890 O O   . HOH LA 5 .  ? 6.726   -12.655 -3.546  1.00 78.42  ? 23 HOH H O   1 
HETATM 891 O O   . HOH LA 5 .  ? -10.594 -14.701 -5.344  1.00 75.49  ? 24 HOH H O   1 
HETATM 892 O O   . HOH LA 5 .  ? 9.742   -16.640 -3.495  1.00 66.22  ? 32 HOH H O   1 
# 
loop_
_atom_site_anisotrop.id 
_atom_site_anisotrop.type_symbol 
_atom_site_anisotrop.pdbx_label_atom_id 
_atom_site_anisotrop.pdbx_label_alt_id 
_atom_site_anisotrop.pdbx_label_comp_id 
_atom_site_anisotrop.pdbx_label_asym_id 
_atom_site_anisotrop.pdbx_label_seq_id 
_atom_site_anisotrop.pdbx_PDB_ins_code 
_atom_site_anisotrop.U[1][1] 
_atom_site_anisotrop.U[2][2] 
_atom_site_anisotrop.U[3][3] 
_atom_site_anisotrop.U[1][2] 
_atom_site_anisotrop.U[1][3] 
_atom_site_anisotrop.U[2][3] 
_atom_site_anisotrop.pdbx_auth_seq_id 
_atom_site_anisotrop.pdbx_auth_comp_id 
_atom_site_anisotrop.pdbx_auth_asym_id 
_atom_site_anisotrop.pdbx_auth_atom_id 
1   N N   . LEU A 1 ? 0.8534 0.6319 0.9328 -0.0058 -0.1496 0.0089  1 LEU A N   
2   C CA  . LEU A 1 ? 0.7981 0.5969 0.8969 -0.0009 -0.1259 0.0182  1 LEU A CA  
3   C C   . LEU A 1 ? 0.8103 0.5999 0.8686 0.0048  -0.1053 0.0265  1 LEU A C   
4   O O   . LEU A 1 ? 0.8099 0.5856 0.8301 0.0086  -0.1104 0.0299  1 LEU A O   
5   C CB  . LEU A 1 ? 0.7766 0.5946 0.8996 0.0018  -0.1341 0.0243  1 LEU A CB  
6   C CG  . LEU A 1 ? 0.7921 0.6291 0.9300 0.0052  -0.1110 0.0339  1 LEU A CG  
7   C CD1 . LEU A 1 ? 0.7622 0.6112 0.9486 0.0005  -0.0996 0.0312  1 LEU A CD1 
8   C CD2 . LEU A 1 ? 0.7961 0.6439 0.9336 0.0088  -0.1169 0.0412  1 LEU A CD2 
9   N N   . VAL A 2 ? 0.7273 0.5232 0.7956 0.0059  -0.0816 0.0297  2 VAL A N   
10  C CA  . VAL A 2 ? 0.7026 0.4952 0.7442 0.0118  -0.0613 0.0391  2 VAL A CA  
11  C C   . VAL A 2 ? 0.7006 0.5162 0.7574 0.0160  -0.0548 0.0481  2 VAL A C   
12  O O   . VAL A 2 ? 0.6735 0.5050 0.7646 0.0137  -0.0514 0.0480  2 VAL A O   
13  C CB  . VAL A 2 ? 0.7429 0.5307 0.7876 0.0114  -0.0401 0.0396  2 VAL A CB  
14  C CG1 . VAL A 2 ? 0.7310 0.5158 0.7518 0.0180  -0.0216 0.0506  2 VAL A CG1 
15  C CG2 . VAL A 2 ? 0.7677 0.5341 0.8029 0.0048  -0.0445 0.0290  2 VAL A CG2 
16  N N   . PHE A 3 ? 0.6498 0.4648 0.6815 0.0214  -0.0517 0.0547  3 PHE A N   
17  C CA  . PHE A 3 ? 0.6172 0.4536 0.6605 0.0242  -0.0455 0.0620  3 PHE A CA  
18  C C   . PHE A 3 ? 0.6563 0.4938 0.6782 0.0303  -0.0308 0.0701  3 PHE A C   
19  O O   . PHE A 3 ? 0.6672 0.4852 0.6605 0.0334  -0.0286 0.0699  3 PHE A O   
20  C CB  . PHE A 3 ? 0.6372 0.4784 0.6846 0.0239  -0.0611 0.0604  3 PHE A CB  
21  C CG  . PHE A 3 ? 0.6829 0.5033 0.6933 0.0277  -0.0716 0.0583  3 PHE A CG  
22  C CD1 . PHE A 3 ? 0.7504 0.5503 0.7481 0.0249  -0.0902 0.0508  3 PHE A CD1 
23  C CD2 . PHE A 3 ? 0.7085 0.5273 0.6956 0.0338  -0.0627 0.0631  3 PHE A CD2 
24  C CE1 . PHE A 3 ? 0.7867 0.5609 0.7432 0.0283  -0.0996 0.0490  3 PHE A CE1 
25  C CE2 . PHE A 3 ? 0.7665 0.5599 0.7163 0.0381  -0.0697 0.0606  3 PHE A CE2 
26  C CZ  . PHE A 3 ? 0.7733 0.5426 0.7052 0.0352  -0.0879 0.0539  3 PHE A CZ  
27  N N   . PHE A 4 ? 0.5784 0.4365 0.6145 0.0311  -0.0204 0.0768  4 PHE A N   
28  C CA  . PHE A 4 ? 0.5547 0.4193 0.5784 0.0362  -0.0080 0.0845  4 PHE A CA  
29  C C   . PHE A 4 ? 0.5846 0.4725 0.6228 0.0346  -0.0031 0.0894  4 PHE A C   
30  O O   . PHE A 4 ? 0.5719 0.4687 0.6302 0.0297  -0.0009 0.0902  4 PHE A O   
31  C CB  . PHE A 4 ? 0.5667 0.4262 0.5891 0.0385  0.0036  0.0892  4 PHE A CB  
32  C CG  . PHE A 4 ? 0.5729 0.4358 0.5849 0.0445  0.0143  0.0972  4 PHE A CG  
33  C CD1 . PHE A 4 ? 0.6197 0.4622 0.6115 0.0484  0.0185  0.0970  4 PHE A CD1 
34  C CD2 . PHE A 4 ? 0.5629 0.4472 0.5861 0.0455  0.0201  0.1049  4 PHE A CD2 
35  C CE1 . PHE A 4 ? 0.6160 0.4616 0.6053 0.0540  0.0292  0.1041  4 PHE A CE1 
36  C CE2 . PHE A 4 ? 0.5900 0.4797 0.6091 0.0509  0.0276  0.1120  4 PHE A CE2 
37  C CZ  . PHE A 4 ? 0.5790 0.4504 0.5843 0.0555  0.0324  0.1115  4 PHE A CZ  
38  N N   . ALA A 5 ? 0.5363 0.4313 0.5633 0.0381  0.0010  0.0922  5 ALA A N   
39  C CA  . ALA A 5 ? 0.5588 0.4755 0.5958 0.0353  0.0073  0.0964  5 ALA A CA  
40  C C   . ALA A 5 ? 0.6592 0.5821 0.6843 0.0405  0.0147  0.0996  5 ALA A C   
41  O O   . ALA A 5 ? 0.5619 0.4709 0.5709 0.0460  0.0146  0.0962  5 ALA A O   
42  C CB  . ALA A 5 ? 0.5590 0.4816 0.6057 0.0308  0.0026  0.0927  5 ALA A CB  
43  N N   . ORN A 6 ? 0.5375 0.4541 0.5475 0.0634  0.0438  0.1089  6 ORN A N   
44  C CA  . ORN A 6 ? 0.6123 0.5215 0.6158 0.0586  0.0349  0.1055  6 ORN A CA  
45  C CB  . ORN A 6 ? 0.5903 0.5127 0.6072 0.0542  0.0312  0.1118  6 ORN A CB  
46  C CG  . ORN A 6 ? 0.5734 0.5215 0.6011 0.0486  0.0305  0.1144  6 ORN A CG  
47  C CD  . ORN A 6 ? 0.5601 0.5121 0.5881 0.0425  0.0277  0.1083  6 ORN A CD  
48  N NE  . ORN A 6 ? 0.5642 0.5051 0.5963 0.0385  0.0212  0.1054  6 ORN A NE  
49  C C   . ORN A 6 ? 0.6239 0.5007 0.6097 0.0609  0.0339  0.1017  6 ORN A C   
50  O O   . ORN A 6 ? 0.3794 0.2388 0.3588 0.0654  0.0422  0.1037  6 ORN A O   
51  N N   . HAO A 7 ? 0.5782 0.4448 0.5564 0.0573  0.0240  0.0963  7 HAO A N   
52  N N9  . HAO A 7 ? 0.6137 0.4502 0.5730 0.0578  0.0214  0.0923  7 HAO A N9  
53  C C10 . HAO A 7 ? 0.5683 0.3967 0.5249 0.0532  0.0093  0.0874  7 HAO A C10 
54  O O11 . HAO A 7 ? 0.5868 0.4345 0.5617 0.0489  0.0015  0.0868  7 HAO A O11 
55  C CA  . HAO A 7 ? 0.6950 0.4883 0.6272 0.0522  0.0056  0.0823  7 HAO A CA  
56  C C13 . HAO A 7 ? 0.5961 0.3843 0.5298 0.0467  -0.0093 0.0765  7 HAO A C13 
57  C C14 . HAO A 7 ? 0.8525 0.6179 0.7634 0.0555  0.0180  0.0833  7 HAO A C14 
58  C C15 . HAO A 7 ? 0.7652 0.5024 0.6622 0.0636  0.0467  0.0893  7 HAO A C15 
59  O O15 . HAO A 7 ? 0.7292 0.5006 0.6457 0.0609  0.0324  0.0887  7 HAO A O15 
60  C C17 . HAO A 7 ? 0.7011 0.4306 0.5857 0.0522  0.0161  0.0785  7 HAO A C17 
61  C C18 . HAO A 7 ? 0.7612 0.4870 0.6437 0.0461  -0.0008 0.0721  7 HAO A C18 
62  C C19 . HAO A 7 ? 0.7684 0.5242 0.6774 0.0439  -0.0144 0.0709  7 HAO A C19 
63  N N20 . HAO A 7 ? 0.7126 0.4672 0.6289 0.0380  -0.0294 0.0649  7 HAO A N20 
64  C C21 . HAO A 7 ? 0.9849 0.7116 0.8770 0.0340  -0.0424 0.0574  7 HAO A C21 
65  O O22 . HAO A 7 ? 0.9024 0.5967 0.7564 0.0357  -0.0416 0.0555  7 HAO A O22 
66  C C   . HAO A 7 ? 0.8176 0.5502 0.7299 0.0266  -0.0588 0.0504  7 HAO A C   
67  O O   . HAO A 7 ? 0.7222 0.4798 0.6707 0.0247  -0.0548 0.0516  7 HAO A O   
68  N N   . LEU A 8 ? 0.8842 0.5907 0.7715 0.0225  -0.0760 0.0429  8 LEU A N   
69  C CA  . LEU A 8 ? 0.8984 0.6047 0.8006 0.0147  -0.0952 0.0341  8 LEU A CA  
70  C C   . LEU A 8 ? 0.9582 0.6520 0.8433 0.0141  -0.1227 0.0295  8 LEU A C   
71  O O   . LEU A 8 ? 0.9863 0.6489 0.8250 0.0166  -0.1257 0.0294  8 LEU A O   
72  C CB  . LEU A 8 ? 0.9315 0.6118 0.8146 0.0078  -0.0871 0.0287  8 LEU A CB  
73  C CG  . LEU A 8 ? 1.0235 0.7009 0.9208 -0.0017 -0.1053 0.0173  8 LEU A CG  
74  C CD1 . LEU A 8 ? 1.0015 0.7029 0.9433 -0.0041 -0.0915 0.0158  8 LEU A CD1 
75  C CD2 . LEU A 8 ? 1.1071 0.7419 0.9575 -0.0095 -0.1078 0.0103  8 LEU A CD2 
76  N N   . LYS A 9 ? 0.8874 0.6034 0.8107 0.0111  -0.1419 0.0260  9 LYS A N   
77  C CA  . LYS A 9 ? 1.0409 0.7497 0.9574 0.0106  -0.1715 0.0226  9 LYS A CA  
78  C C   . LYS A 9 ? 1.2284 0.9429 1.1761 0.0016  -0.1917 0.0129  9 LYS A C   
79  O O   . LYS A 9 ? 0.8260 0.5704 0.8284 -0.0001 -0.1922 0.0125  9 LYS A O   
80  C CB  . LYS A 9 ? 1.0356 0.7705 0.9772 0.0174  -0.1741 0.0301  9 LYS A CB  
81  C CG  . LYS A 9 ? 1.1587 0.8746 1.0663 0.0228  -0.1932 0.0316  9 LYS A CG  
82  C CD  . LYS A 9 ? 1.2409 0.9584 1.1668 0.0189  -0.2276 0.0270  9 LYS A CD  
83  C CE  . LYS A 9 ? 1.2750 0.9821 1.1780 0.0263  -0.2454 0.0316  9 LYS A CE  
84  N NZ  . LYS A 9 ? 1.3087 0.9689 1.1375 0.0299  -0.2473 0.0299  9 LYS A NZ  
93  N N   . LEU B 1 ? 0.5789 0.4839 0.7008 0.0292  0.0876  0.1470  1 LEU B N   
94  C CA  . LEU B 1 ? 0.5615 0.4765 0.6991 0.0410  0.0647  0.1481  1 LEU B CA  
95  C C   . LEU B 1 ? 0.5744 0.5102 0.7445 0.0373  0.0539  0.1502  1 LEU B C   
96  O O   . LEU B 1 ? 0.5466 0.4907 0.7421 0.0366  0.0589  0.1522  1 LEU B O   
97  C CB  . LEU B 1 ? 0.5716 0.4844 0.7230 0.0606  0.0607  0.1487  1 LEU B CB  
98  C CG  . LEU B 1 ? 0.6250 0.5577 0.7945 0.0728  0.0381  0.1464  1 LEU B CG  
99  C CD1 . LEU B 1 ? 0.6272 0.5550 0.7701 0.0775  0.0305  0.1459  1 LEU B CD1 
100 C CD2 . LEU B 1 ? 0.6783 0.6269 0.8750 0.0893  0.0358  0.1472  1 LEU B CD2 
101 N N   . VAL B 2 ? 0.5235 0.4670 0.6940 0.0358  0.0398  0.1498  2 VAL B N   
102 C CA  . VAL B 2 ? 0.5154 0.4735 0.7199 0.0339  0.0304  0.1514  2 VAL B CA  
103 C C   . VAL B 2 ? 0.5637 0.5297 0.7933 0.0467  0.0147  0.1428  2 VAL B C   
104 O O   . VAL B 2 ? 0.5521 0.5186 0.7680 0.0552  0.0046  0.1376  2 VAL B O   
105 C CB  . VAL B 2 ? 0.5549 0.5175 0.7494 0.0268  0.0262  0.1556  2 VAL B CB  
106 C CG1 . VAL B 2 ? 0.5397 0.5114 0.7742 0.0265  0.0192  0.1577  2 VAL B CG1 
107 C CG2 . VAL B 2 ? 0.5554 0.5223 0.7240 0.0140  0.0430  0.1639  2 VAL B CG2 
108 N N   . PHE B 3 ? 0.5262 0.5037 0.7922 0.0477  0.0135  0.1411  3 PHE B N   
109 C CA  . PHE B 3 ? 0.5159 0.5109 0.8076 0.0579  0.0004  0.1305  3 PHE B CA  
110 C C   . PHE B 3 ? 0.5474 0.5554 0.8811 0.0515  -0.0048 0.1248  3 PHE B C   
111 O O   . PHE B 3 ? 0.5213 0.5253 0.8695 0.0417  0.0040  0.1327  3 PHE B O   
112 C CB  . PHE B 3 ? 0.5385 0.5403 0.8299 0.0697  0.0059  0.1312  3 PHE B CB  
113 C CG  . PHE B 3 ? 0.5647 0.5683 0.8722 0.0655  0.0175  0.1365  3 PHE B CG  
114 C CD1 . PHE B 3 ? 0.6171 0.6040 0.9037 0.0616  0.0339  0.1447  3 PHE B CD1 
115 C CD2 . PHE B 3 ? 0.5857 0.6108 0.9303 0.0641  0.0128  0.1313  3 PHE B CD2 
116 C CE1 . PHE B 3 ? 0.6297 0.6229 0.9322 0.0578  0.0437  0.1488  3 PHE B CE1 
117 C CE2 . PHE B 3 ? 0.6230 0.6524 0.9817 0.0597  0.0224  0.1368  3 PHE B CE2 
118 C CZ  . PHE B 3 ? 0.6100 0.6245 0.9478 0.0574  0.0371  0.1460  3 PHE B CZ  
119 N N   . PHE B 4 ? 0.5062 0.5338 0.8618 0.0568  -0.0178 0.1104  4 PHE B N   
120 C CA  . PHE B 4 ? 0.4984 0.5409 0.8972 0.0501  -0.0216 0.0995  4 PHE B CA  
121 C C   . PHE B 4 ? 0.5550 0.6322 0.9710 0.0591  -0.0321 0.0825  4 PHE B C   
122 O O   . PHE B 4 ? 0.5565 0.6461 0.9611 0.0671  -0.0425 0.0748  4 PHE B O   
123 C CB  . PHE B 4 ? 0.5154 0.5454 0.9276 0.0411  -0.0241 0.0967  4 PHE B CB  
124 C CG  . PHE B 4 ? 0.5208 0.5566 0.9801 0.0310  -0.0213 0.0886  4 PHE B CG  
125 C CD1 . PHE B 4 ? 0.5483 0.5727 1.0226 0.0220  -0.0086 0.1032  4 PHE B CD1 
126 C CD2 . PHE B 4 ? 0.5307 0.5871 1.0209 0.0295  -0.0302 0.0655  4 PHE B CD2 
127 C CE1 . PHE B 4 ? 0.5590 0.5868 1.0782 0.0117  -0.0043 0.0968  4 PHE B CE1 
128 C CE2 . PHE B 4 ? 0.5661 0.6259 1.1012 0.0175  -0.0249 0.0556  4 PHE B CE2 
129 C CZ  . PHE B 4 ? 0.5451 0.5877 1.0943 0.0088  -0.0118 0.0723  4 PHE B CZ  
130 N N   . ALA B 5 ? 0.5068 0.6060 0.9491 0.0582  -0.0290 0.0777  5 ALA B N   
131 C CA  . ALA B 5 ? 0.7325 0.8767 1.1938 0.0661  -0.0367 0.0617  5 ALA B CA  
132 C C   . ALA B 5 ? 0.9866 1.1506 1.4925 0.0524  -0.0367 0.0447  5 ALA B C   
133 O O   . ALA B 5 ? 0.6734 0.8298 1.1925 0.0444  -0.0278 0.0515  5 ALA B O   
134 C CB  . ALA B 5 ? 0.7411 0.9002 1.1868 0.0808  -0.0307 0.0728  5 ALA B CB  
135 N N   . ORN B 6 ? 0.7314 0.8984 1.3859 -0.0126 -0.0099 0.0163  6 ORN B N   
136 C CA  . ORN B 6 ? 0.9316 1.0830 1.5421 0.0039  -0.0154 0.0313  6 ORN B CA  
137 C CB  . ORN B 6 ? 0.9239 1.0789 1.5310 0.0079  -0.0253 0.0150  6 ORN B CB  
138 C CG  . ORN B 6 ? 0.9165 1.1245 1.5202 0.0190  -0.0347 -0.0014 6 ORN B CG  
139 C CD  . ORN B 6 ? 0.9178 1.1313 1.4952 0.0326  -0.0458 -0.0036 6 ORN B CD  
140 N NE  . ORN B 6 ? 0.9184 1.1086 1.4484 0.0483  -0.0459 0.0216  6 ORN B NE  
141 C C   . ORN B 6 ? 0.9278 1.0376 1.5175 0.0037  -0.0070 0.0596  6 ORN B C   
142 O O   . ORN B 6 ? 0.4831 0.5711 1.0949 -0.0081 0.0014  0.0672  6 ORN B O   
143 N N   . HAO B 7 ? 0.8360 0.9378 1.3850 0.0164  -0.0073 0.0754  7 HAO B N   
144 N N9  . HAO B 7 ? 0.7788 0.8527 1.3085 0.0148  0.0012  0.0975  7 HAO B N9  
145 C C10 . HAO B 7 ? 0.7038 0.7649 1.1931 0.0241  0.0021  0.1090  7 HAO B C10 
146 O O11 . HAO B 7 ? 0.6592 0.7287 1.1270 0.0360  -0.0047 0.1024  7 HAO B O11 
147 C CA  . HAO B 7 ? 0.8516 0.8913 1.3225 0.0193  0.0131  0.1303  7 HAO B CA  
148 C C13 . HAO B 7 ? 0.5107 0.5390 0.9399 0.0260  0.0156  0.1375  7 HAO B C13 
149 C C14 . HAO B 7 ? 0.5860 0.6218 1.0819 0.0079  0.0221  0.1427  7 HAO B C14 
150 C C15 . HAO B 7 ? 0.6756 0.7196 1.2376 -0.0101 0.0332  0.1526  7 HAO B C15 
151 O O15 . HAO B 7 ? 0.7984 0.8416 1.3368 -0.0005 0.0219  0.1353  7 HAO B O15 
152 C C17 . HAO B 7 ? 0.6292 0.6573 1.1074 0.0046  0.0325  0.1625  7 HAO B C17 
153 C C18 . HAO B 7 ? 0.6580 0.6795 1.0936 0.0100  0.0346  0.1665  7 HAO B C18 
154 C C19 . HAO B 7 ? 0.9113 0.9293 1.3226 0.0202  0.0266  0.1537  7 HAO B C19 
155 N N20 . HAO B 7 ? 0.5365 0.5447 0.9086 0.0241  0.0300  0.1567  7 HAO B N20 
156 C C21 . HAO B 7 ? 0.5763 0.5840 0.9284 0.0220  0.0423  0.1642  7 HAO B C21 
157 O O22 . HAO B 7 ? 0.7072 0.7266 1.0758 0.0173  0.0501  0.1704  7 HAO B O22 
158 C C   . HAO B 7 ? 0.6081 0.6022 0.9168 0.0238  0.0478  0.1638  7 HAO B C   
159 O O   . HAO B 7 ? 0.5907 0.5756 0.8814 0.0273  0.0399  0.1594  7 HAO B O   
160 N N   . LEU B 8 ? 0.6339 0.6284 0.9279 0.0201  0.0619  0.1672  8 LEU B N   
161 C CA  . LEU B 8 ? 0.6396 0.6218 0.8947 0.0175  0.0727  0.1654  8 LEU B CA  
162 C C   . LEU B 8 ? 0.6960 0.6691 0.9424 0.0233  0.0842  0.1608  8 LEU B C   
163 O O   . LEU B 8 ? 0.6927 0.6775 0.9569 0.0217  0.0914  0.1628  8 LEU B O   
164 C CB  . LEU B 8 ? 0.6368 0.6346 0.8832 0.0025  0.0843  0.1735  8 LEU B CB  
165 C CG  . LEU B 8 ? 0.7100 0.7032 0.9154 -0.0058 0.0961  0.1700  8 LEU B CG  
166 C CD1 . LEU B 8 ? 0.7149 0.6939 0.8967 -0.0016 0.0848  0.1671  8 LEU B CD1 
167 C CD2 . LEU B 8 ? 0.7292 0.7534 0.9332 -0.0202 0.1087  0.1787  8 LEU B CD2 
168 N N   . LYS B 9 ? 0.6547 0.6068 0.8745 0.0311  0.0866  0.1556  9 LYS B N   
169 C CA  . LYS B 9 ? 0.7195 0.6562 0.9286 0.0385  0.1014  0.1526  9 LYS B CA  
170 C C   . LYS B 9 ? 0.7578 0.6746 0.9306 0.0296  0.1168  0.1480  9 LYS B C   
171 O O   . LYS B 9 ? 0.6881 0.5870 0.8404 0.0364  0.1142  0.1468  9 LYS B O   
172 C CB  . LYS B 9 ? 0.7544 0.6876 0.9731 0.0595  0.0932  0.1533  9 LYS B CB  
173 C CG  . LYS B 9 ? 0.8614 0.7813 1.0762 0.0703  0.1109  0.1540  9 LYS B CG  
174 C CD  . LYS B 9 ? 0.9508 0.8803 1.1809 0.0930  0.1043  0.1584  9 LYS B CD  
175 C CE  . LYS B 9 ? 1.1046 1.0237 1.3346 0.1040  0.1239  0.1613  9 LYS B CE  
176 N NZ  . LYS B 9 ? 1.2437 1.1806 1.4889 0.1283  0.1193  0.1683  9 LYS B NZ  
185 N N   . LEU C 1 ? 0.6882 0.6120 0.8468 0.0847  -0.0726 0.0602  1 LEU C N   
186 C CA  . LEU C 1 ? 0.6714 0.5828 0.8044 0.0826  -0.0737 0.0497  1 LEU C CA  
187 C C   . LEU C 1 ? 0.6852 0.5740 0.7789 0.0812  -0.0548 0.0608  1 LEU C C   
188 O O   . LEU C 1 ? 0.6846 0.5650 0.7811 0.0768  -0.0460 0.0742  1 LEU C O   
189 C CB  . LEU C 1 ? 0.6678 0.5763 0.8252 0.0738  -0.0881 0.0405  1 LEU C CB  
190 C CG  . LEU C 1 ? 0.7265 0.6250 0.8557 0.0717  -0.0907 0.0293  1 LEU C CG  
191 C CD1 . LEU C 1 ? 0.7231 0.6388 0.8696 0.0746  -0.1118 0.0081  1 LEU C CD1 
192 C CD2 . LEU C 1 ? 0.7563 0.6384 0.8825 0.0628  -0.0848 0.0374  1 LEU C CD2 
193 N N   . VAL C 2 ? 0.6002 0.4830 0.6605 0.0854  -0.0487 0.0551  2 VAL C N   
194 C CA  . VAL C 2 ? 0.5929 0.4540 0.6168 0.0832  -0.0316 0.0607  2 VAL C CA  
195 C C   . VAL C 2 ? 0.6506 0.5046 0.6649 0.0745  -0.0374 0.0505  2 VAL C C   
196 O O   . VAL C 2 ? 0.6342 0.4979 0.6504 0.0752  -0.0516 0.0376  2 VAL C O   
197 C CB  . VAL C 2 ? 0.6406 0.4985 0.6372 0.0919  -0.0212 0.0613  2 VAL C CB  
198 C CG1 . VAL C 2 ? 0.6433 0.4762 0.6072 0.0879  -0.0034 0.0649  2 VAL C CG1 
199 C CG2 . VAL C 2 ? 0.6364 0.5063 0.6424 0.1028  -0.0158 0.0710  2 VAL C CG2 
200 N N   . PHE C 3 ? 0.6075 0.4499 0.6124 0.0676  -0.0271 0.0560  3 PHE C N   
201 C CA  . PHE C 3 ? 0.5952 0.4341 0.5886 0.0601  -0.0304 0.0474  3 PHE C CA  
202 C C   . PHE C 3 ? 0.6279 0.4541 0.5880 0.0562  -0.0121 0.0483  3 PHE C C   
203 O O   . PHE C 3 ? 0.6027 0.4251 0.5612 0.0578  0.0020  0.0577  3 PHE C O   
204 C CB  . PHE C 3 ? 0.6083 0.4555 0.6343 0.0556  -0.0384 0.0514  3 PHE C CB  
205 C CG  . PHE C 3 ? 0.6221 0.4726 0.6631 0.0551  -0.0263 0.0683  3 PHE C CG  
206 C CD1 . PHE C 3 ? 0.6506 0.5094 0.7210 0.0590  -0.0285 0.0802  3 PHE C CD1 
207 C CD2 . PHE C 3 ? 0.6413 0.4928 0.6681 0.0518  -0.0129 0.0723  3 PHE C CD2 
208 C CE1 . PHE C 3 ? 0.6583 0.5258 0.7431 0.0598  -0.0189 0.0975  3 PHE C CE1 
209 C CE2 . PHE C 3 ? 0.6725 0.5360 0.7157 0.0537  -0.0024 0.0882  3 PHE C CE2 
210 C CZ  . PHE C 3 ? 0.6487 0.5199 0.7205 0.0580  -0.0061 0.1017  3 PHE C CZ  
211 N N   . PHE C 4 ? 0.5776 0.4001 0.5119 0.0512  -0.0132 0.0372  4 PHE C N   
212 C CA  . PHE C 4 ? 0.5814 0.3948 0.4842 0.0456  0.0032  0.0338  4 PHE C CA  
213 C C   . PHE C 4 ? 0.6246 0.4432 0.5098 0.0392  -0.0030 0.0230  4 PHE C C   
214 O O   . PHE C 4 ? 0.6124 0.4345 0.4922 0.0403  -0.0181 0.0149  4 PHE C O   
215 C CB  . PHE C 4 ? 0.6060 0.4048 0.4846 0.0476  0.0142  0.0324  4 PHE C CB  
216 C CG  . PHE C 4 ? 0.6322 0.4210 0.4859 0.0415  0.0332  0.0280  4 PHE C CG  
217 C CD1 . PHE C 4 ? 0.6757 0.4615 0.5352 0.0437  0.0482  0.0339  4 PHE C CD1 
218 C CD2 . PHE C 4 ? 0.6593 0.4457 0.4845 0.0337  0.0353  0.0167  4 PHE C CD2 
219 C CE1 . PHE C 4 ? 0.6930 0.4736 0.5331 0.0386  0.0653  0.0261  4 PHE C CE1 
220 C CE2 . PHE C 4 ? 0.6983 0.4784 0.5029 0.0272  0.0534  0.0097  4 PHE C CE2 
221 C CZ  . PHE C 4 ? 0.6864 0.4639 0.5001 0.0298  0.0683  0.0133  4 PHE C CZ  
222 N N   . ALA C 5 ? 0.5756 0.3991 0.4510 0.0341  0.0087  0.0224  5 ALA C N   
223 C CA  . ALA C 5 ? 0.6933 0.5245 0.5482 0.0287  0.0053  0.0130  5 ALA C CA  
224 C C   . ALA C 5 ? 0.7841 0.6212 0.6160 0.0235  0.0254  0.0094  5 ALA C C   
225 O O   . ALA C 5 ? 0.6588 0.5054 0.5067 0.0256  0.0378  0.0172  5 ALA C O   
226 C CB  . ALA C 5 ? 0.6846 0.5276 0.5677 0.0306  -0.0077 0.0169  5 ALA C CB  
227 N N   . ORN C 6 ? 0.7704 0.6347 0.5513 0.0131  0.1006  -0.0156 6 ORN C N   
228 C CA  . ORN C 6 ? 0.7783 0.6283 0.5782 0.0176  0.0812  -0.0025 6 ORN C CA  
229 C CB  . ORN C 6 ? 0.7687 0.5936 0.5473 0.0132  0.0706  -0.0086 6 ORN C CB  
230 C CG  . ORN C 6 ? 0.7536 0.5871 0.5053 0.0068  0.0637  -0.0180 6 ORN C CG  
231 C CD  . ORN C 6 ? 0.7340 0.5820 0.5040 0.0112  0.0485  -0.0108 6 ORN C CD  
232 N NE  . ORN C 6 ? 0.7229 0.5599 0.5187 0.0173  0.0285  -0.0028 6 ORN C NE  
233 C C   . ORN C 6 ? 0.8727 0.7156 0.7004 0.0256  0.0814  0.0099  6 ORN C C   
234 O O   . ORN C 6 ? 0.4880 0.3269 0.3135 0.0272  0.0948  0.0066  6 ORN C O   
235 N N   . HAO C 7 ? 0.7360 0.5781 0.5897 0.0308  0.0667  0.0229  7 HAO C N   
236 N N9  . HAO C 7 ? 0.6950 0.5327 0.5707 0.0379  0.0663  0.0344  7 HAO C N9  
237 C C10 . HAO C 7 ? 0.6938 0.5280 0.5930 0.0422  0.0515  0.0448  7 HAO C C10 
238 O O11 . HAO C 7 ? 0.6845 0.5187 0.5891 0.0401  0.0369  0.0432  7 HAO C O11 
239 C CA  . HAO C 7 ? 0.6755 0.5080 0.5949 0.0503  0.0525  0.0576  7 HAO C CA  
240 C C13 . HAO C 7 ? 0.6237 0.4548 0.5662 0.0540  0.0375  0.0662  7 HAO C C13 
241 C C14 . HAO C 7 ? 0.6752 0.5099 0.5901 0.0547  0.0676  0.0593  7 HAO C C14 
242 C C15 . HAO C 7 ? 0.6892 0.5337 0.5852 0.0572  0.0958  0.0472  7 HAO C C15 
243 O O15 . HAO C 7 ? 0.7813 0.6207 0.6769 0.0510  0.0822  0.0473  7 HAO C O15 
244 C C17 . HAO C 7 ? 0.7470 0.5814 0.6774 0.0633  0.0673  0.0716  7 HAO C C17 
245 C C18 . HAO C 7 ? 0.7359 0.5692 0.6861 0.0664  0.0531  0.0818  7 HAO C C18 
246 C C19 . HAO C 7 ? 0.8682 0.7012 0.8272 0.0615  0.0383  0.0783  7 HAO C C19 
247 N N20 . HAO C 7 ? 0.5890 0.4222 0.5666 0.0645  0.0251  0.0831  7 HAO C N20 
248 C C21 . HAO C 7 ? 0.8190 0.6627 0.8219 0.0701  0.0208  0.0965  7 HAO C C21 
249 O O22 . HAO C 7 ? 0.7424 0.5992 0.7565 0.0734  0.0275  0.1084  7 HAO C O22 
250 C C   . HAO C 7 ? 0.7113 0.5563 0.7306 0.0731  0.0069  0.0963  7 HAO C C   
251 O O   . HAO C 7 ? 0.6278 0.4660 0.6357 0.0728  0.0005  0.0845  7 HAO C O   
252 N N   . LEU C 8 ? 0.7346 0.5931 0.7804 0.0769  0.0027  0.1090  8 LEU C N   
253 C CA  . LEU C 8 ? 0.7394 0.6068 0.8058 0.0804  -0.0091 0.1095  8 LEU C CA  
254 C C   . LEU C 8 ? 0.7598 0.6437 0.8694 0.0764  -0.0207 0.1184  8 LEU C C   
255 O O   . LEU C 8 ? 0.7480 0.6413 0.8708 0.0758  -0.0158 0.1334  8 LEU C O   
256 C CB  . LEU C 8 ? 0.7575 0.6250 0.8090 0.0906  0.0005  0.1179  8 LEU C CB  
257 C CG  . LEU C 8 ? 0.8314 0.7126 0.8963 0.0971  -0.0075 0.1172  8 LEU C CG  
258 C CD1 . LEU C 8 ? 0.8451 0.7236 0.8954 0.1004  -0.0101 0.1028  8 LEU C CD1 
259 C CD2 . LEU C 8 ? 0.8755 0.7617 0.9294 0.1073  0.0031  0.1309  8 LEU C CD2 
260 N N   . LYS C 9 ? 0.7014 0.5919 0.8360 0.0740  -0.0363 0.1089  9 LYS C N   
261 C CA  . LYS C 9 ? 0.7140 0.6182 0.8954 0.0692  -0.0482 0.1155  9 LYS C CA  
262 C C   . LYS C 9 ? 0.8939 0.8116 1.0940 0.0727  -0.0588 0.1078  9 LYS C C   
263 O O   . LYS C 9 ? 0.6607 0.5818 0.8724 0.0716  -0.0715 0.0896  9 LYS C O   
264 C CB  . LYS C 9 ? 0.7292 0.6291 0.9312 0.0610  -0.0573 0.1088  9 LYS C CB  
265 C CG  . LYS C 9 ? 0.8300 0.7405 1.0763 0.0560  -0.0599 0.1267  9 LYS C CG  
266 C CD  . LYS C 9 ? 0.8987 0.8212 1.1924 0.0533  -0.0740 0.1274  9 LYS C CD  
267 C CE  . LYS C 9 ? 0.9291 0.8617 1.2711 0.0477  -0.0762 0.1478  9 LYS C CE  
268 N NZ  . LYS C 9 ? 0.9875 0.9343 1.3250 0.0521  -0.0635 0.1740  9 LYS C NZ  
277 N N   . LEU D 1 ? 0.6595 0.5173 0.5247 0.0593  0.0096  0.1057  1 LEU D N   
278 C CA  . LEU D 1 ? 0.6475 0.4914 0.5333 0.0481  -0.0057 0.1054  1 LEU D CA  
279 C C   . LEU D 1 ? 0.7007 0.5065 0.5691 0.0314  -0.0232 0.0936  1 LEU D C   
280 O O   . LEU D 1 ? 0.7109 0.4794 0.5533 0.0256  -0.0261 0.0908  1 LEU D O   
281 C CB  . LEU D 1 ? 0.6639 0.4813 0.5613 0.0503  -0.0038 0.1161  1 LEU D CB  
282 C CG  . LEU D 1 ? 0.7267 0.5231 0.6409 0.0376  -0.0203 0.1091  1 LEU D CG  
283 C CD1 . LEU D 1 ? 0.7002 0.5370 0.6448 0.0371  -0.0257 0.1076  1 LEU D CD1 
284 C CD2 . LEU D 1 ? 0.7669 0.5330 0.6876 0.0375  -0.0124 0.1123  1 LEU D CD2 
285 N N   . VAL D 2 ? 0.6304 0.4469 0.5150 0.0244  -0.0345 0.0872  2 VAL D N   
286 C CA  . VAL D 2 ? 0.6363 0.4165 0.5064 0.0131  -0.0517 0.0795  2 VAL D CA  
287 C C   . VAL D 2 ? 0.6873 0.4552 0.5776 0.0112  -0.0671 0.0798  2 VAL D C   
288 O O   . VAL D 2 ? 0.6499 0.4486 0.5728 0.0126  -0.0679 0.0801  2 VAL D O   
289 C CB  . VAL D 2 ? 0.6627 0.4596 0.5378 0.0077  -0.0516 0.0705  2 VAL D CB  
290 C CG1 . VAL D 2 ? 0.6734 0.4239 0.5280 0.0003  -0.0691 0.0672  2 VAL D CG1 
291 C CG2 . VAL D 2 ? 0.6535 0.4710 0.5122 0.0087  -0.0311 0.0630  2 VAL D CG2 
292 N N   . PHE D 3 ? 0.6781 0.4064 0.5503 0.0073  -0.0785 0.0765  3 PHE D N   
293 C CA  . PHE D 3 ? 0.6853 0.4057 0.5751 0.0058  -0.0913 0.0696  3 PHE D CA  
294 C C   . PHE D 3 ? 0.7593 0.4500 0.6289 0.0030  -0.1116 0.0603  3 PHE D C   
295 O O   . PHE D 3 ? 0.7751 0.4433 0.6128 0.0017  -0.1131 0.0626  3 PHE D O   
296 C CB  . PHE D 3 ? 0.7172 0.4312 0.6150 0.0077  -0.0774 0.0714  3 PHE D CB  
297 C CG  . PHE D 3 ? 0.7773 0.4619 0.6524 0.0044  -0.0765 0.0677  3 PHE D CG  
298 C CD1 . PHE D 3 ? 0.8359 0.5129 0.6879 0.0044  -0.0668 0.0746  3 PHE D CD1 
299 C CD2 . PHE D 3 ? 0.8211 0.4914 0.6993 0.0006  -0.0860 0.0529  3 PHE D CD2 
300 C CE1 . PHE D 3 ? 0.8722 0.5271 0.7066 -0.0015 -0.0678 0.0690  3 PHE D CE1 
301 C CE2 . PHE D 3 ? 0.8814 0.5348 0.7431 -0.0035 -0.0853 0.0469  3 PHE D CE2 
302 C CZ  . PHE D 3 ? 0.8697 0.5151 0.7110 -0.0055 -0.0765 0.0561  3 PHE D CZ  
303 N N   . PHE D 4 ? 0.7179 0.4107 0.6047 0.0028  -0.1264 0.0484  4 PHE D N   
304 C CA  . PHE D 4 ? 0.7383 0.4113 0.6087 0.0051  -0.1466 0.0366  4 PHE D CA  
305 C C   . PHE D 4 ? 0.7964 0.4798 0.6914 0.0043  -0.1516 0.0176  4 PHE D C   
306 O O   . PHE D 4 ? 0.7809 0.4848 0.7056 0.0013  -0.1514 0.0127  4 PHE D O   
307 C CB  . PHE D 4 ? 0.7571 0.4240 0.6183 0.0085  -0.1635 0.0375  4 PHE D CB  
308 C CG  . PHE D 4 ? 0.8044 0.4477 0.6372 0.0162  -0.1829 0.0305  4 PHE D CG  
309 C CD1 . PHE D 4 ? 0.8593 0.4761 0.6519 0.0183  -0.1813 0.0395  4 PHE D CD1 
310 C CD2 . PHE D 4 ? 0.8231 0.4744 0.6681 0.0224  -0.2029 0.0127  4 PHE D CD2 
311 C CE1 . PHE D 4 ? 0.8988 0.4990 0.6630 0.0284  -0.1990 0.0347  4 PHE D CE1 
312 C CE2 . PHE D 4 ? 0.8808 0.5175 0.6975 0.0342  -0.2210 0.0054  4 PHE D CE2 
313 C CZ  . PHE D 4 ? 0.8854 0.4974 0.6614 0.0381  -0.2187 0.0183  4 PHE D CZ  
314 N N   . ALA D 5 ? 0.7686 0.4421 0.6533 0.0053  -0.1536 0.0041  5 ALA D N   
315 C CA  . ALA D 5 ? 0.9648 0.6495 0.8714 0.0035  -0.1541 -0.0219 5 ALA D CA  
316 C C   . ALA D 5 ? 1.1094 0.7927 0.9981 0.0099  -0.1694 -0.0414 5 ALA D C   
317 O O   . ALA D 5 ? 0.8899 0.5637 0.7561 0.0111  -0.1660 -0.0347 5 ALA D O   
318 C CB  . ALA D 5 ? 0.9631 0.6483 0.8881 -0.0033 -0.1251 -0.0220 5 ALA D CB  
319 N N   . ORN D 6 ? 1.0060 0.6990 0.7927 0.0530  -0.2292 -0.0717 6 ORN D N   
320 C CA  . ORN D 6 ? 1.0521 0.7275 0.8570 0.0385  -0.2127 -0.0524 6 ORN D CA  
321 C CB  . ORN D 6 ? 1.0339 0.7046 0.8497 0.0420  -0.2256 -0.0487 6 ORN D CB  
322 C CG  . ORN D 6 ? 1.0101 0.7065 0.8597 0.0409  -0.2303 -0.0804 6 ORN D CG  
323 C CD  . ORN D 6 ? 0.9899 0.6970 0.8707 0.0256  -0.2027 -0.0911 6 ORN D CD  
324 N NE  . ORN D 6 ? 0.9718 0.6691 0.8697 0.0146  -0.1866 -0.0676 6 ORN D NE  
325 C C   . ORN D 6 ? 1.1391 0.7857 0.9155 0.0341  -0.2061 -0.0207 6 ORN D C   
326 O O   . ORN D 6 ? 0.7740 0.4039 0.5133 0.0431  -0.2184 -0.0094 6 ORN D O   
327 N N   . HAO D 7 ? 1.0716 0.7127 0.8632 0.0212  -0.1856 -0.0079 7 HAO D N   
328 N N9  . HAO D 7 ? 1.0794 0.6996 0.8484 0.0160  -0.1774 0.0144  7 HAO D N9  
329 C C10 . HAO D 7 ? 0.9285 0.5489 0.7122 0.0082  -0.1601 0.0261  7 HAO D C10 
330 O O11 . HAO D 7 ? 0.9137 0.5502 0.7305 0.0058  -0.1508 0.0208  7 HAO D O11 
331 C CA  . HAO D 7 ? 1.0777 0.6801 0.8351 0.0030  -0.1504 0.0439  7 HAO D CA  
332 C C13 . HAO D 7 ? 0.8187 0.4311 0.5923 -0.0014 -0.1327 0.0521  7 HAO D C13 
333 C C14 . HAO D 7 ? 1.0003 0.5786 0.7164 0.0036  -0.1576 0.0501  7 HAO D C14 
334 C C15 . HAO D 7 ? 1.0917 0.6467 0.7501 0.0085  -0.1759 0.0491  7 HAO D C15 
335 O O15 . HAO D 7 ? 1.1801 0.7524 0.8767 0.0122  -0.1754 0.0444  7 HAO D O15 
336 C C17 . HAO D 7 ? 0.9755 0.5375 0.6684 -0.0037 -0.1454 0.0606  7 HAO D C17 
337 C C18 . HAO D 7 ? 0.9508 0.5273 0.6623 -0.0087 -0.1276 0.0637  7 HAO D C18 
338 C C19 . HAO D 7 ? 0.9827 0.5857 0.7342 -0.0060 -0.1219 0.0613  7 HAO D C19 
339 N N20 . HAO D 7 ? 0.7968 0.4185 0.5641 -0.0067 -0.1053 0.0662  7 HAO D N20 
340 C C21 . HAO D 7 ? 0.9245 0.5477 0.6806 -0.0106 -0.0899 0.0684  7 HAO D C21 
341 O O22 . HAO D 7 ? 0.9108 0.5161 0.6420 -0.0175 -0.0898 0.0655  7 HAO D O22 
342 C C   . HAO D 7 ? 0.8305 0.4836 0.6045 -0.0058 -0.0725 0.0728  7 HAO D C   
343 O O   . HAO D 7 ? 0.7621 0.4387 0.5620 -0.0005 -0.0725 0.0749  7 HAO D O   
344 N N   . LEU D 8 ? 0.8250 0.4802 0.5846 -0.0074 -0.0592 0.0719  8 LEU D N   
345 C CA  . LEU D 8 ? 0.8031 0.4902 0.5708 0.0003  -0.0412 0.0735  8 LEU D CA  
346 C C   . LEU D 8 ? 0.8342 0.5240 0.6094 0.0060  -0.0302 0.0783  8 LEU D C   
347 O O   . LEU D 8 ? 0.8413 0.5094 0.6011 -0.0020 -0.0310 0.0737  8 LEU D O   
348 C CB  . LEU D 8 ? 0.8129 0.5013 0.5515 -0.0056 -0.0334 0.0622  8 LEU D CB  
349 C CG  . LEU D 8 ? 0.8480 0.5811 0.5933 0.0040  -0.0143 0.0565  8 LEU D CG  
350 C CD1 . LEU D 8 ? 0.8066 0.5810 0.5860 0.0126  -0.0108 0.0601  8 LEU D CD1 
351 C CD2 . LEU D 8 ? 0.8742 0.6037 0.5869 -0.0054 -0.0043 0.0375  8 LEU D CD2 
352 N N   . LYS D 9 ? 0.7669 0.4835 0.5676 0.0196  -0.0189 0.0882  9 LYS D N   
353 C CA  . LYS D 9 ? 0.7429 0.4608 0.5528 0.0296  -0.0037 0.0968  9 LYS D CA  
354 C C   . LYS D 9 ? 0.7830 0.5417 0.5947 0.0477  0.0118  0.1027  9 LYS D C   
355 O O   . LYS D 9 ? 0.6827 0.4676 0.5162 0.0600  0.0182  0.1137  9 LYS D O   
356 C CB  . LYS D 9 ? 0.7708 0.4756 0.6081 0.0305  -0.0017 0.1040  9 LYS D CB  
357 C CG  . LYS D 9 ? 0.8626 0.5354 0.6985 0.0155  -0.0112 0.0935  9 LYS D CG  
358 C CD  . LYS D 9 ? 0.9639 0.6288 0.8271 0.0139  -0.0096 0.0912  9 LYS D CD  
359 C CE  . LYS D 9 ? 1.0410 0.6865 0.9053 0.0006  -0.0167 0.0758  9 LYS D CE  
360 N NZ  . LYS D 9 ? 1.1766 0.8124 1.0457 -0.0030 -0.0001 0.0743  9 LYS D NZ  
369 N N   . LEU E 1 ? 0.6051 0.5376 0.5505 0.0894  0.0142  0.0153  1 LEU E N   
370 C CA  . LEU E 1 ? 0.5981 0.5312 0.5439 0.0864  0.0139  0.0250  1 LEU E CA  
371 C C   . LEU E 1 ? 0.6510 0.5645 0.5897 0.0815  0.0149  0.0267  1 LEU E C   
372 O O   . LEU E 1 ? 0.6539 0.5546 0.5904 0.0751  0.0166  0.0217  1 LEU E O   
373 C CB  . LEU E 1 ? 0.5880 0.5278 0.5393 0.0806  0.0149  0.0265  1 LEU E CB  
374 C CG  . LEU E 1 ? 0.6515 0.6103 0.6106 0.0843  0.0151  0.0243  1 LEU E CG  
375 C CD1 . LEU E 1 ? 0.6497 0.6092 0.6104 0.0795  0.0165  0.0244  1 LEU E CD1 
376 C CD2 . LEU E 1 ? 0.6798 0.6573 0.6439 0.0913  0.0119  0.0322  1 LEU E CD2 
377 N N   . VAL E 2 ? 0.6185 0.5323 0.5539 0.0841  0.0138  0.0346  2 VAL E N   
378 C CA  . VAL E 2 ? 0.6318 0.5314 0.5612 0.0805  0.0152  0.0380  2 VAL E CA  
379 C C   . VAL E 2 ? 0.6260 0.5325 0.5573 0.0761  0.0144  0.0456  2 VAL E C   
380 O O   . VAL E 2 ? 0.5983 0.5187 0.5314 0.0790  0.0118  0.0519  2 VAL E O   
381 C CB  . VAL E 2 ? 0.7070 0.5994 0.6279 0.0886  0.0150  0.0401  2 VAL E CB  
382 C CG1 . VAL E 2 ? 0.7161 0.5951 0.6321 0.0844  0.0174  0.0442  2 VAL E CG1 
383 C CG2 . VAL E 2 ? 0.7230 0.6049 0.6400 0.0937  0.0143  0.0316  2 VAL E CG2 
384 N N   . PHE E 3 ? 0.5540 0.4520 0.4850 0.0690  0.0158  0.0453  3 PHE E N   
385 C CA  . PHE E 3 ? 0.5340 0.4352 0.4651 0.0648  0.0142  0.0505  3 PHE E CA  
386 C C   . PHE E 3 ? 0.6073 0.5003 0.5349 0.0613  0.0164  0.0516  3 PHE E C   
387 O O   . PHE E 3 ? 0.6124 0.4982 0.5400 0.0585  0.0186  0.0474  3 PHE E O   
388 C CB  . PHE E 3 ? 0.5450 0.4485 0.4798 0.0615  0.0126  0.0472  3 PHE E CB  
389 C CG  . PHE E 3 ? 0.5503 0.4521 0.4834 0.0574  0.0095  0.0504  3 PHE E CG  
390 C CD1 . PHE E 3 ? 0.5683 0.4751 0.5026 0.0565  0.0050  0.0553  3 PHE E CD1 
391 C CD2 . PHE E 3 ? 0.5497 0.4453 0.4799 0.0543  0.0104  0.0481  3 PHE E CD2 
392 C CE1 . PHE E 3 ? 0.5752 0.4760 0.5063 0.0520  0.0009  0.0571  3 PHE E CE1 
393 C CE2 . PHE E 3 ? 0.5927 0.4855 0.5199 0.0517  0.0066  0.0491  3 PHE E CE2 
394 C CZ  . PHE E 3 ? 0.5733 0.4664 0.5003 0.0502  0.0017  0.0531  3 PHE E CZ  
395 N N   . PHE E 4 ? 0.5631 0.4602 0.4883 0.0609  0.0156  0.0581  4 PHE E N   
396 C CA  . PHE E 4 ? 0.5531 0.4469 0.4762 0.0583  0.0178  0.0603  4 PHE E CA  
397 C C   . PHE E 4 ? 0.6035 0.5052 0.5253 0.0554  0.0150  0.0652  4 PHE E C   
398 O O   . PHE E 4 ? 0.6007 0.5106 0.5198 0.0574  0.0149  0.0720  4 PHE E O   
399 C CB  . PHE E 4 ? 0.5720 0.4608 0.4910 0.0627  0.0214  0.0632  4 PHE E CB  
400 C CG  . PHE E 4 ? 0.5877 0.4748 0.5060 0.0598  0.0243  0.0657  4 PHE E CG  
401 C CD1 . PHE E 4 ? 0.6069 0.4898 0.5283 0.0550  0.0252  0.0620  4 PHE E CD1 
402 C CD2 . PHE E 4 ? 0.6110 0.5053 0.5260 0.0621  0.0259  0.0727  4 PHE E CD2 
403 C CE1 . PHE E 4 ? 0.6228 0.5092 0.5450 0.0528  0.0274  0.0655  4 PHE E CE1 
404 C CE2 . PHE E 4 ? 0.6409 0.5374 0.5567 0.0600  0.0288  0.0754  4 PHE E CE2 
405 C CZ  . PHE E 4 ? 0.6124 0.5053 0.5322 0.0555  0.0293  0.0719  4 PHE E CZ  
406 N N   . ALA E 5 ? 0.5503 0.4498 0.4729 0.0511  0.0121  0.0619  5 ALA E N   
407 C CA  . ALA E 5 ? 0.5441 0.4471 0.4646 0.0470  0.0076  0.0650  5 ALA E CA  
408 C C   . ALA E 5 ? 0.6535 0.5506 0.5727 0.0449  0.0049  0.0589  5 ALA E C   
409 O O   . ALA E 5 ? 0.5867 0.4798 0.5069 0.0469  0.0060  0.0529  5 ALA E O   
410 C CB  . ALA E 5 ? 0.5419 0.4484 0.4633 0.0455  0.0027  0.0688  5 ALA E CB  
411 N N   . ORN E 6 ? 0.6416 0.5449 0.5537 0.0524  0.0027  0.0388  6 ORN E N   
412 C CA  . ORN E 6 ? 0.6208 0.5210 0.5370 0.0492  0.0060  0.0446  6 ORN E CA  
413 C CB  . ORN E 6 ? 0.6065 0.5104 0.5229 0.0463  0.0067  0.0513  6 ORN E CB  
414 C CG  . ORN E 6 ? 0.5929 0.4921 0.5046 0.0432  -0.0002 0.0510  6 ORN E CG  
415 C CD  . ORN E 6 ? 0.5985 0.4900 0.5102 0.0410  -0.0033 0.0531  6 ORN E CD  
416 N NE  . ORN E 6 ? 0.5904 0.4882 0.5060 0.0413  0.0009  0.0601  6 ORN E NE  
417 C C   . ORN E 6 ? 0.7304 0.6347 0.6513 0.0493  0.0120  0.0464  6 ORN E C   
418 O O   . ORN E 6 ? 0.3792 0.2916 0.3016 0.0496  0.0143  0.0467  6 ORN E O   
419 N N   . HAO E 7 ? 0.6507 0.5496 0.5735 0.0487  0.0137  0.0478  7 HAO E N   
420 N N9  . HAO E 7 ? 0.6787 0.5768 0.6042 0.0479  0.0177  0.0485  7 HAO E N9  
421 C C10 . HAO E 7 ? 0.6054 0.4980 0.5318 0.0485  0.0184  0.0482  7 HAO E C10 
422 O O11 . HAO E 7 ? 0.5938 0.4854 0.5200 0.0501  0.0160  0.0483  7 HAO E O11 
423 C CA  . HAO E 7 ? 0.5645 0.4522 0.4922 0.0470  0.0216  0.0477  7 HAO E CA  
424 C C13 . HAO E 7 ? 0.4743 0.3575 0.4024 0.0487  0.0214  0.0451  7 HAO E C13 
425 C C14 . HAO E 7 ? 0.5336 0.4223 0.4623 0.0435  0.0237  0.0499  7 HAO E C14 
426 C C15 . HAO E 7 ? 0.5443 0.4468 0.4757 0.0394  0.0258  0.0564  7 HAO E C15 
427 O O15 . HAO E 7 ? 0.6495 0.5474 0.5786 0.0431  0.0238  0.0523  7 HAO E O15 
428 C C17 . HAO E 7 ? 0.5002 0.3806 0.4289 0.0404  0.0251  0.0498  7 HAO E C17 
429 C C18 . HAO E 7 ? 0.5501 0.4222 0.4777 0.0420  0.0246  0.0459  7 HAO E C18 
430 C C19 . HAO E 7 ? 0.6638 0.5395 0.5918 0.0469  0.0229  0.0434  7 HAO E C19 
431 N N20 . HAO E 7 ? 0.5821 0.4551 0.5100 0.0502  0.0222  0.0400  7 HAO E N20 
432 C C21 . HAO E 7 ? 0.6120 0.4781 0.5392 0.0487  0.0223  0.0355  7 HAO E C21 
433 O O22 . HAO E 7 ? 0.6088 0.4691 0.5354 0.0423  0.0229  0.0351  7 HAO E O22 
434 C C   . HAO E 7 ? 0.5588 0.4260 0.4862 0.0548  0.0210  0.0314  7 HAO E C   
435 O O   . HAO E 7 ? 0.5884 0.4644 0.5172 0.0603  0.0199  0.0337  7 HAO E O   
436 N N   . LEU E 8 ? 0.5814 0.4405 0.5072 0.0530  0.0205  0.0259  8 LEU E N   
437 C CA  . LEU E 8 ? 0.5767 0.4368 0.5022 0.0589  0.0189  0.0198  8 LEU E CA  
438 C C   . LEU E 8 ? 0.6131 0.4816 0.5426 0.0535  0.0191  0.0129  8 LEU E C   
439 O O   . LEU E 8 ? 0.6167 0.4802 0.5453 0.0441  0.0195  0.0112  8 LEU E O   
440 C CB  . LEU E 8 ? 0.5971 0.4373 0.5146 0.0627  0.0172  0.0179  8 LEU E CB  
441 C CG  . LEU E 8 ? 0.6723 0.5098 0.5875 0.0681  0.0145  0.0088  8 LEU E CG  
442 C CD1 . LEU E 8 ? 0.6540 0.5080 0.5708 0.0807  0.0135  0.0092  8 LEU E CD1 
443 C CD2 . LEU E 8 ? 0.7393 0.5494 0.6437 0.0695  0.0117  0.0056  8 LEU E CD2 
444 N N   . LYS E 9 ? 0.5480 0.4317 0.4820 0.0593  0.0189  0.0097  9 LYS E N   
445 C CA  . LYS E 9 ? 0.5972 0.4930 0.5351 0.0566  0.0197  0.0030  9 LYS E CA  
446 C C   . LYS E 9 ? 0.7203 0.6263 0.6610 0.0661  0.0184  -0.0013 9 LYS E C   
447 O O   . LYS E 9 ? 0.5269 0.4479 0.4725 0.0728  0.0184  0.0026  9 LYS E O   
448 C CB  . LYS E 9 ? 0.6126 0.5235 0.5545 0.0538  0.0219  0.0051  9 LYS E CB  
449 C CG  . LYS E 9 ? 0.6749 0.5996 0.6189 0.0496  0.0237  -0.0012 9 LYS E CG  
450 C CD  . LYS E 9 ? 0.6711 0.5876 0.6111 0.0385  0.0234  -0.0040 9 LYS E CD  
451 C CE  . LYS E 9 ? 0.7649 0.6996 0.7064 0.0333  0.0252  -0.0092 9 LYS E CE  
452 N NZ  . LYS E 9 ? 0.9166 0.8430 0.8541 0.0206  0.0235  -0.0116 9 LYS E NZ  
461 N N   . LEU F 1 ? 0.6310 0.5211 0.5629 0.0019  0.0878  0.0200  1 LEU F N   
462 C CA  . LEU F 1 ? 0.6392 0.5212 0.5609 0.0003  0.0757  0.0294  1 LEU F CA  
463 C C   . LEU F 1 ? 0.6702 0.5409 0.5839 0.0027  0.0707  0.0370  1 LEU F C   
464 O O   . LEU F 1 ? 0.6485 0.5133 0.5809 0.0004  0.0723  0.0396  1 LEU F O   
465 C CB  . LEU F 1 ? 0.6435 0.5192 0.5896 -0.0063 0.0685  0.0348  1 LEU F CB  
466 C CG  . LEU F 1 ? 0.7113 0.5855 0.6469 -0.0103 0.0559  0.0445  1 LEU F CG  
467 C CD1 . LEU F 1 ? 0.7127 0.6009 0.6259 -0.0135 0.0555  0.0399  1 LEU F CD1 
468 C CD2 . LEU F 1 ? 0.7390 0.6032 0.6999 -0.0156 0.0477  0.0537  1 LEU F CD2 
469 N N   . VAL F 2 ? 0.6164 0.4862 0.5028 0.0072  0.0646  0.0385  2 VAL F N   
470 C CA  . VAL F 2 ? 0.6020 0.4588 0.4789 0.0093  0.0583  0.0445  2 VAL F CA  
471 C C   . VAL F 2 ? 0.6398 0.4996 0.5220 0.0060  0.0461  0.0498  2 VAL F C   
472 O O   . VAL F 2 ? 0.6120 0.4845 0.4823 0.0064  0.0407  0.0475  2 VAL F O   
473 C CB  . VAL F 2 ? 0.6523 0.5039 0.4964 0.0185  0.0579  0.0412  2 VAL F CB  
474 C CG1 . VAL F 2 ? 0.6557 0.4887 0.4915 0.0195  0.0502  0.0468  2 VAL F CG1 
475 C CG2 . VAL F 2 ? 0.6514 0.5042 0.4896 0.0209  0.0700  0.0376  2 VAL F CG2 
476 N N   . PHE F 3 ? 0.5953 0.4477 0.4958 0.0017  0.0422  0.0564  3 PHE F N   
477 C CA  . PHE F 3 ? 0.5755 0.4347 0.4840 -0.0019 0.0310  0.0624  3 PHE F CA  
478 C C   . PHE F 3 ? 0.6343 0.4884 0.5414 -0.0015 0.0243  0.0651  3 PHE F C   
479 O O   . PHE F 3 ? 0.6329 0.4742 0.5422 -0.0020 0.0290  0.0649  3 PHE F O   
480 C CB  . PHE F 3 ? 0.5771 0.4380 0.5142 -0.0076 0.0305  0.0678  3 PHE F CB  
481 C CG  . PHE F 3 ? 0.5926 0.4460 0.5531 -0.0083 0.0360  0.0678  3 PHE F CG  
482 C CD1 . PHE F 3 ? 0.6321 0.4842 0.6016 -0.0073 0.0466  0.0611  3 PHE F CD1 
483 C CD2 . PHE F 3 ? 0.6143 0.4676 0.5886 -0.0101 0.0309  0.0724  3 PHE F CD2 
484 C CE1 . PHE F 3 ? 0.6371 0.4891 0.6289 -0.0085 0.0513  0.0585  3 PHE F CE1 
485 C CE2 . PHE F 3 ? 0.6546 0.5067 0.6502 -0.0113 0.0361  0.0699  3 PHE F CE2 
486 C CZ  . PHE F 3 ? 0.6292 0.4815 0.6333 -0.0106 0.0460  0.0628  3 PHE F CZ  
487 N N   . PHE F 4 ? 0.5834 0.4504 0.4875 -0.0025 0.0132  0.0672  4 PHE F N   
488 C CA  . PHE F 4 ? 0.5701 0.4379 0.4754 -0.0026 0.0055  0.0679  4 PHE F CA  
489 C C   . PHE F 4 ? 0.6108 0.5010 0.5245 -0.0069 -0.0052 0.0727  4 PHE F C   
490 O O   . PHE F 4 ? 0.6118 0.5184 0.5132 -0.0075 -0.0100 0.0711  4 PHE F O   
491 C CB  . PHE F 4 ? 0.5973 0.4569 0.4765 0.0052  0.0025  0.0598  4 PHE F CB  
492 C CG  . PHE F 4 ? 0.6185 0.4752 0.5001 0.0049  -0.0051 0.0581  4 PHE F CG  
493 C CD1 . PHE F 4 ? 0.6456 0.4824 0.5346 0.0010  0.0000  0.0599  4 PHE F CD1 
494 C CD2 . PHE F 4 ? 0.6348 0.5126 0.5125 0.0069  -0.0172 0.0535  4 PHE F CD2 
495 C CE1 . PHE F 4 ? 0.6608 0.4948 0.5527 -0.0008 -0.0065 0.0570  4 PHE F CE1 
496 C CE2 . PHE F 4 ? 0.6704 0.5478 0.5524 0.0068  -0.0242 0.0496  4 PHE F CE2 
497 C CZ  . PHE F 4 ? 0.6505 0.5041 0.5396 0.0029  -0.0185 0.0514  4 PHE F CZ  
498 N N   . ALA F 5 ? 0.5564 0.4509 0.4909 -0.0110 -0.0089 0.0786  5 ALA F N   
499 C CA  . ALA F 5 ? 0.5799 0.4982 0.5237 -0.0157 -0.0195 0.0852  5 ALA F CA  
500 C C   . ALA F 5 ? 0.6558 0.5826 0.6119 -0.0165 -0.0245 0.0847  5 ALA F C   
501 O O   . ALA F 5 ? 0.5727 0.4870 0.5427 -0.0168 -0.0187 0.0846  5 ALA F O   
502 C CB  . ALA F 5 ? 0.5840 0.5017 0.5453 -0.0203 -0.0193 0.0962  5 ALA F CB  
503 N N   . ORN F 6 ? 0.6421 0.5633 0.6202 -0.0215 -0.0264 0.0618  6 ORN F N   
504 C CA  . ORN F 6 ? 0.6118 0.5247 0.5807 -0.0181 -0.0230 0.0680  6 ORN F CA  
505 C CB  . ORN F 6 ? 0.5974 0.5165 0.5439 -0.0122 -0.0299 0.0636  6 ORN F CB  
506 C CG  . ORN F 6 ? 0.5893 0.5463 0.5426 -0.0142 -0.0411 0.0661  6 ORN F CG  
507 C CD  . ORN F 6 ? 0.5758 0.5429 0.5417 -0.0189 -0.0406 0.0800  6 ORN F CD  
508 N NE  . ORN F 6 ? 0.5770 0.5290 0.5295 -0.0176 -0.0349 0.0827  6 ORN F NE  
509 C C   . ORN F 6 ? 0.7548 0.6375 0.7177 -0.0189 -0.0109 0.0677  6 ORN F C   
510 O O   . ORN F 6 ? 0.3335 0.1987 0.2921 -0.0221 -0.0066 0.0631  6 ORN F O   
511 N N   . HAO F 7 ? 0.7104 0.5877 0.6731 -0.0174 -0.0054 0.0723  7 HAO F N   
512 N N9  . HAO F 7 ? 0.6189 0.4759 0.5778 -0.0186 0.0052  0.0712  7 HAO F N9  
513 C C10 . HAO F 7 ? 0.6264 0.4792 0.5833 -0.0162 0.0109  0.0730  7 HAO F C10 
514 O O11 . HAO F 7 ? 0.6139 0.4776 0.5705 -0.0135 0.0066  0.0761  7 HAO F O11 
515 C CA  . HAO F 7 ? 0.6916 0.5282 0.6451 -0.0182 0.0231  0.0708  7 HAO F CA  
516 C C13 . HAO F 7 ? 0.6128 0.4471 0.5598 -0.0144 0.0286  0.0701  7 HAO F C13 
517 C C14 . HAO F 7 ? 0.6205 0.4476 0.5759 -0.0251 0.0286  0.0688  7 HAO F C14 
518 C C15 . HAO F 7 ? 0.5585 0.3780 0.5188 -0.0395 0.0297  0.0651  7 HAO F C15 
519 O O15 . HAO F 7 ? 0.6859 0.5174 0.6487 -0.0298 0.0236  0.0678  7 HAO F O15 
520 C C17 . HAO F 7 ? 0.6541 0.4711 0.6046 -0.0290 0.0395  0.0673  7 HAO F C17 
521 C C18 . HAO F 7 ? 0.6181 0.4356 0.5632 -0.0239 0.0448  0.0667  7 HAO F C18 
522 C C19 . HAO F 7 ? 0.6970 0.5230 0.6421 -0.0166 0.0396  0.0675  7 HAO F C19 
523 N N20 . HAO F 7 ? 0.5570 0.3843 0.4954 -0.0124 0.0449  0.0653  7 HAO F N20 
524 C C21 . HAO F 7 ? 0.7507 0.5812 0.6971 -0.0138 0.0549  0.0617  7 HAO F C21 
525 O O22 . HAO F 7 ? 0.6813 0.5166 0.6453 -0.0195 0.0604  0.0597  7 HAO F O22 
526 C C   . HAO F 7 ? 0.7262 0.5603 0.6614 -0.0084 0.0596  0.0578  7 HAO F C   
527 O O   . HAO F 7 ? 0.6344 0.4677 0.5497 -0.0030 0.0548  0.0578  7 HAO F O   
528 N N   . LEU F 8 ? 0.6728 0.5155 0.6220 -0.0099 0.0688  0.0526  8 LEU F N   
529 C CA  . LEU F 8 ? 0.6637 0.5148 0.6085 -0.0059 0.0753  0.0464  8 LEU F CA  
530 C C   . LEU F 8 ? 0.6957 0.5603 0.6705 -0.0079 0.0818  0.0389  8 LEU F C   
531 O O   . LEU F 8 ? 0.6883 0.5578 0.6824 -0.0120 0.0836  0.0372  8 LEU F O   
532 C CB  . LEU F 8 ? 0.6771 0.5242 0.5913 -0.0027 0.0812  0.0454  8 LEU F CB  
533 C CG  . LEU F 8 ? 0.7576 0.6105 0.6724 -0.0069 0.0923  0.0427  8 LEU F CG  
534 C CD1 . LEU F 8 ? 0.7764 0.6300 0.6619 -0.0010 0.0974  0.0413  8 LEU F CD1 
535 C CD2 . LEU F 8 ? 0.8011 0.6426 0.7146 -0.0153 0.0916  0.0489  8 LEU F CD2 
536 N N   . LYS F 9 ? 0.6404 0.5127 0.6199 -0.0048 0.0848  0.0324  9 LYS F N   
537 C CA  . LYS F 9 ? 0.7213 0.6063 0.7289 -0.0049 0.0905  0.0220  9 LYS F CA  
538 C C   . LYS F 9 ? 0.8009 0.6959 0.7987 -0.0024 0.0981  0.0134  9 LYS F C   
539 O O   . LYS F 9 ? 0.6335 0.5244 0.6243 -0.0017 0.0940  0.0144  9 LYS F O   
540 C CB  . LYS F 9 ? 0.7474 0.6266 0.7826 -0.0043 0.0813  0.0233  9 LYS F CB  
541 C CG  . LYS F 9 ? 0.9166 0.8079 0.9852 -0.0026 0.0853  0.0105  9 LYS F CG  
542 C CD  . LYS F 9 ? 1.0941 0.9754 1.1894 0.0004  0.0743  0.0119  9 LYS F CD  
543 C CE  . LYS F 9 ? 1.2962 1.1909 1.4260 0.0043  0.0750  -0.0010 9 LYS F CE  
544 N NZ  . LYS F 9 ? 1.4151 1.3273 1.5584 0.0059  0.0850  -0.0187 9 LYS F NZ  
553 N N   . LEU G 1 ? 0.5194 0.5502 0.5146 0.0526  0.0662  0.0662  1 LEU G N   
554 C CA  . LEU G 1 ? 0.5137 0.5418 0.5107 0.0466  0.0601  0.0598  1 LEU G CA  
555 C C   . LEU G 1 ? 0.5669 0.5669 0.5554 0.0454  0.0590  0.0591  1 LEU G C   
556 O O   . LEU G 1 ? 0.5677 0.5479 0.5408 0.0523  0.0591  0.0642  1 LEU G O   
557 C CB  . LEU G 1 ? 0.5112 0.5450 0.5009 0.0515  0.0554  0.0638  1 LEU G CB  
558 C CG  . LEU G 1 ? 0.5700 0.6111 0.5632 0.0462  0.0495  0.0590  1 LEU G CG  
559 C CD1 . LEU G 1 ? 0.5620 0.6383 0.5713 0.0412  0.0486  0.0504  1 LEU G CD1 
560 C CD2 . LEU G 1 ? 0.5923 0.6298 0.5769 0.0513  0.0461  0.0676  1 LEU G CD2 
561 N N   . VAL G 2 ? 0.5153 0.5147 0.5136 0.0377  0.0579  0.0519  2 VAL G N   
562 C CA  . VAL G 2 ? 0.5008 0.4783 0.4929 0.0373  0.0569  0.0514  2 VAL G CA  
563 C C   . VAL G 2 ? 0.5326 0.5142 0.5224 0.0353  0.0498  0.0467  2 VAL G C   
564 O O   . VAL G 2 ? 0.5042 0.5058 0.5052 0.0310  0.0475  0.0396  2 VAL G O   
565 C CB  . VAL G 2 ? 0.5420 0.5141 0.5477 0.0320  0.0620  0.0487  2 VAL G CB  
566 C CG1 . VAL G 2 ? 0.5432 0.4950 0.5417 0.0339  0.0610  0.0496  2 VAL G CG1 
567 C CG2 . VAL G 2 ? 0.5388 0.5108 0.5486 0.0337  0.0700  0.0564  2 VAL G CG2 
568 N N   . PHE G 3 ? 0.4954 0.4618 0.4712 0.0388  0.0460  0.0506  3 PHE G N   
569 C CA  . PHE G 3 ? 0.4832 0.4565 0.4579 0.0367  0.0396  0.0491  3 PHE G CA  
570 C C   . PHE G 3 ? 0.5263 0.4858 0.4943 0.0366  0.0367  0.0483  3 PHE G C   
571 O O   . PHE G 3 ? 0.5305 0.4723 0.4891 0.0402  0.0381  0.0510  3 PHE G O   
572 C CB  . PHE G 3 ? 0.4953 0.4713 0.4639 0.0394  0.0367  0.0560  3 PHE G CB  
573 C CG  . PHE G 3 ? 0.5196 0.4723 0.4747 0.0446  0.0368  0.0608  3 PHE G CG  
574 C CD1 . PHE G 3 ? 0.5578 0.5069 0.5095 0.0505  0.0416  0.0636  3 PHE G CD1 
575 C CD2 . PHE G 3 ? 0.5375 0.4742 0.4838 0.0440  0.0318  0.0612  3 PHE G CD2 
576 C CE1 . PHE G 3 ? 0.5715 0.4999 0.5096 0.0572  0.0414  0.0656  3 PHE G CE1 
577 C CE2 . PHE G 3 ? 0.5824 0.4985 0.5162 0.0491  0.0309  0.0620  3 PHE G CE2 
578 C CZ  . PHE G 3 ? 0.5609 0.4723 0.4899 0.0565  0.0358  0.0636  3 PHE G CZ  
579 N N   . PHE G 4 ? 0.4835 0.4552 0.4560 0.0339  0.0324  0.0448  4 PHE G N   
580 C CA  . PHE G 4 ? 0.4819 0.4469 0.4492 0.0343  0.0290  0.0443  4 PHE G CA  
581 C C   . PHE G 4 ? 0.5273 0.5124 0.4983 0.0319  0.0236  0.0446  4 PHE G C   
582 O O   . PHE G 4 ? 0.5099 0.5155 0.4901 0.0312  0.0237  0.0394  4 PHE G O   
583 C CB  . PHE G 4 ? 0.4948 0.4533 0.4671 0.0356  0.0327  0.0391  4 PHE G CB  
584 C CG  . PHE G 4 ? 0.5128 0.4658 0.4786 0.0384  0.0299  0.0401  4 PHE G CG  
585 C CD1 . PHE G 4 ? 0.5570 0.4948 0.5110 0.0422  0.0300  0.0454  4 PHE G CD1 
586 C CD2 . PHE G 4 ? 0.5329 0.4999 0.5041 0.0385  0.0270  0.0351  4 PHE G CD2 
587 C CE1 . PHE G 4 ? 0.5649 0.5023 0.5132 0.0456  0.0271  0.0464  4 PHE G CE1 
588 C CE2 . PHE G 4 ? 0.5632 0.5282 0.5288 0.0423  0.0246  0.0367  4 PHE G CE2 
589 C CZ  . PHE G 4 ? 0.5416 0.4924 0.4961 0.0455  0.0247  0.0426  4 PHE G CZ  
590 N N   . ALA G 5 ? 0.4811 0.4626 0.4458 0.0305  0.0188  0.0505  5 ALA G N   
591 C CA  . ALA G 5 ? 0.4846 0.4869 0.4541 0.0278  0.0143  0.0541  5 ALA G CA  
592 C C   . ALA G 5 ? 0.6240 0.6222 0.5889 0.0264  0.0097  0.0558  5 ALA G C   
593 O O   . ALA G 5 ? 0.4964 0.4750 0.4532 0.0260  0.0082  0.0569  5 ALA G O   
594 C CB  . ALA G 5 ? 0.4951 0.5021 0.4668 0.0256  0.0132  0.0632  5 ALA G CB  
595 N N   . ORN G 6 ? 0.5513 0.5346 0.4920 0.0326  -0.0017 0.0531  6 ORN G N   
596 C CA  . ORN G 6 ? 0.5467 0.5225 0.4913 0.0314  0.0029  0.0527  6 ORN G CA  
597 C CB  . ORN G 6 ? 0.5191 0.5068 0.4721 0.0344  0.0075  0.0494  6 ORN G CB  
598 C CG  . ORN G 6 ? 0.4982 0.5136 0.4598 0.0316  0.0041  0.0512  6 ORN G CG  
599 C CD  . ORN G 6 ? 0.4938 0.5163 0.4605 0.0252  0.0024  0.0575  6 ORN G CD  
600 N NE  . ORN G 6 ? 0.4956 0.5146 0.4649 0.0264  0.0071  0.0553  6 ORN G NE  
601 C C   . ORN G 6 ? 0.6237 0.5771 0.5596 0.0354  0.0067  0.0513  6 ORN G C   
602 O O   . ORN G 6 ? 0.2908 0.2363 0.2178 0.0407  0.0070  0.0506  6 ORN G O   
603 N N   . HAO G 7 ? 0.5855 0.5316 0.5232 0.0345  0.0101  0.0518  7 HAO G N   
604 N N9  . HAO G 7 ? 0.5678 0.4975 0.4979 0.0390  0.0140  0.0514  7 HAO G N9  
605 C C10 . HAO G 7 ? 0.5387 0.4638 0.4710 0.0392  0.0180  0.0522  7 HAO G C10 
606 O O11 . HAO G 7 ? 0.5857 0.5220 0.5271 0.0356  0.0183  0.0532  7 HAO G O11 
607 C CA  . HAO G 7 ? 0.6119 0.5228 0.5355 0.0456  0.0228  0.0527  7 HAO G CA  
608 C C13 . HAO G 7 ? 0.5149 0.4267 0.4435 0.0465  0.0282  0.0541  7 HAO G C13 
609 C C14 . HAO G 7 ? 0.6252 0.5269 0.5362 0.0516  0.0218  0.0521  7 HAO G C14 
610 C C15 . HAO G 7 ? 0.5469 0.4484 0.4406 0.0580  0.0145  0.0489  7 HAO G C15 
611 O O15 . HAO G 7 ? 0.6810 0.5866 0.5881 0.0506  0.0157  0.0502  7 HAO G O15 
612 C C17 . HAO G 7 ? 0.5835 0.4769 0.4862 0.0592  0.0269  0.0534  7 HAO G C17 
613 C C18 . HAO G 7 ? 0.5634 0.4571 0.4719 0.0598  0.0330  0.0559  7 HAO G C18 
614 C C19 . HAO G 7 ? 0.5895 0.4924 0.5111 0.0531  0.0333  0.0558  7 HAO G C19 
615 N N20 . HAO G 7 ? 0.5435 0.4519 0.4721 0.0534  0.0389  0.0577  7 HAO G N20 
616 C C21 . HAO G 7 ? 0.5754 0.4801 0.4987 0.0594  0.0430  0.0602  7 HAO G C21 
617 O O22 . HAO G 7 ? 0.6280 0.5215 0.5372 0.0662  0.0414  0.0598  7 HAO G O22 
618 C C   . HAO G 7 ? 0.6749 0.5922 0.6098 0.0581  0.0492  0.0624  7 HAO G C   
619 O O   . HAO G 7 ? 0.5531 0.4822 0.5024 0.0515  0.0505  0.0603  7 HAO G O   
620 N N   . LEU G 8 ? 0.6177 0.5343 0.5470 0.0650  0.0527  0.0655  8 LEU G N   
621 C CA  . LEU G 8 ? 0.6179 0.5504 0.5584 0.0646  0.0585  0.0684  8 LEU G CA  
622 C C   . LEU G 8 ? 0.6521 0.5839 0.5837 0.0736  0.0595  0.0713  8 LEU G C   
623 O O   . LEU G 8 ? 0.6619 0.5782 0.5779 0.0819  0.0577  0.0707  8 LEU G O   
624 C CB  . LEU G 8 ? 0.6329 0.5715 0.5833 0.0630  0.0664  0.0716  8 LEU G CB  
625 C CG  . LEU G 8 ? 0.7330 0.6692 0.6744 0.0729  0.0731  0.0788  8 LEU G CG  
626 C CD1 . LEU G 8 ? 0.7429 0.6935 0.7021 0.0687  0.0819  0.0847  8 LEU G CD1 
627 C CD2 . LEU G 8 ? 0.7963 0.7179 0.7235 0.0788  0.0721  0.0801  8 LEU G CD2 
628 N N   . LYS G 9 ? 0.5865 0.5367 0.5282 0.0729  0.0620  0.0734  9 LYS G N   
629 C CA  . LYS G 9 ? 0.7109 0.6640 0.6463 0.0830  0.0641  0.0774  9 LYS G CA  
630 C C   . LYS G 9 ? 0.7453 0.7263 0.6951 0.0817  0.0700  0.0806  9 LYS G C   
631 O O   . LYS G 9 ? 0.5863 0.5863 0.5486 0.0753  0.0682  0.0791  9 LYS G O   
632 C CB  . LYS G 9 ? 0.7369 0.6824 0.6685 0.0850  0.0584  0.0780  9 LYS G CB  
633 C CG  . LYS G 9 ? 0.9228 0.8535 0.8408 0.0984  0.0593  0.0803  9 LYS G CG  
634 C CD  . LYS G 9 ? 1.0719 1.0075 0.9937 0.1024  0.0585  0.0860  9 LYS G CD  
635 C CE  . LYS G 9 ? 1.2595 1.1807 1.1695 0.1179  0.0607  0.0881  9 LYS G CE  
636 N NZ  . LYS G 9 ? 1.3994 1.3340 1.3154 0.1248  0.0633  0.0969  9 LYS G NZ  
645 N N   . LEU H 1 ? 0.5502 0.5279 0.6260 0.0635  0.0628  -0.0017 1 LEU H N   
646 C CA  . LEU H 1 ? 0.5468 0.4938 0.5961 0.0558  0.0649  -0.0001 1 LEU H CA  
647 C C   . LEU H 1 ? 0.6205 0.5704 0.6604 0.0630  0.0579  0.0153  1 LEU H C   
648 O O   . LEU H 1 ? 0.6209 0.5944 0.6619 0.0675  0.0486  0.0201  1 LEU H O   
649 C CB  . LEU H 1 ? 0.5433 0.4885 0.5749 0.0445  0.0634  -0.0127 1 LEU H CB  
650 C CG  . LEU H 1 ? 0.6264 0.5643 0.6552 0.0339  0.0708  -0.0318 1 LEU H CG  
651 C CD1 . LEU H 1 ? 0.6315 0.5699 0.6370 0.0257  0.0697  -0.0421 1 LEU H CD1 
652 C CD2 . LEU H 1 ? 0.6778 0.5732 0.6969 0.0245  0.0803  -0.0374 1 LEU H CD2 
653 N N   . VAL H 2 ? 0.5971 0.5200 0.6236 0.0606  0.0630  0.0223  2 VAL H N   
654 C CA  . VAL H 2 ? 0.6046 0.5246 0.6168 0.0629  0.0599  0.0333  2 VAL H CA  
655 C C   . VAL H 2 ? 0.6122 0.5200 0.6125 0.0516  0.0610  0.0304  2 VAL H C   
656 O O   . VAL H 2 ? 0.5944 0.4805 0.5898 0.0429  0.0658  0.0285  2 VAL H O   
657 C CB  . VAL H 2 ? 0.6933 0.5942 0.6975 0.0698  0.0663  0.0454  2 VAL H CB  
658 C CG1 . VAL H 2 ? 0.7108 0.6070 0.6934 0.0689  0.0638  0.0528  2 VAL H CG1 
659 C CG2 . VAL H 2 ? 0.7073 0.6200 0.7297 0.0848  0.0648  0.0504  2 VAL H CG2 
660 N N   . PHE H 3 ? 0.5310 0.4514 0.5272 0.0507  0.0566  0.0308  3 PHE H N   
661 C CA  . PHE H 3 ? 0.5046 0.4214 0.4988 0.0434  0.0569  0.0296  3 PHE H CA  
662 C C   . PHE H 3 ? 0.5603 0.4840 0.5490 0.0428  0.0583  0.0339  3 PHE H C   
663 O O   . PHE H 3 ? 0.5576 0.4904 0.5423 0.0457  0.0575  0.0333  3 PHE H O   
664 C CB  . PHE H 3 ? 0.5116 0.4350 0.5116 0.0426  0.0547  0.0205  3 PHE H CB  
665 C CG  . PHE H 3 ? 0.5182 0.4427 0.5233 0.0402  0.0535  0.0205  3 PHE H CG  
666 C CD1 . PHE H 3 ? 0.5399 0.4499 0.5441 0.0356  0.0492  0.0191  3 PHE H CD1 
667 C CD2 . PHE H 3 ? 0.5270 0.4659 0.5384 0.0423  0.0569  0.0213  3 PHE H CD2 
668 C CE1 . PHE H 3 ? 0.5491 0.4642 0.5634 0.0365  0.0450  0.0215  3 PHE H CE1 
669 C CE2 . PHE H 3 ? 0.5581 0.5030 0.5833 0.0431  0.0568  0.0216  3 PHE H CE2 
670 C CZ  . PHE H 3 ? 0.5430 0.4788 0.5720 0.0420  0.0493  0.0229  3 PHE H CZ  
671 N N   . PHE H 4 ? 0.5091 0.4267 0.4943 0.0354  0.0607  0.0376  4 PHE H N   
672 C CA  . PHE H 4 ? 0.5013 0.4252 0.4819 0.0312  0.0648  0.0383  4 PHE H CA  
673 C C   . PHE H 4 ? 0.5363 0.4682 0.5287 0.0227  0.0643  0.0388  4 PHE H C   
674 O O   . PHE H 4 ? 0.5475 0.4691 0.5283 0.0126  0.0657  0.0439  4 PHE H O   
675 C CB  . PHE H 4 ? 0.5322 0.4390 0.4868 0.0303  0.0698  0.0436  4 PHE H CB  
676 C CG  . PHE H 4 ? 0.5594 0.4676 0.5027 0.0236  0.0756  0.0404  4 PHE H CG  
677 C CD1 . PHE H 4 ? 0.5971 0.5115 0.5408 0.0250  0.0757  0.0355  4 PHE H CD1 
678 C CD2 . PHE H 4 ? 0.6034 0.5044 0.5327 0.0118  0.0831  0.0406  4 PHE H CD2 
679 C CE1 . PHE H 4 ? 0.6240 0.5336 0.5551 0.0152  0.0844  0.0299  4 PHE H CE1 
680 C CE2 . PHE H 4 ? 0.6502 0.5512 0.5685 0.0029  0.0912  0.0341  4 PHE H CE2 
681 C CZ  . PHE H 4 ? 0.6228 0.5265 0.5430 0.0048  0.0923  0.0282  4 PHE H CZ  
682 N N   . ALA H 5 ? 0.4687 0.4184 0.4838 0.0260  0.0624  0.0345  5 ALA H N   
683 C CA  . ALA H 5 ? 0.4688 0.4325 0.5041 0.0212  0.0576  0.0371  5 ALA H CA  
684 C C   . ALA H 5 ? 0.5666 0.5507 0.6300 0.0292  0.0606  0.0326  5 ALA H C   
685 O O   . ALA H 5 ? 0.4886 0.4683 0.5496 0.0369  0.0658  0.0273  5 ALA H O   
686 C CB  . ALA H 5 ? 0.4688 0.4187 0.5011 0.0186  0.0471  0.0410  5 ALA H CB  
687 N N   . ORN H 6 ? 0.5230 0.5363 0.6463 0.0421  0.1132  0.0097  6 ORN H N   
688 C CA  . ORN H 6 ? 0.5318 0.5369 0.6289 0.0364  0.0978  0.0148  6 ORN H CA  
689 C CB  . ORN H 6 ? 0.5170 0.5369 0.6221 0.0270  0.0927  0.0179  6 ORN H CB  
690 C CG  . ORN H 6 ? 0.5006 0.5443 0.6404 0.0320  0.0802  0.0251  6 ORN H CG  
691 C CD  . ORN H 6 ? 0.5004 0.5280 0.6269 0.0378  0.0641  0.0319  6 ORN H CD  
692 N NE  . ORN H 6 ? 0.5082 0.5147 0.5990 0.0271  0.0584  0.0350  6 ORN H NE  
693 C C   . ORN H 6 ? 0.6213 0.6040 0.6797 0.0293  0.1016  0.0119  6 ORN H C   
694 O O   . ORN H 6 ? 0.2611 0.2348 0.3087 0.0217  0.1154  0.0057  6 ORN H O   
695 N N   . HAO H 7 ? 0.4930 0.4651 0.5306 0.0306  0.0899  0.0165  7 HAO H N   
696 N N9  . HAO H 7 ? 0.5267 0.4839 0.5353 0.0270  0.0894  0.0166  7 HAO H N9  
697 C C10 . HAO H 7 ? 0.5652 0.5170 0.5627 0.0316  0.0788  0.0210  7 HAO H C10 
698 O O11 . HAO H 7 ? 0.5392 0.4936 0.5474 0.0362  0.0719  0.0231  7 HAO H O11 
699 C CA  . HAO H 7 ? 0.5532 0.4945 0.5253 0.0302  0.0746  0.0236  7 HAO H CA  
700 C C13 . HAO H 7 ? 0.4930 0.4358 0.4645 0.0370  0.0650  0.0273  7 HAO H C13 
701 C C14 . HAO H 7 ? 0.4987 0.4282 0.4487 0.0215  0.0795  0.0226  7 HAO H C14 
702 C C15 . HAO H 7 ? 0.5589 0.4632 0.4792 -0.0001 0.0986  0.0137  7 HAO H C15 
703 O O15 . HAO H 7 ? 0.6384 0.5645 0.5904 0.0127  0.0930  0.0161  7 HAO H O15 
704 C C17 . HAO H 7 ? 0.4803 0.4006 0.4068 0.0213  0.0704  0.0282  7 HAO H C17 
705 C C18 . HAO H 7 ? 0.5263 0.4555 0.4596 0.0316  0.0585  0.0341  7 HAO H C18 
706 C C19 . HAO H 7 ? 0.5423 0.4825 0.4990 0.0387  0.0578  0.0321  7 HAO H C19 
707 N N20 . HAO H 7 ? 0.5312 0.4772 0.4967 0.0465  0.0507  0.0350  7 HAO H N20 
708 C C21 . HAO H 7 ? 0.6042 0.5577 0.5674 0.0511  0.0417  0.0397  7 HAO H C21 
709 O O22 . HAO H 7 ? 0.5616 0.5146 0.5083 0.0472  0.0360  0.0438  7 HAO H O22 
710 C C   . HAO H 7 ? 0.5607 0.5224 0.5433 0.0602  0.0384  0.0402  7 HAO H C   
711 O O   . HAO H 7 ? 0.5995 0.5524 0.5910 0.0607  0.0447  0.0367  7 HAO H O   
712 N N   . LEU H 8 ? 0.5263 0.5036 0.5149 0.0657  0.0288  0.0450  8 LEU H N   
713 C CA  . LEU H 8 ? 0.5066 0.4976 0.5196 0.0752  0.0263  0.0454  8 LEU H CA  
714 C C   . LEU H 8 ? 0.5523 0.5737 0.5758 0.0695  0.0192  0.0389  8 LEU H C   
715 O O   . LEU H 8 ? 0.5638 0.5992 0.5762 0.0644  0.0084  0.0442  8 LEU H O   
716 C CB  . LEU H 8 ? 0.5261 0.5119 0.5417 0.0901  0.0206  0.0600  8 LEU H CB  
717 C CG  . LEU H 8 ? 0.5905 0.5990 0.6399 0.1039  0.0160  0.0636  8 LEU H CG  
718 C CD1 . LEU H 8 ? 0.5667 0.5627 0.6347 0.1059  0.0324  0.0558  8 LEU H CD1 
719 C CD2 . LEU H 8 ? 0.6367 0.6401 0.6848 0.1213  0.0070  0.0815  8 LEU H CD2 
720 N N   . LYS H 9 ? 0.4878 0.5163 0.5272 0.0670  0.0260  0.0269  9 LYS H N   
721 C CA  . LYS H 9 ? 0.5107 0.5685 0.5583 0.0591  0.0221  0.0178  9 LYS H CA  
722 C C   . LYS H 9 ? 0.6637 0.7311 0.7416 0.0650  0.0276  0.0103  9 LYS H C   
723 O O   . LYS H 9 ? 0.5042 0.5495 0.5793 0.0597  0.0403  -0.0018 9 LYS H O   
724 C CB  . LYS H 9 ? 0.5273 0.5766 0.5498 0.0428  0.0303  0.0046  9 LYS H CB  
725 C CG  . LYS H 9 ? 0.5680 0.6445 0.5873 0.0295  0.0289  -0.0058 9 LYS H CG  
726 C CD  . LYS H 9 ? 0.6313 0.7341 0.6442 0.0237  0.0138  0.0061  9 LYS H CD  
727 C CE  . LYS H 9 ? 0.6760 0.8050 0.6768 0.0040  0.0133  -0.0036 9 LYS H CE  
728 N NZ  . LYS H 9 ? 0.8248 0.9782 0.8176 -0.0047 -0.0046 0.0106  9 LYS H NZ  
# 
loop_
_pdbx_poly_seq_scheme.asym_id 
_pdbx_poly_seq_scheme.entity_id 
_pdbx_poly_seq_scheme.seq_id 
_pdbx_poly_seq_scheme.mon_id 
_pdbx_poly_seq_scheme.ndb_seq_num 
_pdbx_poly_seq_scheme.pdb_seq_num 
_pdbx_poly_seq_scheme.auth_seq_num 
_pdbx_poly_seq_scheme.pdb_mon_id 
_pdbx_poly_seq_scheme.auth_mon_id 
_pdbx_poly_seq_scheme.pdb_strand_id 
_pdbx_poly_seq_scheme.pdb_ins_code 
_pdbx_poly_seq_scheme.hetero 
A 1 1  LEU 1  1  1  LEU LEU A . n 
A 1 2  VAL 2  2  2  VAL VAL A . n 
A 1 3  PHE 3  3  3  PHE PHE A . n 
A 1 4  PHE 4  4  4  PHE PHE A . n 
A 1 5  ALA 5  5  5  ALA ALA A . n 
A 1 6  ORN 6  6  6  ORN ORN A . n 
A 1 7  HAO 7  7  7  HAO HAO A . n 
A 1 8  LEU 8  8  8  LEU LEU A . n 
A 1 9  LYS 9  9  9  LYS LYS A . n 
A 1 10 ORN 10 10 10 ORN ORN A . n 
B 1 1  LEU 1  1  1  LEU LEU B . n 
B 1 2  VAL 2  2  2  VAL VAL B . n 
B 1 3  PHE 3  3  3  PHE PHE B . n 
B 1 4  PHE 4  4  4  PHE PHE B . n 
B 1 5  ALA 5  5  5  ALA ALA B . n 
B 1 6  ORN 6  6  6  ORN ORN B . n 
B 1 7  HAO 7  7  7  HAO HAO B . n 
B 1 8  LEU 8  8  8  LEU LEU B . n 
B 1 9  LYS 9  9  9  LYS LYS B . n 
B 1 10 ORN 10 10 10 ORN ORN B . n 
C 1 1  LEU 1  1  1  LEU LEU C . n 
C 1 2  VAL 2  2  2  VAL VAL C . n 
C 1 3  PHE 3  3  3  PHE PHE C . n 
C 1 4  PHE 4  4  4  PHE PHE C . n 
C 1 5  ALA 5  5  5  ALA ALA C . n 
C 1 6  ORN 6  6  6  ORN ORN C . n 
C 1 7  HAO 7  7  7  HAO HAO C . n 
C 1 8  LEU 8  8  8  LEU LEU C . n 
C 1 9  LYS 9  9  9  LYS LYS C . n 
C 1 10 ORN 10 10 10 ORN ORN C . n 
D 1 1  LEU 1  1  1  LEU LEU D . n 
D 1 2  VAL 2  2  2  VAL VAL D . n 
D 1 3  PHE 3  3  3  PHE PHE D . n 
D 1 4  PHE 4  4  4  PHE PHE D . n 
D 1 5  ALA 5  5  5  ALA ALA D . n 
D 1 6  ORN 6  6  6  ORN ORN D . n 
D 1 7  HAO 7  7  7  HAO HAO D . n 
D 1 8  LEU 8  8  8  LEU LEU D . n 
D 1 9  LYS 9  9  9  LYS LYS D . n 
D 1 10 ORN 10 10 10 ORN ORN D . n 
E 1 1  LEU 1  1  1  LEU LEU E . n 
E 1 2  VAL 2  2  2  VAL VAL E . n 
E 1 3  PHE 3  3  3  PHE PHE E . n 
E 1 4  PHE 4  4  4  PHE PHE E . n 
E 1 5  ALA 5  5  5  ALA ALA E . n 
E 1 6  ORN 6  6  6  ORN ORN E . n 
E 1 7  HAO 7  7  7  HAO HAO E . n 
E 1 8  LEU 8  8  8  LEU LEU E . n 
E 1 9  LYS 9  9  9  LYS LYS E . n 
E 1 10 ORN 10 10 10 ORN ORN E . n 
F 1 1  LEU 1  1  1  LEU LEU F . n 
F 1 2  VAL 2  2  2  VAL VAL F . n 
F 1 3  PHE 3  3  3  PHE PHE F . n 
F 1 4  PHE 4  4  4  PHE PHE F . n 
F 1 5  ALA 5  5  5  ALA ALA F . n 
F 1 6  ORN 6  6  6  ORN ORN F . n 
F 1 7  HAO 7  7  7  HAO HAO F . n 
F 1 8  LEU 8  8  8  LEU LEU F . n 
F 1 9  LYS 9  9  9  LYS LYS F . n 
F 1 10 ORN 10 10 10 ORN ORN F . n 
G 1 1  LEU 1  1  1  LEU LEU G . n 
G 1 2  VAL 2  2  2  VAL VAL G . n 
G 1 3  PHE 3  3  3  PHE PHE G . n 
G 1 4  PHE 4  4  4  PHE PHE G . n 
G 1 5  ALA 5  5  5  ALA ALA G . n 
G 1 6  ORN 6  6  6  ORN ORN G . n 
G 1 7  HAO 7  7  7  HAO HAO G . n 
G 1 8  LEU 8  8  8  LEU LEU G . n 
G 1 9  LYS 9  9  9  LYS LYS G . n 
G 1 10 ORN 10 10 10 ORN ORN G . n 
H 1 1  LEU 1  1  1  LEU LEU H . n 
H 1 2  VAL 2  2  2  VAL VAL H . n 
H 1 3  PHE 3  3  3  PHE PHE H . n 
H 1 4  PHE 4  4  4  PHE PHE H . n 
H 1 5  ALA 5  5  5  ALA ALA H . n 
H 1 6  ORN 6  6  6  ORN ORN H . n 
H 1 7  HAO 7  7  7  HAO HAO H . n 
H 1 8  LEU 8  8  8  LEU LEU H . n 
H 1 9  LYS 9  9  9  LYS LYS H . n 
H 1 10 ORN 10 10 10 ORN ORN H . n 
# 
loop_
_pdbx_nonpoly_scheme.asym_id 
_pdbx_nonpoly_scheme.entity_id 
_pdbx_nonpoly_scheme.mon_id 
_pdbx_nonpoly_scheme.ndb_seq_num 
_pdbx_nonpoly_scheme.pdb_seq_num 
_pdbx_nonpoly_scheme.auth_seq_num 
_pdbx_nonpoly_scheme.pdb_mon_id 
_pdbx_nonpoly_scheme.auth_mon_id 
_pdbx_nonpoly_scheme.pdb_strand_id 
_pdbx_nonpoly_scheme.pdb_ins_code 
I  2 SO4 1 11 4  SO4 SO4 A . 
J  3 GOL 1 11 7  GOL GOL B . 
K  4 BU1 1 12 9  BU1 BU1 B . 
L  3 GOL 1 23 23 GOL GOL B . 
M  4 BU1 1 18 18 BU1 BU1 C . 
N  3 GOL 1 22 22 GOL GOL C . 
O  3 GOL 1 11 8  GOL GOL D . 
P  2 SO4 1 11 2  SO4 SO4 E . 
Q  2 SO4 1 12 3  SO4 SO4 E . 
R  4 BU1 1 16 16 BU1 BU1 E . 
S  4 BU1 1 13 13 BU1 BU1 F . 
T  4 BU1 1 17 17 BU1 BU1 F . 
U  2 SO4 1 11 5  SO4 SO4 G . 
V  4 BU1 1 12 12 BU1 BU1 G . 
W  4 BU1 1 14 14 BU1 BU1 G . 
X  4 BU1 1 19 19 BU1 BU1 G . 
Y  2 SO4 1 11 1  SO4 SO4 H . 
Z  2 SO4 1 12 6  SO4 SO4 H . 
AA 4 BU1 1 13 10 BU1 BU1 H . 
BA 4 BU1 1 15 15 BU1 BU1 H . 
CA 4 BU1 1 20 20 BU1 BU1 H . 
DA 3 GOL 1 21 21 GOL GOL H . 
EA 5 HOH 1 12 6  HOH HOH A . 
EA 5 HOH 2 15 15 HOH HOH A . 
EA 5 HOH 3 19 19 HOH HOH A . 
EA 5 HOH 4 30 30 HOH HOH A . 
FA 5 HOH 1 13 10 HOH HOH B . 
FA 5 HOH 2 14 11 HOH HOH B . 
GA 5 HOH 1 11 3  HOH HOH C . 
GA 5 HOH 2 25 25 HOH HOH C . 
GA 5 HOH 3 26 26 HOH HOH C . 
HA 5 HOH 1 22 22 HOH HOH D . 
HA 5 HOH 2 29 29 HOH HOH D . 
HA 5 HOH 3 33 33 HOH HOH D . 
HA 5 HOH 4 34 34 HOH HOH D . 
IA 5 HOH 1 13 13 HOH HOH E . 
IA 5 HOH 2 14 14 HOH HOH E . 
IA 5 HOH 3 15 12 HOH HOH E . 
IA 5 HOH 4 17 16 HOH HOH E . 
IA 5 HOH 5 27 27 HOH HOH E . 
IA 5 HOH 6 31 31 HOH HOH E . 
JA 5 HOH 1 11 8  HOH HOH F . 
KA 5 HOH 1 13 1  HOH HOH G . 
KA 5 HOH 2 17 17 HOH HOH G . 
KA 5 HOH 3 28 28 HOH HOH G . 
LA 5 HOH 1 14 4  HOH HOH H . 
LA 5 HOH 2 16 7  HOH HOH H . 
LA 5 HOH 3 17 20 HOH HOH H . 
LA 5 HOH 4 18 18 HOH HOH H . 
LA 5 HOH 5 23 23 HOH HOH H . 
LA 5 HOH 6 24 24 HOH HOH H . 
LA 5 HOH 7 32 32 HOH HOH H . 
# 
loop_
_pdbx_struct_mod_residue.id 
_pdbx_struct_mod_residue.label_asym_id 
_pdbx_struct_mod_residue.label_comp_id 
_pdbx_struct_mod_residue.label_seq_id 
_pdbx_struct_mod_residue.auth_asym_id 
_pdbx_struct_mod_residue.auth_comp_id 
_pdbx_struct_mod_residue.auth_seq_id 
_pdbx_struct_mod_residue.PDB_ins_code 
_pdbx_struct_mod_residue.parent_comp_id 
_pdbx_struct_mod_residue.details 
1  A ORN 6  A ORN 6  ? ALA L-ORNITHINE 
2  A ORN 10 A ORN 10 ? ALA L-ORNITHINE 
3  B ORN 6  B ORN 6  ? ALA L-ORNITHINE 
4  B ORN 10 B ORN 10 ? ALA L-ORNITHINE 
5  C ORN 6  C ORN 6  ? ALA L-ORNITHINE 
6  C ORN 10 C ORN 10 ? ALA L-ORNITHINE 
7  D ORN 6  D ORN 6  ? ALA L-ORNITHINE 
8  D ORN 10 D ORN 10 ? ALA L-ORNITHINE 
9  E ORN 6  E ORN 6  ? ALA L-ORNITHINE 
10 E ORN 10 E ORN 10 ? ALA L-ORNITHINE 
11 F ORN 6  F ORN 6  ? ALA L-ORNITHINE 
12 F ORN 10 F ORN 10 ? ALA L-ORNITHINE 
13 G ORN 6  G ORN 6  ? ALA L-ORNITHINE 
14 G ORN 10 G ORN 10 ? ALA L-ORNITHINE 
15 H ORN 6  H ORN 6  ? ALA L-ORNITHINE 
16 H ORN 10 H ORN 10 ? ALA L-ORNITHINE 
# 
loop_
_pdbx_struct_assembly.id 
_pdbx_struct_assembly.details 
_pdbx_struct_assembly.method_details 
_pdbx_struct_assembly.oligomeric_details 
_pdbx_struct_assembly.oligomeric_count 
1 author_defined_assembly ? tetrameric 4 
2 author_defined_assembly ? tetrameric 4 
3 author_defined_assembly ? tetrameric 4 
# 
loop_
_pdbx_struct_assembly_gen.assembly_id 
_pdbx_struct_assembly_gen.oper_expression 
_pdbx_struct_assembly_gen.asym_id_list 
1 1 A,B,C,D,I,J,K,L,M,N,O,EA,FA,GA,HA                 
2 1 A,B,E,F,I,J,K,L,P,Q,R,S,T,EA,FA,IA,JA             
3 1 C,D,G,H,M,N,O,U,V,W,X,Y,Z,AA,BA,CA,DA,GA,HA,KA,LA 
# 
_pdbx_struct_oper_list.id                   1 
_pdbx_struct_oper_list.type                 'identity operation' 
_pdbx_struct_oper_list.name                 1_555 
_pdbx_struct_oper_list.symmetry_operation   x,y,z 
_pdbx_struct_oper_list.matrix[1][1]         1.0000000000 
_pdbx_struct_oper_list.matrix[1][2]         0.0000000000 
_pdbx_struct_oper_list.matrix[1][3]         0.0000000000 
_pdbx_struct_oper_list.vector[1]            0.0000000000 
_pdbx_struct_oper_list.matrix[2][1]         0.0000000000 
_pdbx_struct_oper_list.matrix[2][2]         1.0000000000 
_pdbx_struct_oper_list.matrix[2][3]         0.0000000000 
_pdbx_struct_oper_list.vector[2]            0.0000000000 
_pdbx_struct_oper_list.matrix[3][1]         0.0000000000 
_pdbx_struct_oper_list.matrix[3][2]         0.0000000000 
_pdbx_struct_oper_list.matrix[3][3]         1.0000000000 
_pdbx_struct_oper_list.vector[3]            0.0000000000 
# 
loop_
_pdbx_audit_revision_history.ordinal 
_pdbx_audit_revision_history.data_content_type 
_pdbx_audit_revision_history.major_revision 
_pdbx_audit_revision_history.minor_revision 
_pdbx_audit_revision_history.revision_date 
1 'Structure model' 1 0 2011-06-08 
2 'Structure model' 1 1 2011-07-13 
3 'Structure model' 2 0 2023-11-15 
# 
_pdbx_audit_revision_details.ordinal             1 
_pdbx_audit_revision_details.revision_ordinal    1 
_pdbx_audit_revision_details.data_content_type   'Structure model' 
_pdbx_audit_revision_details.provider            repository 
_pdbx_audit_revision_details.type                'Initial release' 
_pdbx_audit_revision_details.description         ? 
_pdbx_audit_revision_details.details             ? 
# 
loop_
_pdbx_audit_revision_group.ordinal 
_pdbx_audit_revision_group.revision_ordinal 
_pdbx_audit_revision_group.data_content_type 
_pdbx_audit_revision_group.group 
1 2 'Structure model' 'Version format compliance' 
2 3 'Structure model' Advisory                    
3 3 'Structure model' 'Atomic model'              
4 3 'Structure model' 'Data collection'           
5 3 'Structure model' 'Database references'       
6 3 'Structure model' 'Derived calculations'      
# 
loop_
_pdbx_audit_revision_category.ordinal 
_pdbx_audit_revision_category.revision_ordinal 
_pdbx_audit_revision_category.data_content_type 
_pdbx_audit_revision_category.category 
1 3 'Structure model' atom_site                     
2 3 'Structure model' atom_site_anisotrop           
3 3 'Structure model' chem_comp_atom                
4 3 'Structure model' chem_comp_bond                
5 3 'Structure model' database_2                    
6 3 'Structure model' pdbx_validate_polymer_linkage 
7 3 'Structure model' pdbx_validate_rmsd_angle      
8 3 'Structure model' struct_conn                   
9 3 'Structure model' struct_site                   
# 
loop_
_pdbx_audit_revision_item.ordinal 
_pdbx_audit_revision_item.revision_ordinal 
_pdbx_audit_revision_item.data_content_type 
_pdbx_audit_revision_item.item 
1  3 'Structure model' '_atom_site.auth_atom_id'                 
2  3 'Structure model' '_atom_site.label_atom_id'                
3  3 'Structure model' '_atom_site_anisotrop.pdbx_auth_atom_id'  
4  3 'Structure model' '_atom_site_anisotrop.pdbx_label_atom_id' 
5  3 'Structure model' '_database_2.pdbx_DOI'                    
6  3 'Structure model' '_database_2.pdbx_database_accession'     
7  3 'Structure model' '_struct_conn.pdbx_dist_value'            
8  3 'Structure model' '_struct_conn.pdbx_leaving_atom_flag'     
9  3 'Structure model' '_struct_conn.ptnr1_auth_asym_id'         
10 3 'Structure model' '_struct_conn.ptnr1_auth_comp_id'         
11 3 'Structure model' '_struct_conn.ptnr1_auth_seq_id'          
12 3 'Structure model' '_struct_conn.ptnr1_label_asym_id'        
13 3 'Structure model' '_struct_conn.ptnr1_label_atom_id'        
14 3 'Structure model' '_struct_conn.ptnr1_label_comp_id'        
15 3 'Structure model' '_struct_conn.ptnr1_label_seq_id'         
16 3 'Structure model' '_struct_conn.ptnr2_auth_asym_id'         
17 3 'Structure model' '_struct_conn.ptnr2_auth_comp_id'         
18 3 'Structure model' '_struct_conn.ptnr2_auth_seq_id'          
19 3 'Structure model' '_struct_conn.ptnr2_label_asym_id'        
20 3 'Structure model' '_struct_conn.ptnr2_label_atom_id'        
21 3 'Structure model' '_struct_conn.ptnr2_label_comp_id'        
22 3 'Structure model' '_struct_conn.ptnr2_label_seq_id'         
23 3 'Structure model' '_struct_site.pdbx_auth_asym_id'          
24 3 'Structure model' '_struct_site.pdbx_auth_comp_id'          
25 3 'Structure model' '_struct_site.pdbx_auth_seq_id'           
# 
loop_
_pdbx_refine_tls.pdbx_refine_id 
_pdbx_refine_tls.id 
_pdbx_refine_tls.details 
_pdbx_refine_tls.method 
_pdbx_refine_tls.origin_x 
_pdbx_refine_tls.origin_y 
_pdbx_refine_tls.origin_z 
_pdbx_refine_tls.T[1][1] 
_pdbx_refine_tls.T[2][2] 
_pdbx_refine_tls.T[3][3] 
_pdbx_refine_tls.T[1][2] 
_pdbx_refine_tls.T[1][3] 
_pdbx_refine_tls.T[2][3] 
_pdbx_refine_tls.L[1][1] 
_pdbx_refine_tls.L[2][2] 
_pdbx_refine_tls.L[3][3] 
_pdbx_refine_tls.L[1][2] 
_pdbx_refine_tls.L[1][3] 
_pdbx_refine_tls.L[2][3] 
_pdbx_refine_tls.S[1][1] 
_pdbx_refine_tls.S[2][2] 
_pdbx_refine_tls.S[3][3] 
_pdbx_refine_tls.S[1][2] 
_pdbx_refine_tls.S[1][3] 
_pdbx_refine_tls.S[2][3] 
_pdbx_refine_tls.S[2][1] 
_pdbx_refine_tls.S[3][1] 
_pdbx_refine_tls.S[3][2] 
'X-RAY DIFFRACTION' 1 ? refined 1.5545  4.9573   3.3615  -0.0132 -0.2185 -0.0367 0.0296  -0.0530 0.0594 0.3839  3.5301  0.1925 0.3731  -1.6679 0.1102  0.0816  0.0839  -0.1655 -0.0948 0.2156  -0.4582 0.6663  -0.2230 0.1297  
'X-RAY DIFFRACTION' 2 ? refined 6.8895  6.5502   -4.3650 -0.1026 -0.1041 0.2202  0.0463  0.0196  0.1415 4.0749  -1.1662 2.5764 -0.0630 -1.8019 -0.0148 -0.2472 0.1835  0.0637  -0.1063 0.4303  -0.5400 -0.0167 0.1700  0.2975  
'X-RAY DIFFRACTION' 3 ? refined 3.6301  -4.8182  -1.4145 -0.0382 -0.2012 -0.0368 0.0611  -0.0072 0.0702 3.4962  -1.4602 1.4568 -1.2877 -0.3073 -0.1292 -0.2280 -0.1236 0.3516  0.0099  0.3760  -0.4763 0.0400  0.2371  0.1348  
'X-RAY DIFFRACTION' 4 ? refined -0.1019 -3.1941  7.2149  0.1415  -0.1903 -0.0267 0.0010  -0.0890 0.0694 3.2889  -0.4512 1.9407 -0.1569 -2.3155 3.1587  0.2279  0.0389  -0.2669 0.0315  0.2119  -0.3682 0.5538  0.0155  -0.0281 
'X-RAY DIFFRACTION' 5 ? refined -5.7014 10.0317  -3.6103 0.0387  -0.0749 -0.0307 0.0597  0.0185  0.0402 1.5622  -0.4628 2.4988 -0.5164 0.5569  -0.5472 0.0308  -0.1371 0.1063  0.0507  -0.1258 0.0406  0.0433  0.1835  0.0359  
'X-RAY DIFFRACTION' 6 ? refined 2.0887  10.7625  -9.6467 0.0071  -0.1497 -0.0599 -0.0049 0.0417  0.0632 2.7315  -0.1279 2.9275 0.3723  0.7086  1.2766  0.0023  -0.0502 0.0479  -0.0090 -0.2149 -0.4565 -0.0797 -0.1766 -0.0673 
'X-RAY DIFFRACTION' 7 ? refined -4.6428 -9.9150  9.0955  -0.0491 -0.1102 -0.0965 0.0456  0.0418  0.0569 3.3865  0.5978  2.1979 -1.0193 -0.1672 -0.3156 -0.1165 0.0950  0.0214  0.1423  -0.0858 0.0875  0.2282  -0.0934 -0.1254 
'X-RAY DIFFRACTION' 8 ? refined -2.6091 -14.0840 0.2035  0.0002  -0.0561 -0.0085 0.0512  0.0524  0.0290 -0.2056 3.9186  3.7936 2.5033  -1.7546 0.2755  0.0029  -0.0138 0.0107  0.3612  0.0948  0.0886  -0.1652 -0.1981 -0.1379 
# 
loop_
_pdbx_refine_tls_group.pdbx_refine_id 
_pdbx_refine_tls_group.id 
_pdbx_refine_tls_group.refine_tls_id 
_pdbx_refine_tls_group.beg_auth_asym_id 
_pdbx_refine_tls_group.beg_auth_seq_id 
_pdbx_refine_tls_group.end_auth_asym_id 
_pdbx_refine_tls_group.end_auth_seq_id 
_pdbx_refine_tls_group.selection_details 
_pdbx_refine_tls_group.beg_label_asym_id 
_pdbx_refine_tls_group.beg_label_seq_id 
_pdbx_refine_tls_group.end_label_asym_id 
_pdbx_refine_tls_group.end_label_seq_id 
_pdbx_refine_tls_group.selection 
'X-RAY DIFFRACTION' 1 1 A 1 A 9 '{ A|1 - A|9 }' ? ? ? ? ? 
'X-RAY DIFFRACTION' 2 2 B 1 B 9 '{ B|1 - B|9 }' ? ? ? ? ? 
'X-RAY DIFFRACTION' 3 3 C 1 C 9 '{ C|1 - C|9 }' ? ? ? ? ? 
'X-RAY DIFFRACTION' 4 4 D 1 D 9 '{ D|1 - D|9 }' ? ? ? ? ? 
'X-RAY DIFFRACTION' 5 5 E 1 E 9 '{ E|1 - E|9 }' ? ? ? ? ? 
'X-RAY DIFFRACTION' 6 6 F 1 F 9 '{ F|1 - F|9 }' ? ? ? ? ? 
'X-RAY DIFFRACTION' 7 7 G 1 G 9 '{ G|1 - G|9 }' ? ? ? ? ? 
'X-RAY DIFFRACTION' 8 8 H 1 H 9 '{ H|1 - H|9 }' ? ? ? ? ? 
# 
loop_
_software.pdbx_ordinal 
_software.name 
_software.version 
_software.date 
_software.type 
_software.contact_author 
_software.contact_author_email 
_software.classification 
_software.location 
_software.language 
_software.citation_id 
1 DENZO       .       ?               program 'Zbyszek Otwinowski' hkl@hkl-xray.com                 'data reduction'  
http://www.hkl-xray.com/                  ?   ? 
2 SCALEPACK   .       ?               program 'Zbyszek Otwinowski' hkl@hkl-xray.com                 'data scaling'    
http://www.hkl-xray.com/                  ?   ? 
3 BUSTER-TNT  .       ?               program 'Gerard Bricogne'    buster-develop@GlobalPhasing.com refinement        
http://www.globalphasing.com/buster/      ?   ? 
4 PDB_EXTRACT 3.10    'June 10, 2010' package PDB                  deposit@deposit.rcsb.org         'data extraction' 
http://sw-tools.pdb.org/apps/PDB_EXTRACT/ C++ ? 
5 ADSC        Quantum ?               ?       ?                    ?                                'data collection' ? ?   ? 
6 REFMAC      .       ?               ?       ?                    ?                                phasing           ? ?   ? 
7 BUSTER      2.8.0   ?               ?       ?                    ?                                refinement        ? ?   ? 
# 
loop_
_pdbx_validate_close_contact.id 
_pdbx_validate_close_contact.PDB_model_num 
_pdbx_validate_close_contact.auth_atom_id_1 
_pdbx_validate_close_contact.auth_asym_id_1 
_pdbx_validate_close_contact.auth_comp_id_1 
_pdbx_validate_close_contact.auth_seq_id_1 
_pdbx_validate_close_contact.PDB_ins_code_1 
_pdbx_validate_close_contact.label_alt_id_1 
_pdbx_validate_close_contact.auth_atom_id_2 
_pdbx_validate_close_contact.auth_asym_id_2 
_pdbx_validate_close_contact.auth_comp_id_2 
_pdbx_validate_close_contact.auth_seq_id_2 
_pdbx_validate_close_contact.PDB_ins_code_2 
_pdbx_validate_close_contact.label_alt_id_2 
_pdbx_validate_close_contact.dist 
1 1 N D LEU 1 ? ? O D ORN 10 ? ? 2.17 
2 1 N B LEU 1 ? ? O B ORN 10 ? ? 2.19 
# 
loop_
_pdbx_validate_rmsd_angle.id 
_pdbx_validate_rmsd_angle.PDB_model_num 
_pdbx_validate_rmsd_angle.auth_atom_id_1 
_pdbx_validate_rmsd_angle.auth_asym_id_1 
_pdbx_validate_rmsd_angle.auth_comp_id_1 
_pdbx_validate_rmsd_angle.auth_seq_id_1 
_pdbx_validate_rmsd_angle.PDB_ins_code_1 
_pdbx_validate_rmsd_angle.label_alt_id_1 
_pdbx_validate_rmsd_angle.auth_atom_id_2 
_pdbx_validate_rmsd_angle.auth_asym_id_2 
_pdbx_validate_rmsd_angle.auth_comp_id_2 
_pdbx_validate_rmsd_angle.auth_seq_id_2 
_pdbx_validate_rmsd_angle.PDB_ins_code_2 
_pdbx_validate_rmsd_angle.label_alt_id_2 
_pdbx_validate_rmsd_angle.auth_atom_id_3 
_pdbx_validate_rmsd_angle.auth_asym_id_3 
_pdbx_validate_rmsd_angle.auth_comp_id_3 
_pdbx_validate_rmsd_angle.auth_seq_id_3 
_pdbx_validate_rmsd_angle.PDB_ins_code_3 
_pdbx_validate_rmsd_angle.label_alt_id_3 
_pdbx_validate_rmsd_angle.angle_value 
_pdbx_validate_rmsd_angle.angle_target_value 
_pdbx_validate_rmsd_angle.angle_deviation 
_pdbx_validate_rmsd_angle.angle_standard_deviation 
_pdbx_validate_rmsd_angle.linker_flag 
1  1 CA A HAO 7 ? ? C A HAO 7 ? ? N  A LEU 8 ? ? 142.89 117.20 25.69 2.20 Y 
2  1 CA B HAO 7 ? ? C B HAO 7 ? ? N  B LEU 8 ? ? 135.79 117.20 18.59 2.20 Y 
3  1 CA C HAO 7 ? ? C C HAO 7 ? ? N  C LEU 8 ? ? 142.65 117.20 25.45 2.20 Y 
4  1 C  D ORN 6 ? ? N D HAO 7 ? ? CA D HAO 7 ? ? 137.84 121.70 16.14 2.50 Y 
5  1 CA D HAO 7 ? ? C D HAO 7 ? ? N  D LEU 8 ? ? 137.32 117.20 20.12 2.20 Y 
6  1 C  E ORN 6 ? ? N E HAO 7 ? ? CA E HAO 7 ? ? 141.93 121.70 20.23 2.50 Y 
7  1 CA E HAO 7 ? ? C E HAO 7 ? ? N  E LEU 8 ? ? 145.40 117.20 28.20 2.20 Y 
8  1 CA F HAO 7 ? ? C F HAO 7 ? ? N  F LEU 8 ? ? 142.47 117.20 25.27 2.20 Y 
9  1 C  G ORN 6 ? ? N G HAO 7 ? ? CA G HAO 7 ? ? 137.66 121.70 15.96 2.50 Y 
10 1 CA G HAO 7 ? ? C G HAO 7 ? ? N  G LEU 8 ? ? 144.09 117.20 26.89 2.20 Y 
11 1 C  H ORN 6 ? ? N H HAO 7 ? ? CA H HAO 7 ? ? 139.53 121.70 17.83 2.50 Y 
12 1 CA H HAO 7 ? ? C H HAO 7 ? ? N  H LEU 8 ? ? 145.95 117.20 28.75 2.20 Y 
# 
loop_
_chem_comp_atom.comp_id 
_chem_comp_atom.atom_id 
_chem_comp_atom.type_symbol 
_chem_comp_atom.pdbx_aromatic_flag 
_chem_comp_atom.pdbx_stereo_config 
_chem_comp_atom.pdbx_ordinal 
ALA N    N N N 1   
ALA CA   C N S 2   
ALA C    C N N 3   
ALA O    O N N 4   
ALA CB   C N N 5   
ALA OXT  O N N 6   
ALA H    H N N 7   
ALA H2   H N N 8   
ALA HA   H N N 9   
ALA HB1  H N N 10  
ALA HB2  H N N 11  
ALA HB3  H N N 12  
ALA HXT  H N N 13  
BU1 C1   C N N 14  
BU1 C2   C N N 15  
BU1 C3   C N N 16  
BU1 C4   C N N 17  
BU1 O5   O N N 18  
BU1 O6   O N N 19  
BU1 H11  H N N 20  
BU1 H12  H N N 21  
BU1 H21  H N N 22  
BU1 H22  H N N 23  
BU1 H31  H N N 24  
BU1 H32  H N N 25  
BU1 H41  H N N 26  
BU1 H42  H N N 27  
BU1 HO5  H N N 28  
BU1 HO6  H N N 29  
GOL C1   C N N 30  
GOL O1   O N N 31  
GOL C2   C N N 32  
GOL O2   O N N 33  
GOL C3   C N N 34  
GOL O3   O N N 35  
GOL H11  H N N 36  
GOL H12  H N N 37  
GOL HO1  H N N 38  
GOL H2   H N N 39  
GOL HO2  H N N 40  
GOL H31  H N N 41  
GOL H32  H N N 42  
GOL HO3  H N N 43  
HAO N    N N N 44  
HAO N9   N N N 45  
HAO C10  C N N 46  
HAO O11  O N N 47  
HAO CA   C Y N 48  
HAO C13  C Y N 49  
HAO C14  C Y N 50  
HAO C15  C N N 51  
HAO O15  O N N 52  
HAO C17  C Y N 53  
HAO C18  C Y N 54  
HAO C19  C Y N 55  
HAO N20  N N N 56  
HAO C21  C N N 57  
HAO O22  O N N 58  
HAO C    C N N 59  
HAO O    O N N 60  
HAO H    H N N 61  
HAO H13  H N N 62  
HAO H15  H N N 63  
HAO H15A H N N 64  
HAO H15B H N N 65  
HAO H17  H N N 66  
HAO H18  H N N 67  
HAO HN20 H N N 68  
HAO OXT  O N N 69  
HAO H2   H N N 70  
HAO H10  H N N 71  
HAO HXT  H N N 72  
HOH O    O N N 73  
HOH H1   H N N 74  
HOH H2   H N N 75  
LEU N    N N N 76  
LEU CA   C N S 77  
LEU C    C N N 78  
LEU O    O N N 79  
LEU CB   C N N 80  
LEU CG   C N N 81  
LEU CD1  C N N 82  
LEU CD2  C N N 83  
LEU OXT  O N N 84  
LEU H    H N N 85  
LEU H2   H N N 86  
LEU HA   H N N 87  
LEU HB2  H N N 88  
LEU HB3  H N N 89  
LEU HG   H N N 90  
LEU HD11 H N N 91  
LEU HD12 H N N 92  
LEU HD13 H N N 93  
LEU HD21 H N N 94  
LEU HD22 H N N 95  
LEU HD23 H N N 96  
LEU HXT  H N N 97  
LYS N    N N N 98  
LYS CA   C N S 99  
LYS C    C N N 100 
LYS O    O N N 101 
LYS CB   C N N 102 
LYS CG   C N N 103 
LYS CD   C N N 104 
LYS CE   C N N 105 
LYS NZ   N N N 106 
LYS OXT  O N N 107 
LYS H    H N N 108 
LYS H2   H N N 109 
LYS HA   H N N 110 
LYS HB2  H N N 111 
LYS HB3  H N N 112 
LYS HG2  H N N 113 
LYS HG3  H N N 114 
LYS HD2  H N N 115 
LYS HD3  H N N 116 
LYS HE2  H N N 117 
LYS HE3  H N N 118 
LYS HZ1  H N N 119 
LYS HZ2  H N N 120 
LYS HZ3  H N N 121 
LYS HXT  H N N 122 
ORN N    N N N 123 
ORN CA   C N S 124 
ORN CB   C N N 125 
ORN CG   C N N 126 
ORN CD   C N N 127 
ORN NE   N N N 128 
ORN C    C N N 129 
ORN O    O N N 130 
ORN OXT  O N N 131 
ORN H    H N N 132 
ORN H2   H N N 133 
ORN HA   H N N 134 
ORN HB2  H N N 135 
ORN HB3  H N N 136 
ORN HG2  H N N 137 
ORN HG3  H N N 138 
ORN HD2  H N N 139 
ORN HD3  H N N 140 
ORN HE1  H N N 141 
ORN HE2  H N N 142 
ORN HXT  H N N 143 
PHE N    N N N 144 
PHE CA   C N S 145 
PHE C    C N N 146 
PHE O    O N N 147 
PHE CB   C N N 148 
PHE CG   C Y N 149 
PHE CD1  C Y N 150 
PHE CD2  C Y N 151 
PHE CE1  C Y N 152 
PHE CE2  C Y N 153 
PHE CZ   C Y N 154 
PHE OXT  O N N 155 
PHE H    H N N 156 
PHE H2   H N N 157 
PHE HA   H N N 158 
PHE HB2  H N N 159 
PHE HB3  H N N 160 
PHE HD1  H N N 161 
PHE HD2  H N N 162 
PHE HE1  H N N 163 
PHE HE2  H N N 164 
PHE HZ   H N N 165 
PHE HXT  H N N 166 
SO4 S    S N N 167 
SO4 O1   O N N 168 
SO4 O2   O N N 169 
SO4 O3   O N N 170 
SO4 O4   O N N 171 
VAL N    N N N 172 
VAL CA   C N S 173 
VAL C    C N N 174 
VAL O    O N N 175 
VAL CB   C N N 176 
VAL CG1  C N N 177 
VAL CG2  C N N 178 
VAL OXT  O N N 179 
VAL H    H N N 180 
VAL H2   H N N 181 
VAL HA   H N N 182 
VAL HB   H N N 183 
VAL HG11 H N N 184 
VAL HG12 H N N 185 
VAL HG13 H N N 186 
VAL HG21 H N N 187 
VAL HG22 H N N 188 
VAL HG23 H N N 189 
VAL HXT  H N N 190 
# 
loop_
_chem_comp_bond.comp_id 
_chem_comp_bond.atom_id_1 
_chem_comp_bond.atom_id_2 
_chem_comp_bond.value_order 
_chem_comp_bond.pdbx_aromatic_flag 
_chem_comp_bond.pdbx_stereo_config 
_chem_comp_bond.pdbx_ordinal 
ALA N   CA   sing N N 1   
ALA N   H    sing N N 2   
ALA N   H2   sing N N 3   
ALA CA  C    sing N N 4   
ALA CA  CB   sing N N 5   
ALA CA  HA   sing N N 6   
ALA C   O    doub N N 7   
ALA C   OXT  sing N N 8   
ALA CB  HB1  sing N N 9   
ALA CB  HB2  sing N N 10  
ALA CB  HB3  sing N N 11  
ALA OXT HXT  sing N N 12  
BU1 C1  C2   sing N N 13  
BU1 C1  O5   sing N N 14  
BU1 C1  H11  sing N N 15  
BU1 C1  H12  sing N N 16  
BU1 C2  C3   sing N N 17  
BU1 C2  H21  sing N N 18  
BU1 C2  H22  sing N N 19  
BU1 C3  C4   sing N N 20  
BU1 C3  H31  sing N N 21  
BU1 C3  H32  sing N N 22  
BU1 C4  O6   sing N N 23  
BU1 C4  H41  sing N N 24  
BU1 C4  H42  sing N N 25  
BU1 O5  HO5  sing N N 26  
BU1 O6  HO6  sing N N 27  
GOL C1  O1   sing N N 28  
GOL C1  C2   sing N N 29  
GOL C1  H11  sing N N 30  
GOL C1  H12  sing N N 31  
GOL O1  HO1  sing N N 32  
GOL C2  O2   sing N N 33  
GOL C2  C3   sing N N 34  
GOL C2  H2   sing N N 35  
GOL O2  HO2  sing N N 36  
GOL C3  O3   sing N N 37  
GOL C3  H31  sing N N 38  
GOL C3  H32  sing N N 39  
GOL O3  HO3  sing N N 40  
HAO N   N9   sing N N 41  
HAO N   H    sing N N 42  
HAO C10 N9   sing N N 43  
HAO C10 CA   sing N N 44  
HAO O11 C10  doub N N 45  
HAO CA  C14  sing Y N 46  
HAO C13 CA   doub Y N 47  
HAO C13 C19  sing Y N 48  
HAO C13 H13  sing N N 49  
HAO C14 C17  doub Y N 50  
HAO C14 O15  sing N N 51  
HAO C15 H15  sing N N 52  
HAO C15 H15A sing N N 53  
HAO C15 H15B sing N N 54  
HAO O15 C15  sing N N 55  
HAO C17 H17  sing N N 56  
HAO C18 C17  sing Y N 57  
HAO C18 H18  sing N N 58  
HAO C19 C18  doub Y N 59  
HAO N20 C19  sing N N 60  
HAO N20 HN20 sing N N 61  
HAO C21 N20  sing N N 62  
HAO C21 O22  doub N N 63  
HAO C   C21  sing N N 64  
HAO C   OXT  sing N N 65  
HAO O   C    doub N N 66  
HAO N   H2   sing N N 67  
HAO N9  H10  sing N N 68  
HAO OXT HXT  sing N N 69  
HOH O   H1   sing N N 70  
HOH O   H2   sing N N 71  
LEU N   CA   sing N N 72  
LEU N   H    sing N N 73  
LEU N   H2   sing N N 74  
LEU CA  C    sing N N 75  
LEU CA  CB   sing N N 76  
LEU CA  HA   sing N N 77  
LEU C   O    doub N N 78  
LEU C   OXT  sing N N 79  
LEU CB  CG   sing N N 80  
LEU CB  HB2  sing N N 81  
LEU CB  HB3  sing N N 82  
LEU CG  CD1  sing N N 83  
LEU CG  CD2  sing N N 84  
LEU CG  HG   sing N N 85  
LEU CD1 HD11 sing N N 86  
LEU CD1 HD12 sing N N 87  
LEU CD1 HD13 sing N N 88  
LEU CD2 HD21 sing N N 89  
LEU CD2 HD22 sing N N 90  
LEU CD2 HD23 sing N N 91  
LEU OXT HXT  sing N N 92  
LYS N   CA   sing N N 93  
LYS N   H    sing N N 94  
LYS N   H2   sing N N 95  
LYS CA  C    sing N N 96  
LYS CA  CB   sing N N 97  
LYS CA  HA   sing N N 98  
LYS C   O    doub N N 99  
LYS C   OXT  sing N N 100 
LYS CB  CG   sing N N 101 
LYS CB  HB2  sing N N 102 
LYS CB  HB3  sing N N 103 
LYS CG  CD   sing N N 104 
LYS CG  HG2  sing N N 105 
LYS CG  HG3  sing N N 106 
LYS CD  CE   sing N N 107 
LYS CD  HD2  sing N N 108 
LYS CD  HD3  sing N N 109 
LYS CE  NZ   sing N N 110 
LYS CE  HE2  sing N N 111 
LYS CE  HE3  sing N N 112 
LYS NZ  HZ1  sing N N 113 
LYS NZ  HZ2  sing N N 114 
LYS NZ  HZ3  sing N N 115 
LYS OXT HXT  sing N N 116 
ORN N   CA   sing N N 117 
ORN N   H    sing N N 118 
ORN N   H2   sing N N 119 
ORN CA  CB   sing N N 120 
ORN CA  C    sing N N 121 
ORN CA  HA   sing N N 122 
ORN CB  CG   sing N N 123 
ORN CB  HB2  sing N N 124 
ORN CB  HB3  sing N N 125 
ORN CG  CD   sing N N 126 
ORN CG  HG2  sing N N 127 
ORN CG  HG3  sing N N 128 
ORN CD  NE   sing N N 129 
ORN CD  HD2  sing N N 130 
ORN CD  HD3  sing N N 131 
ORN NE  HE1  sing N N 132 
ORN NE  HE2  sing N N 133 
ORN C   O    doub N N 134 
ORN C   OXT  sing N N 135 
ORN OXT HXT  sing N N 136 
PHE N   CA   sing N N 137 
PHE N   H    sing N N 138 
PHE N   H2   sing N N 139 
PHE CA  C    sing N N 140 
PHE CA  CB   sing N N 141 
PHE CA  HA   sing N N 142 
PHE C   O    doub N N 143 
PHE C   OXT  sing N N 144 
PHE CB  CG   sing N N 145 
PHE CB  HB2  sing N N 146 
PHE CB  HB3  sing N N 147 
PHE CG  CD1  doub Y N 148 
PHE CG  CD2  sing Y N 149 
PHE CD1 CE1  sing Y N 150 
PHE CD1 HD1  sing N N 151 
PHE CD2 CE2  doub Y N 152 
PHE CD2 HD2  sing N N 153 
PHE CE1 CZ   doub Y N 154 
PHE CE1 HE1  sing N N 155 
PHE CE2 CZ   sing Y N 156 
PHE CE2 HE2  sing N N 157 
PHE CZ  HZ   sing N N 158 
PHE OXT HXT  sing N N 159 
SO4 S   O1   doub N N 160 
SO4 S   O2   doub N N 161 
SO4 S   O3   sing N N 162 
SO4 S   O4   sing N N 163 
VAL N   CA   sing N N 164 
VAL N   H    sing N N 165 
VAL N   H2   sing N N 166 
VAL CA  C    sing N N 167 
VAL CA  CB   sing N N 168 
VAL CA  HA   sing N N 169 
VAL C   O    doub N N 170 
VAL C   OXT  sing N N 171 
VAL CB  CG1  sing N N 172 
VAL CB  CG2  sing N N 173 
VAL CB  HB   sing N N 174 
VAL CG1 HG11 sing N N 175 
VAL CG1 HG12 sing N N 176 
VAL CG1 HG13 sing N N 177 
VAL CG2 HG21 sing N N 178 
VAL CG2 HG22 sing N N 179 
VAL CG2 HG23 sing N N 180 
VAL OXT HXT  sing N N 181 
# 
loop_
_pdbx_entity_nonpoly.entity_id 
_pdbx_entity_nonpoly.name 
_pdbx_entity_nonpoly.comp_id 
2 'SULFATE ION'  SO4 
3 GLYCEROL       GOL 
4 1,4-BUTANEDIOL BU1 
5 water          HOH 
# 
